data_8E57
#
_entry.id   8E57
#
_cell.length_a   1.00
_cell.length_b   1.00
_cell.length_c   1.00
_cell.angle_alpha   90.00
_cell.angle_beta   90.00
_cell.angle_gamma   90.00
#
_symmetry.space_group_name_H-M   'P 1'
#
loop_
_entity.id
_entity.type
_entity.pdbx_description
1 polymer 'Voltage-dependent L-type calcium channel subunit alpha-1S'
2 polymer 'Voltage-dependent calcium channel gamma-1 subunit'
3 polymer 'Voltage-dependent calcium channel subunit alpha-2/delta-1'
4 branched 2-acetamido-2-deoxy-beta-D-glucopyranose-(1-4)-2-acetamido-2-deoxy-beta-D-glucopyranose
5 branched 2-acetamido-2-deoxy-beta-D-glucopyranose-(1-4)-2-acetamido-2-deoxy-beta-D-glucopyranose-(1-4)-2-acetamido-2-deoxy-beta-D-glucopyranose
6 branched beta-D-mannopyranose-(1-4)-2-acetamido-2-deoxy-beta-D-glucopyranose-(1-4)-2-acetamido-2-deoxy-beta-D-glucopyranose
7 non-polymer 'CALCIUM ION'
8 non-polymer (2-butyl-1-benzofuran-3-yl){4-[2-(diethylamino)ethoxy]-3,5-diiodophenyl}methanone
9 non-polymer 'propan-2-yl (2S)-2-{[(S)-{[(2R,3S,4R,5R)-5-(2,4-dioxo-3,4-dihydropyrimidin-1(2H)-yl)-4-ethynyl-3-hydroxy-4-methyloxolan-2-yl]methoxy}(phenoxy)phosphoryl]amino}propanoate (non-preferred name)'
10 non-polymer 2-acetamido-2-deoxy-beta-D-glucopyranose
#
loop_
_entity_poly.entity_id
_entity_poly.type
_entity_poly.pdbx_seq_one_letter_code
_entity_poly.pdbx_strand_id
1 'polypeptide(L)'
;MEPSSPQDEGLRKKQPKKPLPEVLPRPPRALFCLTLQNPLRKACISIVEWKPFETIILLTIFANCVALAVYLPMPEDDNN
SLNLGLEKLEYFFLTVFSIEAAMKIIAYGFLFHQDAYLRSGWNVLDFIIVFLGVFTAILEQVNVIQSNTAPMSSKGAGLD
VKALRAFRVLRPLRLVSGVPSLQVVLNSIFKAMLPLFHIALLVLFMVIIYAIIGLELFKGKMHKTCYYIGTDIVATVENE
KPSPCARTGSGRPCTINGSECRGGWPGPNHGITHFDNFGFSMLTVYQCITMEGWTDVLYWVNDAIGNEWPWIYFVTLILL
GSFFILNLVLGVLSGEFTKEREKAKSRGTFQKLREKQQLEEDLRGYMSWITQGEVMDVEDLREGKLSLEEGGSDTESLYE
IEGLNKIIQFIRHWRQWNRVFRWKCHDLVKSRVFYWLVILIVALNTLSIASEHHNQPLWLTHLQDIANRVLLSLFTIEML
LKMYGLGLRQYFMSIFNRFDCFVVCSGILELLLVESGAMTPLGISVLRCIRLLRLFKITKYWTSLSNLVASLLNSIRSIA
SLLLLLFLFIIIFALLGMQLFGGRYDFEDTEVRRSNFDNFPQALISVFQVLTGEDWNSVMYNGIMAYGGPSYPGVLVCIY
FIILFVCGNYILLNVFLAIAVDNLAEAESLTSAQKAKAEERKRRKMSRGLPDKTEEEKSVMAKKLEQKPKGEGIPTTAKL
KVDEFESNVNEVKDPYPSADFPGDDEEDEPEIPVSPRPRPLAELQLKEKAVPIPEASSFFIFSPTNKVRVLCHRIVNATW
FTNFILLFILLSSAALAAEDPIRAESVRNQILGYFDIAFTSVFTVEIVLKMTTYGAFLHKGSFCRNYFNILDLLVVAVSL
ISMGLESSTISVVKILRVLRVLRPLRAINRAKGLKHVVQCVFVAIRTIGNIVLVTTLLQFMFACIGVQLFKGKFFSCNDL
SKMTEEECRGYYYVYKDGDPTQMELRPRQWIHNDFHFDNVLSAMMSLFTVSTFEGWPQLLYRAIDSNEEDMGPVYNNRVE
MAIFFIIYIILIAFFMMNIFVGFVIVTFQEQGETEYKNCELDKNQRQCVQYALKARPLRCYIPKNPYQYQVWYVVTSSYF
EYLMFALIMLNTICLGMQHYHQSEEMNHISDILNVAFTIIFTLEMILKLLAFKARGYFGDPWNVFDFLIVIGSIIDVILS
EIDTFLASSGGLYCLGGGCGNVDPDESARISSAFFRLFRVMRLIKLLSRAEGVRTLLWTFIKSFQALPYVALLIVMLFFI
YAVIGMQMFGKIALVDGTQINRNNNFQTFPQAVLLLFRCATGEAWQEILLACSYGKLCDPESDYAPGEEYTCGTNFAYYY
FISFYMLCAFLIINLFVAVIMDNFDYLTRDWSILGPHHLDEFKAIWAEYDPEAKGRIKHLDVVTLLRRIQPPLGFGKFCP
HRVACKRLVGMNMPLNSDGTVTFNATLFALVRTALKIKTEGNFEQANEELRAIIKKIWKRTSMKLLDQVIPPIGDDEVTV
GKFYATFLIQEHFRKFMKRQEEYYGYRPKKDTVQIQAGLRTIEEEAAPEIRRTISGDLTAEEELERAMVEAAMEERIFRR
TGGLFGQVDTFLERTNSLPPVMANQRPLQFAEIEMEELESPVFLEDFPQDARTNPLARANTNNANANVAYGNSNHSNNQM
FSSVHCEREFPGEAETPAAGRGALSHSHRALGPHSKPCAGKLNGQLVQPGMPINQAPPAPCQQPSTDPPERGQRRTSLTG
SLQDEAPQRRSSEGSTPRRPAPATALLIQEALVRGGLDTLAADAGFVTATSQALADACQMEPEEVEVAATELLKARESVQ
GMASVPGSLSRRSSLGSLDQVQGSQETLIPPRP
;
A
2 'polypeptide(L)'
;MSPTEAPKVRVTLFCILVGIVLAMTAVVSDHWAVLSPHMENHNTTCEAAHFGLWRICTKRIALGEDRSCGPITLPGEKNC
SYFRHFNPGESSEIFEFTTQKEYSISAAAISVFSLGFLIMGTICALMAFRKKRDYLLRPASMFYVFAGLCLFVSLEVMRQ
SVKRMIDSEDTVWIEYYYSWSFACACAAFVLLFLGGISLLLFSLPRMPQNPWESCMDAEPEH
;
E
3 'polypeptide(L)'
;MAAGRPLAWTLTLWQAWLILIGPSSEEPFPSAVTIKSWVDKMQEDLVTLAKTASGVHQLVDIYEKYQDLYTVEPNNARQL
VEIAARDIEKLLSNRSKALVRLALEAEKVQAAHQWREDFASNEVVYYNAKDDLDPEKNDSEPGSQRIKPVFIDDANFRRQ
VSYQHAAVHIPTDIYEGSTIVLNELNWTSALDDVFKKNREEDPSLLWQVFGSATGLARYYPASPWVDNSRTPNKIDLYDV
RRRPWYIQGAASPKDMLILVDVSGSVSGLTLKLIRTSVSEMLETLSDDDFVNVASFNSNAQDVSCFQHLVQANVRNKKVL
KDAVNNITAKGITDYKKGFSFAFEQLLNYNVSRANCNKIIMLFTDGGEERAQEIFAKYNKDKKVRVFTFSVGQHNYDRGP
IQWMACENKGYYYEIPSIGAIRINTQEYLDVLGRPMVLAGDKAKQVQWTNVYLDALELGLVITGTLPVFNITGQFENKTN
LKNQLILGVMGVDVSLEDIKRLTPRFTLCPNGYYFAIDPNGYVLLHPNLQPKPIGVGIPTINLRKRRPNVQNPKSQEPVT
LDFLDAELENDIKVEIRNKMIDGESGEKTFRTLVKSQDERYIDKGNRTYTWTPVNGTDYSSLALVLPTYSFYYIKAKIEE
TITQARYSETLKPDNFEESGYTFLAPRDYCSDLKPSDNNTEFLLNFNEFIDRKTPNNPSCNTDLINRVLLDAGFTNELVQ
NYWSKQKNIKGVKARFVVTDGGITRVYPKEAGENWQENPETYEDSFYKRSLDNDNYVFTAPYFNKSGPGAYESGIMVSKA
VEIYIQGKLLKPAVVGIKIDVNSWIENFTKTSIRDPCAGPVCDCKRNSDVMDCVILDDGGFLLMANHDDYTNQIGRFFGE
IDPSLMRHLVNISVYAFNKSYDYQSVCEPGAAPKQGAGHRSAYVPSIADILQIGWWATAAAWSILQQFLLSLTFPRLLEA
ADMEDDDFTASMSKQSCITEQTQYFFDNDSKSFSGVLDCGNCSRIFHVEKLMNTNLIFIMVESKGTCPCDTRLLIQAEQT
SDGPDPCDMVKQPRYRKGPDVCFDNNVLEDYTDCGGVSGLNPSLWSIIGIQFVLLWLVSGSRHCLL
;
F
#
loop_
_chem_comp.id
_chem_comp.type
_chem_comp.name
_chem_comp.formula
BBI non-polymer (2-butyl-1-benzofuran-3-yl){4-[2-(diethylamino)ethoxy]-3,5-diiodophenyl}methanone 'C25 H29 I2 N O3'
BMA D-saccharide, beta linking beta-D-mannopyranose 'C6 H12 O6'
CA non-polymer 'CALCIUM ION' 'Ca 2'
NAG D-saccharide, beta linking 2-acetamido-2-deoxy-beta-D-glucopyranose 'C8 H15 N O6'
WFR non-polymer 'propan-2-yl (2S)-2-{[(S)-{[(2R,3S,4R,5R)-5-(2,4-dioxo-3,4-dihydropyrimidin-1(2H)-yl)-4-ethynyl-3-hydroxy-4-methyloxolan-2-yl]methoxy}(phenoxy)phosphoryl]amino}propanoate (non-preferred name)' 'C24 H30 N3 O9 P'
#
# COMPACT_ATOMS: atom_id res chain seq x y z
N GLN A 37 70.21 -7.05 1.51
CA GLN A 37 70.42 -8.39 0.96
C GLN A 37 71.20 -8.32 -0.34
N ASN A 38 70.53 -7.88 -1.40
CA ASN A 38 71.17 -7.74 -2.70
C ASN A 38 72.20 -6.61 -2.67
N PRO A 39 73.26 -6.72 -3.47
CA PRO A 39 74.28 -5.66 -3.49
C PRO A 39 73.77 -4.37 -4.13
N LEU A 40 74.65 -3.37 -4.24
CA LEU A 40 74.27 -2.08 -4.81
C LEU A 40 74.18 -2.18 -6.34
N ARG A 41 73.20 -2.97 -6.78
CA ARG A 41 72.87 -3.08 -8.19
C ARG A 41 71.45 -2.63 -8.50
N LYS A 42 70.56 -2.58 -7.51
CA LYS A 42 69.20 -2.12 -7.70
C LYS A 42 68.79 -0.99 -6.77
N ALA A 43 69.53 -0.76 -5.68
CA ALA A 43 69.17 0.24 -4.68
C ALA A 43 69.67 1.63 -5.06
N CYS A 44 69.37 2.06 -6.27
CA CYS A 44 69.59 3.44 -6.70
C CYS A 44 68.31 4.25 -6.66
N ILE A 45 67.24 3.71 -6.09
CA ILE A 45 65.93 4.33 -6.06
C ILE A 45 65.45 4.56 -4.64
N SER A 46 66.36 4.58 -3.67
CA SER A 46 66.03 4.81 -2.27
C SER A 46 66.34 6.24 -1.83
N ILE A 47 66.61 7.13 -2.78
CA ILE A 47 67.05 8.49 -2.43
C ILE A 47 65.92 9.51 -2.40
N VAL A 48 64.76 9.19 -2.97
CA VAL A 48 63.65 10.14 -2.99
C VAL A 48 62.69 9.94 -1.83
N GLU A 49 62.75 8.79 -1.14
CA GLU A 49 61.87 8.57 0.00
C GLU A 49 62.15 9.55 1.12
N TRP A 50 63.43 9.85 1.35
CA TRP A 50 63.78 10.85 2.36
C TRP A 50 63.35 12.24 1.94
N LYS A 51 63.36 12.51 0.63
CA LYS A 51 62.74 13.72 0.10
C LYS A 51 61.23 13.66 0.39
N PRO A 52 60.57 14.82 0.53
CA PRO A 52 59.12 14.78 0.81
C PRO A 52 58.32 14.20 -0.34
N PHE A 53 58.59 12.93 -0.64
CA PHE A 53 57.83 12.18 -1.63
C PHE A 53 56.49 11.71 -1.09
N GLU A 54 56.39 11.50 0.23
CA GLU A 54 55.14 11.04 0.82
C GLU A 54 54.02 12.05 0.67
N THR A 55 54.36 13.33 0.58
CA THR A 55 53.33 14.36 0.43
C THR A 55 52.59 14.19 -0.89
N ILE A 56 53.31 13.88 -1.96
CA ILE A 56 52.68 13.67 -3.26
C ILE A 56 51.75 12.46 -3.22
N ILE A 57 52.17 11.39 -2.53
CA ILE A 57 51.32 10.21 -2.42
C ILE A 57 50.09 10.52 -1.59
N LEU A 58 50.23 11.32 -0.53
CA LEU A 58 49.06 11.72 0.24
C LEU A 58 48.09 12.54 -0.60
N LEU A 59 48.63 13.48 -1.41
CA LEU A 59 47.78 14.28 -2.27
C LEU A 59 47.06 13.44 -3.32
N THR A 60 47.76 12.45 -3.88
CA THR A 60 47.10 11.60 -4.89
C THR A 60 46.08 10.67 -4.24
N ILE A 61 46.31 10.27 -2.98
CA ILE A 61 45.29 9.50 -2.26
C ILE A 61 44.06 10.36 -2.03
N PHE A 62 44.26 11.63 -1.65
CA PHE A 62 43.13 12.53 -1.49
C PHE A 62 42.39 12.74 -2.81
N ALA A 63 43.14 12.83 -3.92
CA ALA A 63 42.52 12.96 -5.23
C ALA A 63 41.69 11.74 -5.58
N ASN A 64 42.21 10.55 -5.27
CA ASN A 64 41.45 9.32 -5.53
C ASN A 64 40.20 9.27 -4.67
N CYS A 65 40.30 9.71 -3.41
CA CYS A 65 39.12 9.75 -2.56
C CYS A 65 38.07 10.71 -3.11
N VAL A 66 38.50 11.87 -3.59
CA VAL A 66 37.58 12.83 -4.19
C VAL A 66 36.92 12.24 -5.43
N ALA A 67 37.70 11.55 -6.26
CA ALA A 67 37.15 10.92 -7.45
C ALA A 67 36.13 9.86 -7.09
N LEU A 68 36.38 9.11 -6.00
CA LEU A 68 35.39 8.14 -5.52
C LEU A 68 34.14 8.85 -5.04
N ALA A 69 34.29 10.01 -4.39
CA ALA A 69 33.13 10.72 -3.86
C ALA A 69 32.21 11.23 -4.96
N VAL A 70 32.78 11.75 -6.05
CA VAL A 70 31.98 12.37 -7.11
C VAL A 70 31.35 11.37 -8.05
N TYR A 71 31.65 10.09 -7.90
CA TYR A 71 31.01 9.06 -8.72
C TYR A 71 29.53 9.00 -8.40
N LEU A 72 28.70 8.93 -9.45
CA LEU A 72 27.26 8.89 -9.29
C LEU A 72 26.73 7.53 -9.74
N PRO A 73 26.34 6.65 -8.81
CA PRO A 73 25.80 5.35 -9.22
C PRO A 73 24.50 5.49 -9.98
N MET A 74 24.30 4.61 -10.96
CA MET A 74 23.14 4.63 -11.83
C MET A 74 22.50 3.26 -11.88
N PRO A 75 21.18 3.20 -11.96
CA PRO A 75 20.50 1.90 -12.02
C PRO A 75 20.63 1.23 -13.37
N GLU A 76 20.66 -0.10 -13.35
CA GLU A 76 20.55 -0.94 -14.54
C GLU A 76 21.60 -0.58 -15.59
N ASP A 77 22.86 -0.53 -15.16
CA ASP A 77 24.01 -0.33 -16.04
C ASP A 77 23.86 0.93 -16.91
N ASP A 78 23.52 2.03 -16.26
CA ASP A 78 23.50 3.34 -16.91
C ASP A 78 24.73 4.14 -16.49
N ASN A 79 25.07 5.15 -17.29
CA ASN A 79 26.23 5.97 -17.03
C ASN A 79 25.99 7.38 -17.56
N ASN A 80 26.92 8.27 -17.23
CA ASN A 80 26.98 9.61 -17.79
C ASN A 80 28.42 9.92 -18.19
N SER A 81 28.64 11.14 -18.66
CA SER A 81 29.97 11.52 -19.13
C SER A 81 30.99 11.50 -18.00
N LEU A 82 30.61 12.00 -16.82
CA LEU A 82 31.55 12.08 -15.71
C LEU A 82 31.99 10.69 -15.24
N ASN A 83 31.06 9.74 -15.17
CA ASN A 83 31.43 8.39 -14.74
C ASN A 83 32.40 7.75 -15.71
N LEU A 84 32.19 7.94 -17.01
CA LEU A 84 33.15 7.45 -18.00
C LEU A 84 34.50 8.14 -17.85
N GLY A 85 34.48 9.45 -17.57
CA GLY A 85 35.73 10.16 -17.36
C GLY A 85 36.48 9.68 -16.14
N LEU A 86 35.77 9.37 -15.06
CA LEU A 86 36.41 8.89 -13.85
C LEU A 86 36.99 7.49 -14.03
N GLU A 87 36.34 6.66 -14.85
CA GLU A 87 36.84 5.32 -15.10
C GLU A 87 38.21 5.37 -15.78
N LYS A 88 38.39 6.28 -16.74
CA LYS A 88 39.70 6.45 -17.37
C LYS A 88 40.71 7.01 -16.37
N LEU A 89 40.29 7.96 -15.54
CA LEU A 89 41.17 8.52 -14.53
C LEU A 89 41.60 7.48 -13.50
N GLU A 90 40.81 6.42 -13.33
CA GLU A 90 41.15 5.39 -12.36
C GLU A 90 42.47 4.72 -12.70
N TYR A 91 42.81 4.61 -13.99
CA TYR A 91 44.07 4.01 -14.38
C TYR A 91 45.26 4.88 -13.98
N PHE A 92 45.09 6.20 -13.98
CA PHE A 92 46.18 7.09 -13.60
C PHE A 92 46.60 6.86 -12.15
N PHE A 93 45.62 6.70 -11.25
CA PHE A 93 45.94 6.40 -9.86
C PHE A 93 46.58 5.01 -9.74
N LEU A 94 46.08 4.04 -10.49
CA LEU A 94 46.63 2.68 -10.43
C LEU A 94 48.09 2.66 -10.85
N THR A 95 48.43 3.37 -11.93
CA THR A 95 49.83 3.40 -12.38
C THR A 95 50.72 4.03 -11.33
N VAL A 96 50.29 5.14 -10.72
CA VAL A 96 51.10 5.81 -9.71
C VAL A 96 51.31 4.88 -8.51
N PHE A 97 50.24 4.27 -8.04
CA PHE A 97 50.36 3.37 -6.89
C PHE A 97 51.25 2.18 -7.21
N SER A 98 51.11 1.61 -8.41
CA SER A 98 51.92 0.44 -8.78
C SER A 98 53.39 0.80 -8.89
N ILE A 99 53.71 1.94 -9.52
CA ILE A 99 55.11 2.31 -9.64
C ILE A 99 55.69 2.66 -8.28
N GLU A 100 54.90 3.28 -7.39
CA GLU A 100 55.39 3.54 -6.05
C GLU A 100 55.65 2.26 -5.28
N ALA A 101 54.75 1.28 -5.40
CA ALA A 101 54.96 0.00 -4.72
C ALA A 101 56.19 -0.71 -5.26
N ALA A 102 56.36 -0.72 -6.59
CA ALA A 102 57.53 -1.37 -7.17
C ALA A 102 58.82 -0.64 -6.82
N MET A 103 58.75 0.68 -6.68
CA MET A 103 59.90 1.47 -6.31
C MET A 103 60.31 1.24 -4.86
N LYS A 104 59.34 1.11 -3.95
CA LYS A 104 59.66 0.87 -2.55
C LYS A 104 60.06 -0.59 -2.29
N ILE A 105 59.51 -1.54 -3.05
CA ILE A 105 59.85 -2.94 -2.80
C ILE A 105 61.28 -3.24 -3.23
N ILE A 106 61.76 -2.61 -4.31
CA ILE A 106 63.12 -2.88 -4.78
C ILE A 106 64.15 -2.30 -3.82
N ALA A 107 63.91 -1.08 -3.34
CA ALA A 107 64.87 -0.42 -2.46
C ALA A 107 65.01 -1.11 -1.11
N TYR A 108 63.98 -1.83 -0.68
CA TYR A 108 64.02 -2.52 0.62
C TYR A 108 64.09 -4.03 0.44
N SER A 120 54.98 -5.03 6.12
CA SER A 120 55.23 -4.57 7.47
C SER A 120 53.95 -4.11 8.15
N GLY A 121 52.88 -4.90 7.98
CA GLY A 121 51.62 -4.60 8.62
C GLY A 121 50.84 -3.50 7.94
N TRP A 122 51.44 -2.31 7.83
CA TRP A 122 50.77 -1.20 7.17
C TRP A 122 51.23 -1.01 5.73
N ASN A 123 52.35 -1.62 5.35
CA ASN A 123 52.77 -1.62 3.96
C ASN A 123 52.13 -2.76 3.18
N VAL A 124 51.76 -3.85 3.86
CA VAL A 124 51.06 -4.94 3.19
C VAL A 124 49.65 -4.50 2.80
N LEU A 125 49.06 -3.57 3.55
CA LEU A 125 47.74 -3.05 3.19
C LEU A 125 47.81 -2.30 1.86
N ASP A 126 48.83 -1.47 1.68
CA ASP A 126 49.00 -0.79 0.41
C ASP A 126 49.19 -1.80 -0.72
N PHE A 127 49.97 -2.85 -0.45
CA PHE A 127 50.20 -3.88 -1.47
C PHE A 127 48.92 -4.58 -1.86
N ILE A 128 48.08 -4.95 -0.88
CA ILE A 128 46.86 -5.67 -1.22
C ILE A 128 45.88 -4.75 -1.94
N ILE A 129 45.82 -3.47 -1.56
CA ILE A 129 44.97 -2.53 -2.28
C ILE A 129 45.43 -2.39 -3.74
N VAL A 130 46.74 -2.22 -3.95
CA VAL A 130 47.22 -2.04 -5.32
C VAL A 130 47.04 -3.32 -6.13
N PHE A 131 47.20 -4.49 -5.49
CA PHE A 131 47.01 -5.75 -6.18
C PHE A 131 45.55 -5.92 -6.59
N LEU A 132 44.62 -5.60 -5.69
CA LEU A 132 43.21 -5.68 -6.04
C LEU A 132 42.87 -4.70 -7.16
N GLY A 133 43.43 -3.49 -7.11
CA GLY A 133 43.17 -2.52 -8.16
C GLY A 133 43.65 -3.01 -9.52
N VAL A 134 44.89 -3.49 -9.58
CA VAL A 134 45.42 -3.96 -10.86
C VAL A 134 44.68 -5.22 -11.32
N PHE A 135 44.26 -6.07 -10.39
CA PHE A 135 43.54 -7.28 -10.74
C PHE A 135 42.18 -6.94 -11.33
N THR A 136 41.48 -5.98 -10.73
CA THR A 136 40.20 -5.53 -11.27
C THR A 136 40.38 -4.88 -12.63
N ALA A 137 41.45 -4.08 -12.80
CA ALA A 137 41.70 -3.44 -14.08
C ALA A 137 41.97 -4.48 -15.16
N ILE A 138 42.71 -5.55 -14.82
CA ILE A 138 42.99 -6.60 -15.79
C ILE A 138 41.70 -7.34 -16.14
N LEU A 139 40.88 -7.66 -15.12
CA LEU A 139 39.66 -8.41 -15.37
C LEU A 139 38.65 -7.61 -16.19
N GLU A 140 38.61 -6.29 -16.00
CA GLU A 140 37.60 -5.47 -16.65
C GLU A 140 37.75 -5.48 -18.18
N GLN A 141 38.99 -5.42 -18.66
CA GLN A 141 39.25 -5.31 -20.10
C GLN A 141 39.34 -6.65 -20.81
N VAL A 142 39.24 -7.77 -20.09
CA VAL A 142 39.29 -9.08 -20.73
C VAL A 142 37.91 -9.72 -20.85
N ASN A 143 36.95 -9.33 -20.02
CA ASN A 143 35.57 -9.79 -20.15
C ASN A 143 34.74 -8.76 -20.91
N VAL A 144 35.12 -8.53 -22.16
CA VAL A 144 34.45 -7.54 -23.00
C VAL A 144 33.13 -8.10 -23.53
N VAL A 161 32.84 -8.61 -13.08
CA VAL A 161 31.61 -8.24 -12.38
C VAL A 161 31.82 -6.94 -11.61
N LYS A 162 30.74 -6.16 -11.47
CA LYS A 162 30.80 -4.88 -10.78
C LYS A 162 30.84 -5.03 -9.26
N ALA A 163 30.52 -6.22 -8.73
CA ALA A 163 30.61 -6.42 -7.29
C ALA A 163 32.05 -6.37 -6.80
N LEU A 164 33.00 -6.81 -7.63
CA LEU A 164 34.40 -6.76 -7.26
C LEU A 164 34.93 -5.33 -7.16
N ARG A 165 34.24 -4.38 -7.78
CA ARG A 165 34.63 -2.97 -7.70
C ARG A 165 34.48 -2.39 -6.30
N ALA A 166 33.78 -3.07 -5.40
CA ALA A 166 33.57 -2.57 -4.05
C ALA A 166 34.86 -2.52 -3.23
N PHE A 167 35.93 -3.16 -3.69
CA PHE A 167 37.20 -3.11 -2.97
C PHE A 167 37.86 -1.75 -3.04
N ARG A 168 37.41 -0.87 -3.92
CA ARG A 168 38.02 0.45 -4.08
C ARG A 168 37.74 1.38 -2.91
N VAL A 169 36.85 1.00 -1.98
CA VAL A 169 36.59 1.82 -0.80
C VAL A 169 37.65 1.68 0.26
N LEU A 170 38.66 0.84 0.04
CA LEU A 170 39.77 0.69 0.98
C LEU A 170 40.90 1.69 0.75
N ARG A 171 40.84 2.45 -0.35
CA ARG A 171 41.87 3.46 -0.59
C ARG A 171 41.98 4.51 0.52
N PRO A 172 40.90 5.02 1.12
CA PRO A 172 41.07 6.01 2.20
C PRO A 172 41.88 5.50 3.39
N LEU A 173 42.00 4.19 3.58
CA LEU A 173 42.84 3.67 4.65
C LEU A 173 44.30 4.06 4.48
N ARG A 174 44.74 4.31 3.25
CA ARG A 174 46.10 4.79 3.03
C ARG A 174 46.34 6.16 3.63
N LEU A 175 45.28 6.96 3.82
CA LEU A 175 45.43 8.23 4.53
C LEU A 175 45.90 8.01 5.96
N VAL A 176 45.29 7.05 6.65
CA VAL A 176 45.77 6.67 7.98
C VAL A 176 47.16 6.06 7.88
N SER A 177 47.38 5.22 6.87
CA SER A 177 48.69 4.61 6.69
C SER A 177 49.80 5.63 6.49
N GLY A 178 49.47 6.83 6.02
CA GLY A 178 50.49 7.84 5.77
C GLY A 178 50.70 8.84 6.88
N VAL A 179 49.84 8.86 7.88
CA VAL A 179 49.91 9.82 8.99
C VAL A 179 50.19 9.05 10.27
N PRO A 180 51.33 9.27 10.93
CA PRO A 180 51.61 8.58 12.19
C PRO A 180 50.64 8.91 13.31
N SER A 181 50.07 10.12 13.32
CA SER A 181 49.16 10.49 14.40
C SER A 181 47.92 9.61 14.39
N LEU A 182 47.26 9.51 13.24
CA LEU A 182 46.12 8.61 13.12
C LEU A 182 46.54 7.16 13.31
N GLN A 183 47.79 6.84 12.97
CA GLN A 183 48.32 5.50 13.18
C GLN A 183 48.27 5.13 14.66
N VAL A 184 48.84 5.98 15.50
CA VAL A 184 48.88 5.69 16.94
C VAL A 184 47.48 5.82 17.55
N VAL A 185 46.64 6.71 17.00
CA VAL A 185 45.28 6.82 17.51
C VAL A 185 44.51 5.52 17.26
N LEU A 186 44.62 4.96 16.06
CA LEU A 186 43.97 3.69 15.76
C LEU A 186 44.55 2.59 16.63
N ASN A 187 45.86 2.60 16.85
CA ASN A 187 46.47 1.59 17.72
C ASN A 187 45.89 1.67 19.12
N SER A 188 45.74 2.88 19.66
CA SER A 188 45.19 3.04 21.01
C SER A 188 43.74 2.58 21.05
N ILE A 189 42.95 2.93 20.04
CA ILE A 189 41.55 2.53 20.00
C ILE A 189 41.43 1.01 19.98
N PHE A 190 42.26 0.33 19.18
CA PHE A 190 42.24 -1.12 19.18
C PHE A 190 42.67 -1.67 20.54
N LYS A 191 43.71 -1.08 21.15
CA LYS A 191 44.18 -1.54 22.45
C LYS A 191 43.14 -1.35 23.55
N ALA A 192 42.20 -0.44 23.37
CA ALA A 192 41.13 -0.24 24.34
C ALA A 192 39.93 -1.16 24.10
N MET A 193 40.13 -2.27 23.38
CA MET A 193 39.05 -3.20 23.05
C MET A 193 39.21 -4.56 23.71
N LEU A 194 40.43 -4.97 24.04
CA LEU A 194 40.66 -6.29 24.62
C LEU A 194 39.87 -6.55 25.90
N PRO A 195 39.78 -5.62 26.87
CA PRO A 195 39.00 -5.92 28.08
C PRO A 195 37.52 -6.17 27.82
N LEU A 196 36.98 -5.72 26.69
CA LEU A 196 35.57 -5.91 26.37
C LEU A 196 35.27 -7.30 25.83
N PHE A 197 36.23 -8.22 25.87
CA PHE A 197 36.01 -9.55 25.32
C PHE A 197 34.92 -10.30 26.09
N HIS A 198 34.98 -10.26 27.42
CA HIS A 198 33.98 -10.96 28.23
C HIS A 198 32.59 -10.37 28.01
N ILE A 199 32.49 -9.06 27.87
CA ILE A 199 31.19 -8.43 27.62
C ILE A 199 30.63 -8.87 26.29
N ALA A 200 31.47 -8.93 25.26
CA ALA A 200 31.00 -9.39 23.94
C ALA A 200 30.57 -10.85 23.99
N LEU A 201 31.31 -11.68 24.73
CA LEU A 201 30.90 -13.06 24.90
C LEU A 201 29.54 -13.16 25.59
N LEU A 202 29.33 -12.36 26.62
CA LEU A 202 28.05 -12.35 27.32
C LEU A 202 26.93 -11.88 26.41
N VAL A 203 27.20 -10.87 25.57
CA VAL A 203 26.19 -10.37 24.64
C VAL A 203 25.80 -11.46 23.65
N LEU A 204 26.80 -12.15 23.09
CA LEU A 204 26.49 -13.23 22.15
C LEU A 204 25.72 -14.35 22.84
N PHE A 205 26.09 -14.66 24.07
CA PHE A 205 25.43 -15.72 24.82
C PHE A 205 23.96 -15.39 25.06
N MET A 206 23.69 -14.15 25.50
CA MET A 206 22.30 -13.71 25.71
C MET A 206 21.53 -13.67 24.40
N VAL A 207 22.15 -13.21 23.32
CA VAL A 207 21.48 -13.15 22.04
C VAL A 207 21.09 -14.54 21.57
N ILE A 208 21.99 -15.51 21.73
CA ILE A 208 21.69 -16.87 21.31
C ILE A 208 20.55 -17.45 22.15
N ILE A 209 20.58 -17.25 23.46
CA ILE A 209 19.51 -17.77 24.32
C ILE A 209 18.18 -17.17 23.93
N TYR A 210 18.13 -15.85 23.75
CA TYR A 210 16.86 -15.21 23.44
C TYR A 210 16.38 -15.57 22.05
N ALA A 211 17.29 -15.76 21.10
CA ALA A 211 16.89 -16.22 19.78
C ALA A 211 16.27 -17.59 19.83
N ILE A 212 16.84 -18.51 20.62
CA ILE A 212 16.27 -19.85 20.71
C ILE A 212 14.92 -19.81 21.43
N ILE A 213 14.80 -18.99 22.47
CA ILE A 213 13.54 -18.88 23.20
C ILE A 213 12.45 -18.33 22.27
N GLY A 214 12.77 -17.28 21.52
CA GLY A 214 11.82 -16.76 20.55
C GLY A 214 11.48 -17.74 19.46
N LEU A 215 12.46 -18.56 19.05
CA LEU A 215 12.20 -19.59 18.06
C LEU A 215 11.19 -20.61 18.57
N GLU A 216 11.33 -21.03 19.83
CA GLU A 216 10.38 -22.00 20.35
C GLU A 216 9.05 -21.37 20.75
N LEU A 217 9.00 -20.05 20.95
CA LEU A 217 7.76 -19.44 21.40
C LEU A 217 6.91 -18.86 20.28
N PHE A 218 7.52 -18.17 19.32
CA PHE A 218 6.77 -17.44 18.29
C PHE A 218 7.12 -17.92 16.89
N LYS A 219 7.23 -19.24 16.72
CA LYS A 219 7.57 -19.81 15.41
C LYS A 219 6.30 -19.96 14.58
N GLY A 220 6.30 -19.35 13.40
CA GLY A 220 5.18 -19.48 12.48
C GLY A 220 3.87 -18.92 13.02
N LYS A 221 3.94 -17.91 13.88
CA LYS A 221 2.74 -17.31 14.45
C LYS A 221 2.31 -16.04 13.75
N MET A 222 3.24 -15.25 13.23
CA MET A 222 2.92 -14.01 12.55
C MET A 222 2.83 -14.23 11.03
N HIS A 223 1.85 -15.04 10.64
CA HIS A 223 1.64 -15.39 9.24
C HIS A 223 0.20 -15.17 8.79
N LYS A 224 -0.66 -14.63 9.65
CA LYS A 224 -2.05 -14.36 9.30
C LYS A 224 -2.32 -12.87 9.43
N THR A 225 -2.86 -12.29 8.37
CA THR A 225 -3.33 -10.91 8.39
C THR A 225 -4.67 -10.86 7.69
N CYS A 226 -5.42 -9.79 7.95
CA CYS A 226 -6.78 -9.65 7.43
C CYS A 226 -6.72 -9.05 6.03
N TYR A 227 -6.98 -9.89 5.03
CA TYR A 227 -7.13 -9.44 3.65
C TYR A 227 -8.56 -8.99 3.41
N TYR A 228 -8.84 -8.50 2.21
CA TYR A 228 -10.20 -8.18 1.83
C TYR A 228 -10.94 -9.45 1.44
N ILE A 229 -12.26 -9.32 1.25
CA ILE A 229 -13.11 -10.46 0.93
C ILE A 229 -12.76 -10.95 -0.47
N GLY A 230 -12.16 -12.13 -0.55
CA GLY A 230 -11.90 -12.78 -1.83
C GLY A 230 -10.73 -12.23 -2.61
N THR A 231 -9.99 -11.27 -2.08
CA THR A 231 -8.87 -10.66 -2.77
C THR A 231 -7.58 -10.93 -2.00
N ASP A 232 -6.45 -10.61 -2.65
CA ASP A 232 -5.13 -10.75 -2.06
C ASP A 232 -4.58 -9.41 -1.59
N ILE A 233 -5.45 -8.50 -1.17
CA ILE A 233 -5.06 -7.16 -0.74
C ILE A 233 -5.17 -7.08 0.77
N VAL A 234 -4.08 -6.68 1.43
CA VAL A 234 -4.10 -6.53 2.88
C VAL A 234 -4.94 -5.31 3.26
N ALA A 235 -5.77 -5.47 4.29
CA ALA A 235 -6.67 -4.43 4.73
C ALA A 235 -6.03 -3.67 5.89
N THR A 236 -5.83 -2.37 5.71
CA THR A 236 -5.25 -1.51 6.74
C THR A 236 -6.02 -0.18 6.72
N VAL A 237 -5.55 0.78 7.52
CA VAL A 237 -6.13 2.11 7.56
C VAL A 237 -5.04 3.12 7.21
N GLU A 238 -5.38 4.41 7.29
CA GLU A 238 -4.54 5.46 6.72
C GLU A 238 -3.10 5.41 7.22
N ASN A 239 -2.91 5.34 8.52
CA ASN A 239 -1.59 5.43 9.13
C ASN A 239 -1.26 4.19 9.95
N GLU A 240 -1.54 3.01 9.42
CA GLU A 240 -1.27 1.76 10.11
C GLU A 240 -0.48 0.83 9.20
N LYS A 241 0.60 0.27 9.72
CA LYS A 241 1.34 -0.76 9.01
C LYS A 241 0.68 -2.11 9.21
N PRO A 242 0.83 -3.04 8.26
CA PRO A 242 0.21 -4.37 8.42
C PRO A 242 0.73 -5.08 9.66
N SER A 243 -0.18 -5.73 10.35
CA SER A 243 0.10 -6.43 11.59
C SER A 243 -0.52 -7.82 11.56
N PRO A 244 0.03 -8.77 12.31
CA PRO A 244 -0.56 -10.12 12.35
C PRO A 244 -1.99 -10.09 12.85
N CYS A 245 -2.67 -11.21 12.64
CA CYS A 245 -4.08 -11.35 12.99
C CYS A 245 -4.34 -12.77 13.47
N ALA A 246 -5.41 -12.92 14.24
CA ALA A 246 -5.81 -14.22 14.75
C ALA A 246 -7.33 -14.33 14.70
N ARG A 247 -7.81 -15.47 14.23
CA ARG A 247 -9.24 -15.76 14.13
C ARG A 247 -9.59 -16.84 15.14
N THR A 248 -10.62 -16.58 15.94
CA THR A 248 -11.08 -17.49 16.99
C THR A 248 -9.93 -17.86 17.92
N GLY A 249 -9.42 -16.84 18.60
CA GLY A 249 -8.32 -17.04 19.52
C GLY A 249 -8.14 -15.86 20.43
N SER A 250 -6.98 -15.82 21.09
CA SER A 250 -6.65 -14.74 22.00
C SER A 250 -5.91 -13.59 21.32
N GLY A 251 -5.73 -13.67 20.00
CA GLY A 251 -5.02 -12.62 19.28
C GLY A 251 -5.88 -11.41 18.98
N ARG A 252 -5.70 -10.82 17.80
CA ARG A 252 -6.41 -9.62 17.41
C ARG A 252 -7.33 -9.90 16.23
N PRO A 253 -8.62 -9.65 16.33
CA PRO A 253 -9.50 -9.76 15.17
C PRO A 253 -9.59 -8.44 14.42
N CYS A 254 -9.60 -8.55 13.09
CA CYS A 254 -9.61 -7.37 12.24
C CYS A 254 -10.99 -6.72 12.26
N THR A 255 -11.01 -5.39 12.37
CA THR A 255 -12.25 -4.64 12.50
C THR A 255 -12.67 -3.94 11.21
N ILE A 256 -11.93 -4.13 10.11
CA ILE A 256 -12.33 -3.56 8.84
C ILE A 256 -13.59 -4.25 8.34
N ASN A 257 -14.44 -3.49 7.64
CA ASN A 257 -15.77 -3.98 7.28
C ASN A 257 -15.68 -5.21 6.37
N GLY A 258 -15.14 -5.03 5.17
CA GLY A 258 -15.07 -6.13 4.23
C GLY A 258 -13.75 -6.89 4.28
N SER A 259 -13.39 -7.39 5.45
CA SER A 259 -12.11 -8.05 5.65
C SER A 259 -12.29 -9.37 6.38
N GLU A 260 -11.34 -10.28 6.16
CA GLU A 260 -11.35 -11.58 6.83
C GLU A 260 -9.91 -12.01 7.05
N CYS A 261 -9.71 -12.82 8.09
CA CYS A 261 -8.38 -13.25 8.51
C CYS A 261 -8.05 -14.60 7.88
N ARG A 262 -6.92 -14.65 7.18
CA ARG A 262 -6.46 -15.90 6.59
C ARG A 262 -4.94 -15.87 6.48
N GLY A 263 -4.36 -17.05 6.31
CA GLY A 263 -2.92 -17.21 6.28
C GLY A 263 -2.33 -16.89 4.91
N GLY A 264 -1.13 -17.40 4.68
CA GLY A 264 -0.42 -17.12 3.45
C GLY A 264 0.19 -15.73 3.41
N TRP A 265 0.58 -15.18 4.55
CA TRP A 265 1.14 -13.84 4.64
C TRP A 265 2.62 -13.93 4.99
N PRO A 266 3.50 -13.37 4.18
CA PRO A 266 4.95 -13.55 4.42
C PRO A 266 5.42 -13.04 5.77
N GLY A 267 4.87 -11.94 6.27
CA GLY A 267 5.29 -11.41 7.54
C GLY A 267 5.08 -9.91 7.67
N PRO A 268 5.33 -9.38 8.86
CA PRO A 268 5.07 -7.95 9.13
C PRO A 268 5.90 -6.99 8.29
N ASN A 269 7.22 -7.09 8.35
CA ASN A 269 8.11 -6.17 7.65
C ASN A 269 8.56 -6.78 6.31
N HIS A 270 7.58 -7.02 5.44
CA HIS A 270 7.80 -7.65 4.14
C HIS A 270 8.42 -9.03 4.30
N GLY A 271 8.17 -9.70 5.42
CA GLY A 271 8.72 -11.01 5.67
C GLY A 271 10.08 -11.03 6.33
N ILE A 272 10.52 -9.92 6.90
CA ILE A 272 11.84 -9.84 7.51
C ILE A 272 11.78 -10.06 9.02
N THR A 273 10.74 -9.55 9.68
CA THR A 273 10.63 -9.60 11.14
C THR A 273 9.74 -10.78 11.52
N HIS A 274 10.36 -11.91 11.86
CA HIS A 274 9.63 -13.08 12.35
C HIS A 274 10.63 -14.03 13.00
N PHE A 275 10.12 -14.87 13.89
CA PHE A 275 10.92 -15.91 14.53
C PHE A 275 10.71 -17.25 13.83
N ASP A 276 10.96 -17.27 12.52
CA ASP A 276 10.69 -18.47 11.74
C ASP A 276 11.84 -19.46 11.76
N ASN A 277 13.08 -18.99 11.68
CA ASN A 277 14.25 -19.84 11.81
C ASN A 277 15.29 -19.12 12.65
N PHE A 278 16.45 -19.75 12.83
CA PHE A 278 17.46 -19.21 13.72
C PHE A 278 18.01 -17.87 13.23
N GLY A 279 18.25 -17.75 11.92
CA GLY A 279 18.83 -16.52 11.41
C GLY A 279 17.93 -15.31 11.59
N PHE A 280 16.65 -15.47 11.24
CA PHE A 280 15.72 -14.35 11.38
C PHE A 280 15.41 -14.05 12.84
N SER A 281 15.34 -15.09 13.68
CA SER A 281 15.17 -14.86 15.11
C SER A 281 16.35 -14.09 15.68
N MET A 282 17.57 -14.44 15.28
CA MET A 282 18.74 -13.71 15.72
C MET A 282 18.69 -12.26 15.24
N LEU A 283 18.26 -12.06 13.99
CA LEU A 283 18.19 -10.70 13.45
C LEU A 283 17.20 -9.84 14.23
N THR A 284 16.01 -10.38 14.50
CA THR A 284 15.02 -9.58 15.23
C THR A 284 15.41 -9.38 16.68
N VAL A 285 16.08 -10.36 17.30
CA VAL A 285 16.56 -10.19 18.66
C VAL A 285 17.61 -9.08 18.72
N TYR A 286 18.54 -9.08 17.77
CA TYR A 286 19.55 -8.03 17.72
C TYR A 286 18.91 -6.66 17.49
N GLN A 287 17.91 -6.60 16.61
CA GLN A 287 17.21 -5.35 16.37
C GLN A 287 16.52 -4.86 17.64
N CYS A 288 15.91 -5.78 18.40
CA CYS A 288 15.27 -5.40 19.65
C CYS A 288 16.27 -4.92 20.68
N ILE A 289 17.45 -5.52 20.72
CA ILE A 289 18.45 -5.17 21.73
C ILE A 289 18.93 -3.73 21.53
N THR A 290 19.03 -3.27 20.28
CA THR A 290 19.37 -1.87 20.04
C THR A 290 18.25 -0.92 20.42
N MET A 291 17.07 -1.45 20.77
CA MET A 291 15.92 -0.66 21.20
C MET A 291 15.39 0.25 20.11
N GLU A 292 15.56 -0.17 18.85
CA GLU A 292 15.05 0.56 17.70
C GLU A 292 14.00 -0.32 17.04
N GLY A 293 12.74 -0.15 17.45
CA GLY A 293 11.65 -0.92 16.90
C GLY A 293 11.26 -2.15 17.69
N TRP A 294 11.73 -2.31 18.92
CA TRP A 294 11.35 -3.48 19.72
C TRP A 294 9.87 -3.45 20.07
N THR A 295 9.30 -2.26 20.25
CA THR A 295 7.88 -2.16 20.54
C THR A 295 7.02 -2.65 19.38
N ASP A 296 7.50 -2.45 18.14
CA ASP A 296 6.77 -2.98 16.99
C ASP A 296 6.71 -4.49 17.02
N VAL A 297 7.84 -5.14 17.34
CA VAL A 297 7.86 -6.60 17.43
C VAL A 297 6.95 -7.07 18.57
N LEU A 298 7.00 -6.38 19.72
CA LEU A 298 6.14 -6.76 20.83
C LEU A 298 4.66 -6.63 20.45
N TYR A 299 4.30 -5.55 19.78
CA TYR A 299 2.90 -5.33 19.40
C TYR A 299 2.46 -6.36 18.37
N TRP A 300 3.33 -6.70 17.42
CA TRP A 300 2.98 -7.72 16.44
C TRP A 300 2.78 -9.08 17.09
N VAL A 301 3.63 -9.44 18.05
CA VAL A 301 3.45 -10.69 18.76
C VAL A 301 2.18 -10.67 19.59
N ASN A 302 1.85 -9.52 20.18
CA ASN A 302 0.60 -9.38 20.92
C ASN A 302 -0.60 -9.60 20.01
N ASP A 303 -0.57 -9.01 18.81
CA ASP A 303 -1.65 -9.23 17.85
C ASP A 303 -1.72 -10.68 17.41
N ALA A 304 -0.57 -11.35 17.30
CA ALA A 304 -0.56 -12.74 16.85
C ALA A 304 -1.15 -13.68 17.90
N ILE A 305 -0.71 -13.56 19.14
CA ILE A 305 -1.05 -14.56 20.15
C ILE A 305 -1.72 -13.97 21.39
N GLY A 306 -1.65 -12.67 21.63
CA GLY A 306 -2.23 -12.11 22.84
C GLY A 306 -1.24 -11.30 23.64
N ASN A 307 -1.72 -10.37 24.47
CA ASN A 307 -0.85 -9.42 25.17
C ASN A 307 -0.72 -9.73 26.65
N GLU A 308 -0.69 -11.02 27.02
CA GLU A 308 -0.53 -11.41 28.42
C GLU A 308 0.88 -11.86 28.75
N TRP A 309 1.42 -12.81 28.00
CA TRP A 309 2.78 -13.33 28.21
C TRP A 309 3.91 -12.54 27.56
N PRO A 310 3.82 -12.18 26.26
CA PRO A 310 5.03 -11.74 25.54
C PRO A 310 5.73 -10.53 26.13
N TRP A 311 5.01 -9.67 26.85
CA TRP A 311 5.66 -8.51 27.45
C TRP A 311 6.76 -8.93 28.41
N ILE A 312 6.61 -10.08 29.07
CA ILE A 312 7.68 -10.59 29.93
C ILE A 312 8.95 -10.79 29.12
N TYR A 313 8.84 -11.51 28.00
CA TYR A 313 9.98 -11.77 27.14
C TYR A 313 10.63 -10.46 26.68
N PHE A 314 9.82 -9.55 26.13
CA PHE A 314 10.40 -8.36 25.51
C PHE A 314 10.96 -7.40 26.54
N VAL A 315 10.25 -7.19 27.66
CA VAL A 315 10.72 -6.28 28.70
C VAL A 315 11.98 -6.83 29.35
N THR A 316 12.04 -8.14 29.61
CA THR A 316 13.24 -8.73 30.17
C THR A 316 14.41 -8.62 29.21
N LEU A 317 14.16 -8.81 27.90
CA LEU A 317 15.22 -8.65 26.92
C LEU A 317 15.73 -7.22 26.89
N ILE A 318 14.84 -6.23 26.96
CA ILE A 318 15.27 -4.84 26.98
C ILE A 318 16.06 -4.52 28.24
N LEU A 319 15.61 -5.03 29.38
CA LEU A 319 16.29 -4.75 30.64
C LEU A 319 17.69 -5.38 30.68
N LEU A 320 17.83 -6.60 30.16
CA LEU A 320 19.09 -7.33 30.27
C LEU A 320 20.05 -6.99 29.13
N GLY A 321 19.61 -7.20 27.88
CA GLY A 321 20.52 -7.05 26.75
C GLY A 321 20.80 -5.63 26.35
N SER A 322 20.06 -4.66 26.89
CA SER A 322 20.24 -3.26 26.54
C SER A 322 20.76 -2.41 27.68
N PHE A 323 20.11 -2.43 28.84
CA PHE A 323 20.53 -1.56 29.94
C PHE A 323 21.69 -2.18 30.72
N PHE A 324 21.58 -3.45 31.07
CA PHE A 324 22.64 -4.12 31.82
C PHE A 324 23.93 -4.18 31.01
N ILE A 325 23.83 -4.52 29.72
CA ILE A 325 25.00 -4.61 28.87
C ILE A 325 25.64 -3.24 28.68
N LEU A 326 24.82 -2.21 28.49
CA LEU A 326 25.35 -0.85 28.36
C LEU A 326 26.06 -0.41 29.63
N ASN A 327 25.48 -0.74 30.79
CA ASN A 327 26.13 -0.43 32.05
C ASN A 327 27.48 -1.14 32.17
N LEU A 328 27.53 -2.41 31.79
CA LEU A 328 28.80 -3.15 31.81
C LEU A 328 29.84 -2.50 30.91
N VAL A 329 29.43 -2.14 29.69
CA VAL A 329 30.37 -1.55 28.73
C VAL A 329 30.88 -0.22 29.24
N LEU A 330 29.98 0.62 29.74
CA LEU A 330 30.39 1.92 30.27
C LEU A 330 31.34 1.76 31.45
N GLY A 331 31.04 0.83 32.35
CA GLY A 331 31.90 0.63 33.50
C GLY A 331 33.29 0.16 33.11
N VAL A 332 33.36 -0.81 32.20
CA VAL A 332 34.66 -1.33 31.78
C VAL A 332 35.46 -0.26 31.04
N LEU A 333 34.81 0.50 30.15
CA LEU A 333 35.51 1.55 29.43
C LEU A 333 36.01 2.64 30.38
N SER A 334 35.18 3.05 31.34
CA SER A 334 35.61 4.05 32.30
C SER A 334 36.77 3.56 33.15
N GLY A 335 36.71 2.29 33.56
CA GLY A 335 37.82 1.72 34.32
C GLY A 335 39.11 1.70 33.53
N GLU A 336 39.04 1.29 32.26
CA GLU A 336 40.25 1.25 31.44
C GLU A 336 40.79 2.66 31.21
N PHE A 337 39.89 3.63 31.00
CA PHE A 337 40.31 5.01 30.80
C PHE A 337 40.99 5.57 32.04
N THR A 338 40.41 5.35 33.22
CA THR A 338 41.01 5.81 34.46
C THR A 338 42.36 5.14 34.70
N LYS A 339 42.44 3.83 34.42
CA LYS A 339 43.69 3.11 34.59
C LYS A 339 44.77 3.65 33.68
N GLU A 340 44.43 3.94 32.41
CA GLU A 340 45.40 4.51 31.49
C GLU A 340 45.85 5.89 31.94
N ARG A 341 44.91 6.72 32.40
CA ARG A 341 45.28 8.06 32.87
C ARG A 341 46.21 7.97 34.08
N GLU A 342 45.92 7.07 35.02
CA GLU A 342 46.76 6.96 36.20
C GLU A 342 48.13 6.38 35.86
N LYS A 343 48.18 5.45 34.90
CA LYS A 343 49.46 4.90 34.47
C LYS A 343 50.31 5.97 33.78
N ALA A 344 49.70 6.79 32.95
CA ALA A 344 50.44 7.84 32.25
C ALA A 344 50.72 9.06 33.12
N LYS A 345 50.06 9.17 34.27
CA LYS A 345 50.29 10.32 35.14
C LYS A 345 51.73 10.36 35.67
N SER A 346 52.25 9.20 36.06
CA SER A 346 53.61 9.14 36.60
C SER A 346 54.67 9.39 35.54
N ARG A 347 54.31 9.33 34.26
CA ARG A 347 55.26 9.57 33.18
C ARG A 347 55.32 11.06 32.83
N VAL A 433 28.05 50.32 38.11
CA VAL A 433 29.15 50.42 37.17
C VAL A 433 28.69 49.97 35.78
N PHE A 434 29.59 50.08 34.80
CA PHE A 434 29.26 49.71 33.43
C PHE A 434 29.03 48.22 33.25
N TYR A 435 29.40 47.40 34.24
CA TYR A 435 29.15 45.96 34.15
C TYR A 435 27.66 45.67 34.04
N TRP A 436 26.87 46.22 34.97
CA TRP A 436 25.43 46.01 34.92
C TRP A 436 24.81 46.73 33.73
N LEU A 437 25.35 47.87 33.33
CA LEU A 437 24.83 48.57 32.16
C LEU A 437 24.97 47.73 30.91
N VAL A 438 26.16 47.16 30.68
CA VAL A 438 26.36 46.37 29.48
C VAL A 438 25.61 45.05 29.56
N ILE A 439 25.45 44.47 30.76
CA ILE A 439 24.63 43.27 30.86
C ILE A 439 23.17 43.60 30.53
N LEU A 440 22.71 44.80 30.90
CA LEU A 440 21.35 45.20 30.55
C LEU A 440 21.20 45.40 29.04
N ILE A 441 22.21 46.00 28.39
CA ILE A 441 22.16 46.14 26.94
C ILE A 441 22.13 44.77 26.26
N VAL A 442 22.93 43.83 26.76
CA VAL A 442 22.94 42.48 26.19
C VAL A 442 21.60 41.80 26.38
N ALA A 443 20.97 41.99 27.55
CA ALA A 443 19.65 41.42 27.79
C ALA A 443 18.62 42.02 26.84
N LEU A 444 18.67 43.34 26.62
CA LEU A 444 17.75 43.96 25.67
C LEU A 444 17.97 43.41 24.26
N ASN A 445 19.23 43.24 23.86
CA ASN A 445 19.53 42.70 22.54
C ASN A 445 19.00 41.28 22.37
N THR A 446 19.19 40.44 23.38
CA THR A 446 18.70 39.06 23.26
C THR A 446 17.18 39.01 23.30
N LEU A 447 16.53 39.92 24.02
CA LEU A 447 15.07 39.99 23.98
C LEU A 447 14.60 40.39 22.59
N SER A 448 15.26 41.38 21.97
CA SER A 448 14.88 41.78 20.62
C SER A 448 15.10 40.65 19.63
N ILE A 449 16.19 39.89 19.78
CA ILE A 449 16.44 38.75 18.91
C ILE A 449 15.37 37.68 19.09
N ALA A 450 15.02 37.37 20.33
CA ALA A 450 14.06 36.31 20.62
C ALA A 450 12.61 36.71 20.36
N SER A 451 12.34 37.99 20.14
CA SER A 451 10.97 38.45 19.89
C SER A 451 10.51 38.20 18.46
N GLU A 452 11.38 37.71 17.58
CA GLU A 452 11.06 37.56 16.16
C GLU A 452 10.36 36.23 15.92
N HIS A 453 9.29 36.25 15.13
CA HIS A 453 8.53 35.05 14.81
C HIS A 453 7.81 35.25 13.48
N HIS A 454 7.05 34.24 13.08
CA HIS A 454 6.33 34.27 11.82
C HIS A 454 5.02 35.04 11.97
N ASN A 455 4.67 35.80 10.92
CA ASN A 455 3.44 36.58 10.88
C ASN A 455 3.37 37.57 12.05
N GLN A 456 4.50 38.19 12.36
CA GLN A 456 4.51 39.20 13.40
C GLN A 456 3.89 40.50 12.88
N PRO A 457 3.29 41.30 13.76
CA PRO A 457 2.67 42.55 13.31
C PRO A 457 3.70 43.53 12.78
N LEU A 458 3.20 44.50 12.00
CA LEU A 458 4.08 45.46 11.36
C LEU A 458 4.83 46.31 12.37
N TRP A 459 4.17 46.66 13.48
CA TRP A 459 4.83 47.48 14.50
C TRP A 459 5.99 46.72 15.13
N LEU A 460 5.85 45.41 15.32
CA LEU A 460 6.95 44.62 15.85
C LEU A 460 8.14 44.60 14.89
N THR A 461 7.87 44.45 13.59
CA THR A 461 8.96 44.48 12.61
C THR A 461 9.65 45.83 12.61
N HIS A 462 8.87 46.92 12.65
CA HIS A 462 9.47 48.25 12.68
C HIS A 462 10.31 48.45 13.94
N LEU A 463 9.80 48.01 15.08
CA LEU A 463 10.55 48.15 16.34
C LEU A 463 11.84 47.36 16.31
N GLN A 464 11.78 46.12 15.80
CA GLN A 464 12.99 45.30 15.74
C GLN A 464 14.00 45.89 14.76
N ASP A 465 13.53 46.49 13.66
CA ASP A 465 14.45 47.16 12.75
C ASP A 465 15.09 48.37 13.40
N ILE A 466 14.30 49.17 14.12
CA ILE A 466 14.82 50.38 14.76
C ILE A 466 15.74 50.01 15.92
N ALA A 467 15.35 49.02 16.72
CA ALA A 467 16.13 48.65 17.90
C ALA A 467 17.53 48.15 17.53
N ASN A 468 17.72 47.67 16.31
CA ASN A 468 19.05 47.24 15.88
C ASN A 468 20.00 48.43 15.78
N ARG A 469 19.51 49.56 15.29
CA ARG A 469 20.38 50.73 15.10
C ARG A 469 20.86 51.29 16.42
N VAL A 470 19.94 51.51 17.37
CA VAL A 470 20.30 52.15 18.63
C VAL A 470 21.24 51.25 19.43
N LEU A 471 21.02 49.94 19.42
CA LEU A 471 21.87 49.04 20.19
C LEU A 471 23.24 48.89 19.55
N LEU A 472 23.30 48.89 18.21
CA LEU A 472 24.59 48.90 17.54
C LEU A 472 25.36 50.17 17.84
N SER A 473 24.66 51.32 17.87
CA SER A 473 25.30 52.57 18.23
C SER A 473 25.81 52.55 19.66
N LEU A 474 25.03 51.97 20.57
CA LEU A 474 25.47 51.86 21.97
C LEU A 474 26.70 50.98 22.09
N PHE A 475 26.73 49.87 21.34
CA PHE A 475 27.91 49.00 21.35
C PHE A 475 29.13 49.74 20.82
N THR A 476 28.96 50.51 19.74
CA THR A 476 30.06 51.30 19.20
C THR A 476 30.55 52.32 20.21
N ILE A 477 29.63 53.01 20.89
CA ILE A 477 30.01 54.01 21.88
C ILE A 477 30.77 53.37 23.03
N GLU A 478 30.28 52.22 23.52
CA GLU A 478 30.97 51.52 24.60
C GLU A 478 32.36 51.06 24.17
N MET A 479 32.51 50.64 22.92
CA MET A 479 33.81 50.23 22.42
C MET A 479 34.80 51.38 22.44
N LEU A 480 34.36 52.57 22.02
CA LEU A 480 35.25 53.71 21.93
C LEU A 480 35.73 54.19 23.29
N LEU A 481 34.87 54.12 24.31
CA LEU A 481 35.29 54.51 25.65
C LEU A 481 36.36 53.59 26.19
N LYS A 482 36.24 52.28 25.94
CA LYS A 482 37.27 51.35 26.40
C LYS A 482 38.57 51.50 25.62
N MET A 483 38.50 52.08 24.41
CA MET A 483 39.71 52.28 23.63
C MET A 483 40.63 53.33 24.29
N TYR A 484 40.06 54.27 25.03
CA TYR A 484 40.84 55.25 25.75
C TYR A 484 41.02 54.89 27.22
N GLY A 485 40.05 54.22 27.83
CA GLY A 485 40.16 53.85 29.23
C GLY A 485 41.27 52.86 29.50
N LEU A 486 41.47 51.90 28.59
CA LEU A 486 42.45 50.85 28.77
C LEU A 486 43.58 50.86 27.75
N GLY A 487 43.51 51.68 26.72
CA GLY A 487 44.54 51.74 25.72
C GLY A 487 44.29 50.79 24.56
N LEU A 488 44.96 51.08 23.44
CA LEU A 488 44.80 50.31 22.22
C LEU A 488 45.62 49.04 22.19
N ARG A 489 46.57 48.86 23.12
CA ARG A 489 47.50 47.74 23.07
C ARG A 489 47.09 46.57 23.94
N GLN A 490 46.56 46.82 25.13
CA GLN A 490 46.14 45.75 26.03
C GLN A 490 44.73 45.26 25.77
N TYR A 491 43.98 45.93 24.89
CA TYR A 491 42.61 45.51 24.60
C TYR A 491 42.56 44.24 23.77
N PHE A 492 43.61 43.96 22.98
CA PHE A 492 43.63 42.81 22.09
C PHE A 492 44.29 41.58 22.70
N MET A 493 44.75 41.66 23.94
CA MET A 493 45.39 40.52 24.59
C MET A 493 44.39 39.53 25.17
N SER A 494 43.09 39.82 25.11
CA SER A 494 42.05 38.94 25.61
C SER A 494 41.10 38.58 24.49
N ILE A 495 40.84 37.28 24.33
CA ILE A 495 39.81 36.83 23.40
C ILE A 495 38.44 37.34 23.83
N PHE A 496 38.31 37.73 25.11
CA PHE A 496 37.04 38.25 25.60
C PHE A 496 36.62 39.51 24.86
N ASN A 497 37.55 40.44 24.64
CA ASN A 497 37.28 41.66 23.91
C ASN A 497 37.69 41.58 22.45
N ARG A 498 38.18 40.43 21.99
CA ARG A 498 38.67 40.31 20.62
C ARG A 498 37.51 40.32 19.63
N PHE A 499 36.47 39.54 19.89
CA PHE A 499 35.36 39.40 18.96
C PHE A 499 34.39 40.58 18.99
N ASP A 500 34.51 41.47 19.98
CA ASP A 500 33.66 42.66 20.00
C ASP A 500 33.91 43.52 18.78
N CYS A 501 35.18 43.69 18.41
CA CYS A 501 35.50 44.46 17.20
C CYS A 501 34.92 43.80 15.96
N PHE A 502 35.02 42.46 15.88
CA PHE A 502 34.43 41.76 14.75
C PHE A 502 32.92 41.94 14.72
N VAL A 503 32.27 41.85 15.89
CA VAL A 503 30.82 42.00 15.93
C VAL A 503 30.40 43.38 15.46
N VAL A 504 31.08 44.43 15.96
CA VAL A 504 30.68 45.78 15.63
C VAL A 504 30.97 46.10 14.17
N CYS A 505 32.11 45.62 13.64
CA CYS A 505 32.43 45.89 12.24
C CYS A 505 31.48 45.13 11.32
N SER A 506 31.11 43.89 11.68
CA SER A 506 30.14 43.16 10.90
C SER A 506 28.77 43.84 10.92
N GLY A 507 28.36 44.35 12.08
CA GLY A 507 27.11 45.07 12.15
C GLY A 507 27.12 46.33 11.30
N ILE A 508 28.22 47.08 11.35
CA ILE A 508 28.34 48.29 10.54
C ILE A 508 28.29 47.94 9.05
N LEU A 509 29.01 46.89 8.65
CA LEU A 509 29.02 46.49 7.24
C LEU A 509 27.63 46.05 6.79
N GLU A 510 26.94 45.28 7.63
CA GLU A 510 25.59 44.83 7.29
C GLU A 510 24.63 46.01 7.15
N LEU A 511 24.70 46.96 8.10
CA LEU A 511 23.83 48.13 8.03
C LEU A 511 24.14 48.96 6.80
N LEU A 512 25.41 49.04 6.42
CA LEU A 512 25.78 49.81 5.22
C LEU A 512 25.29 49.11 3.96
N LEU A 513 25.30 47.78 3.93
CA LEU A 513 24.82 47.05 2.76
C LEU A 513 23.31 46.83 2.77
N VAL A 514 22.62 47.28 3.82
CA VAL A 514 21.16 47.17 3.85
C VAL A 514 20.54 47.94 2.70
N GLU A 515 21.04 49.15 2.44
CA GLU A 515 20.48 50.00 1.39
C GLU A 515 20.68 49.43 -0.02
N SER A 516 21.55 48.45 -0.19
CA SER A 516 21.78 47.87 -1.50
C SER A 516 20.59 47.00 -1.91
N GLY A 517 20.62 46.55 -3.17
CA GLY A 517 19.58 45.70 -3.69
C GLY A 517 19.77 44.24 -3.29
N ALA A 518 19.48 43.93 -2.04
CA ALA A 518 19.73 42.60 -1.49
C ALA A 518 18.56 41.68 -1.83
N MET A 519 18.70 40.91 -2.89
CA MET A 519 17.72 39.91 -3.28
C MET A 519 18.02 38.61 -2.55
N THR A 520 17.44 37.49 -3.01
CA THR A 520 17.63 36.17 -2.41
C THR A 520 17.28 36.17 -0.94
N PRO A 521 15.99 36.16 -0.59
CA PRO A 521 15.59 36.15 0.83
C PRO A 521 16.34 35.15 1.70
N LEU A 522 16.71 33.98 1.17
CA LEU A 522 17.57 33.08 1.92
C LEU A 522 18.93 33.72 2.18
N GLY A 523 19.49 34.40 1.17
CA GLY A 523 20.74 35.10 1.35
C GLY A 523 20.69 36.20 2.39
N ILE A 524 19.66 37.06 2.33
CA ILE A 524 19.53 38.10 3.34
C ILE A 524 19.22 37.52 4.71
N SER A 525 18.57 36.35 4.77
CA SER A 525 18.37 35.68 6.05
C SER A 525 19.69 35.20 6.63
N VAL A 526 20.60 34.72 5.76
CA VAL A 526 21.88 34.23 6.28
C VAL A 526 22.80 35.39 6.64
N LEU A 527 22.59 36.57 6.04
CA LEU A 527 23.25 37.76 6.56
C LEU A 527 22.53 38.34 7.77
N ARG A 528 21.31 37.88 8.05
CA ARG A 528 20.72 38.16 9.36
C ARG A 528 21.17 37.15 10.41
N CYS A 529 21.81 36.06 9.99
CA CYS A 529 22.27 35.06 10.95
C CYS A 529 23.53 35.50 11.68
N ILE A 530 24.38 36.30 11.03
CA ILE A 530 25.60 36.73 11.70
C ILE A 530 25.31 37.84 12.70
N ARG A 531 24.10 38.41 12.67
CA ARG A 531 23.69 39.31 13.74
C ARG A 531 23.46 38.56 15.04
N LEU A 532 23.36 37.24 14.97
CA LEU A 532 23.12 36.43 16.17
C LEU A 532 24.40 36.05 16.91
N LEU A 533 25.58 36.29 16.33
CA LEU A 533 26.81 35.95 17.05
C LEU A 533 27.04 36.86 18.25
N ARG A 534 26.33 37.98 18.36
CA ARG A 534 26.46 38.83 19.53
C ARG A 534 25.67 38.31 20.72
N LEU A 535 25.22 37.06 20.66
CA LEU A 535 24.62 36.39 21.80
C LEU A 535 25.66 35.80 22.76
N PHE A 536 26.92 35.69 22.33
CA PHE A 536 27.97 35.13 23.17
C PHE A 536 28.38 36.05 24.31
N LYS A 537 27.91 37.30 24.31
CA LYS A 537 28.14 38.18 25.45
C LYS A 537 27.47 37.67 26.72
N ILE A 538 26.54 36.72 26.61
CA ILE A 538 25.98 36.08 27.79
C ILE A 538 26.91 34.98 28.30
N THR A 539 27.45 34.15 27.39
CA THR A 539 28.49 33.19 27.78
C THR A 539 29.72 33.89 28.34
N LYS A 540 29.92 35.15 27.99
CA LYS A 540 31.13 35.87 28.38
C LYS A 540 31.20 36.11 29.89
N TYR A 541 30.11 35.89 30.62
CA TYR A 541 30.04 36.25 32.03
C TYR A 541 30.26 35.09 32.98
N TRP A 542 30.34 33.85 32.48
CA TRP A 542 30.50 32.68 33.32
C TRP A 542 31.98 32.29 33.36
N THR A 543 32.60 32.48 34.52
CA THR A 543 34.01 32.17 34.71
C THR A 543 34.25 30.75 35.22
N SER A 544 33.19 30.02 35.57
CA SER A 544 33.36 28.65 36.04
C SER A 544 33.62 27.66 34.93
N LEU A 545 33.37 28.05 33.67
CA LEU A 545 33.69 27.21 32.52
C LEU A 545 35.06 27.52 31.94
N SER A 546 35.79 28.48 32.51
CA SER A 546 37.09 28.85 31.96
C SER A 546 38.12 27.75 32.16
N ASN A 547 38.03 27.01 33.27
CA ASN A 547 38.99 25.93 33.51
C ASN A 547 38.77 24.78 32.54
N LEU A 548 37.52 24.50 32.17
CA LEU A 548 37.24 23.41 31.25
C LEU A 548 37.67 23.77 29.82
N VAL A 549 37.37 25.01 29.40
CA VAL A 549 37.68 25.41 28.03
C VAL A 549 39.18 25.48 27.81
N ALA A 550 39.96 25.75 28.87
CA ALA A 550 41.40 25.77 28.74
C ALA A 550 41.95 24.39 28.38
N SER A 551 41.42 23.33 29.01
CA SER A 551 41.82 21.98 28.66
C SER A 551 41.40 21.63 27.24
N LEU A 552 40.24 22.13 26.81
CA LEU A 552 39.80 21.92 25.44
C LEU A 552 40.76 22.56 24.45
N LEU A 553 41.18 23.80 24.72
CA LEU A 553 42.12 24.47 23.83
C LEU A 553 43.49 23.78 23.87
N ASN A 554 43.87 23.19 25.00
CA ASN A 554 45.12 22.47 25.07
C ASN A 554 45.08 21.19 24.26
N SER A 555 43.97 20.45 24.34
CA SER A 555 43.83 19.15 23.68
C SER A 555 43.07 19.23 22.36
N ILE A 556 42.96 20.43 21.78
CA ILE A 556 42.29 20.60 20.49
C ILE A 556 42.90 19.69 19.43
N ARG A 557 44.22 19.47 19.49
CA ARG A 557 44.86 18.62 18.48
C ARG A 557 44.39 17.18 18.60
N SER A 558 44.34 16.63 19.81
CA SER A 558 43.83 15.28 20.00
C SER A 558 42.35 15.19 19.63
N ILE A 559 41.57 16.22 19.99
CA ILE A 559 40.16 16.25 19.63
C ILE A 559 39.99 16.17 18.12
N ALA A 560 40.77 16.99 17.39
CA ALA A 560 40.70 17.00 15.94
C ALA A 560 41.14 15.67 15.35
N SER A 561 42.18 15.05 15.93
CA SER A 561 42.66 13.77 15.41
C SER A 561 41.60 12.69 15.56
N LEU A 562 40.97 12.60 16.74
CA LEU A 562 39.94 11.59 16.93
C LEU A 562 38.72 11.84 16.07
N LEU A 563 38.30 13.11 15.97
CA LEU A 563 37.18 13.44 15.10
C LEU A 563 37.50 13.17 13.64
N LEU A 564 38.77 13.35 13.24
CA LEU A 564 39.16 13.06 11.86
C LEU A 564 39.13 11.56 11.58
N LEU A 565 39.57 10.75 12.54
CA LEU A 565 39.44 9.30 12.38
C LEU A 565 37.98 8.89 12.24
N LEU A 566 37.10 9.46 13.08
CA LEU A 566 35.68 9.16 12.97
C LEU A 566 35.12 9.59 11.63
N PHE A 567 35.52 10.78 11.16
CA PHE A 567 35.04 11.29 9.87
C PHE A 567 35.51 10.41 8.72
N LEU A 568 36.75 9.92 8.79
CA LEU A 568 37.24 9.00 7.77
C LEU A 568 36.46 7.68 7.79
N PHE A 569 36.14 7.18 8.99
CA PHE A 569 35.32 5.98 9.09
C PHE A 569 33.96 6.20 8.43
N ILE A 570 33.35 7.35 8.70
CA ILE A 570 32.04 7.67 8.12
C ILE A 570 32.15 7.78 6.61
N ILE A 571 33.22 8.39 6.11
CA ILE A 571 33.41 8.52 4.66
C ILE A 571 33.56 7.15 4.02
N ILE A 572 34.34 6.27 4.63
CA ILE A 572 34.56 4.94 4.07
C ILE A 572 33.24 4.17 4.02
N PHE A 573 32.45 4.23 5.09
CA PHE A 573 31.19 3.50 5.07
C PHE A 573 30.17 4.13 4.13
N ALA A 574 30.21 5.46 3.96
CA ALA A 574 29.34 6.09 2.97
C ALA A 574 29.70 5.65 1.56
N LEU A 575 31.00 5.58 1.25
CA LEU A 575 31.42 5.08 -0.06
C LEU A 575 31.00 3.63 -0.26
N LEU A 576 31.14 2.81 0.77
CA LEU A 576 30.71 1.42 0.68
C LEU A 576 29.21 1.32 0.45
N GLY A 577 28.43 2.15 1.14
CA GLY A 577 26.99 2.15 0.92
C GLY A 577 26.61 2.60 -0.48
N MET A 578 27.31 3.61 -1.00
CA MET A 578 27.09 4.02 -2.38
C MET A 578 27.39 2.89 -3.35
N GLN A 579 28.47 2.15 -3.10
CA GLN A 579 28.78 1.00 -3.96
C GLN A 579 27.72 -0.08 -3.86
N LEU A 580 27.20 -0.33 -2.66
CA LEU A 580 26.26 -1.42 -2.45
C LEU A 580 24.83 -1.04 -2.85
N PHE A 581 24.29 0.01 -2.22
CA PHE A 581 22.90 0.38 -2.37
C PHE A 581 22.69 1.59 -3.28
N GLY A 582 23.73 2.06 -3.94
CA GLY A 582 23.59 3.19 -4.83
C GLY A 582 22.93 2.84 -6.14
N GLY A 583 21.78 3.48 -6.42
CA GLY A 583 21.05 3.20 -7.63
C GLY A 583 20.26 1.92 -7.64
N ARG A 584 20.11 1.26 -6.50
CA ARG A 584 19.37 0.01 -6.42
C ARG A 584 18.04 0.15 -5.69
N TYR A 585 17.62 1.38 -5.38
CA TYR A 585 16.33 1.63 -4.75
C TYR A 585 15.22 1.86 -5.77
N ASP A 586 15.35 1.29 -6.97
CA ASP A 586 14.38 1.48 -8.04
C ASP A 586 13.18 0.58 -7.78
N PHE A 587 12.33 1.03 -6.86
CA PHE A 587 11.10 0.33 -6.53
C PHE A 587 9.94 0.92 -7.34
N GLU A 588 9.08 0.04 -7.84
CA GLU A 588 7.98 0.48 -8.71
C GLU A 588 6.89 1.19 -7.93
N ASP A 589 6.81 1.01 -6.61
CA ASP A 589 5.76 1.65 -5.84
C ASP A 589 6.04 3.15 -5.67
N THR A 590 5.03 3.87 -5.21
CA THR A 590 5.11 5.31 -5.02
C THR A 590 5.67 5.69 -3.64
N GLU A 591 6.01 4.71 -2.80
CA GLU A 591 6.57 5.01 -1.50
C GLU A 591 7.89 5.76 -1.65
N VAL A 592 8.09 6.78 -0.81
CA VAL A 592 9.25 7.64 -0.88
C VAL A 592 10.25 7.22 0.19
N ARG A 593 11.51 7.04 -0.21
CA ARG A 593 12.58 6.58 0.68
C ARG A 593 13.71 7.61 0.61
N ARG A 594 13.66 8.60 1.50
CA ARG A 594 14.64 9.68 1.46
C ARG A 594 16.02 9.22 1.88
N SER A 595 16.11 8.27 2.79
CA SER A 595 17.40 7.80 3.30
C SER A 595 17.95 6.74 2.35
N ASN A 596 18.62 7.21 1.29
CA ASN A 596 19.21 6.31 0.31
C ASN A 596 20.69 6.64 0.11
N PHE A 597 21.31 6.00 -0.88
CA PHE A 597 22.73 6.16 -1.17
C PHE A 597 22.94 6.56 -2.61
N ASP A 598 22.08 7.46 -3.12
CA ASP A 598 22.14 7.82 -4.53
C ASP A 598 23.36 8.69 -4.86
N ASN A 599 23.79 9.53 -3.92
CA ASN A 599 24.98 10.34 -4.12
C ASN A 599 25.71 10.47 -2.79
N PHE A 600 26.85 11.15 -2.83
CA PHE A 600 27.69 11.25 -1.62
C PHE A 600 27.01 11.98 -0.47
N PRO A 601 26.39 13.16 -0.65
CA PRO A 601 25.73 13.79 0.50
C PRO A 601 24.62 12.95 1.11
N GLN A 602 23.80 12.30 0.28
CA GLN A 602 22.73 11.48 0.81
C GLN A 602 23.26 10.24 1.50
N ALA A 603 24.33 9.64 0.94
CA ALA A 603 24.96 8.51 1.60
C ALA A 603 25.54 8.91 2.95
N LEU A 604 26.16 10.09 3.02
CA LEU A 604 26.68 10.59 4.30
C LEU A 604 25.55 10.79 5.30
N ILE A 605 24.44 11.38 4.86
CA ILE A 605 23.31 11.60 5.75
C ILE A 605 22.75 10.27 6.26
N SER A 606 22.62 9.29 5.37
CA SER A 606 22.11 7.98 5.78
C SER A 606 23.04 7.30 6.75
N VAL A 607 24.35 7.37 6.51
CA VAL A 607 25.32 6.75 7.41
C VAL A 607 25.28 7.44 8.77
N PHE A 608 25.17 8.77 8.79
CA PHE A 608 25.06 9.47 10.06
C PHE A 608 23.79 9.08 10.80
N GLN A 609 22.67 8.95 10.08
CA GLN A 609 21.42 8.56 10.71
C GLN A 609 21.51 7.16 11.30
N VAL A 610 22.15 6.24 10.59
CA VAL A 610 22.35 4.90 11.14
C VAL A 610 23.28 4.96 12.34
N LEU A 611 24.27 5.86 12.31
CA LEU A 611 25.20 6.03 13.42
C LEU A 611 24.47 6.48 14.68
N THR A 612 23.55 7.44 14.54
CA THR A 612 22.75 7.85 15.69
C THR A 612 21.77 6.77 16.14
N GLY A 613 21.54 5.75 15.32
CA GLY A 613 20.68 4.65 15.70
C GLY A 613 19.21 4.90 15.55
N GLU A 614 18.81 6.04 14.98
CA GLU A 614 17.39 6.38 14.85
C GLU A 614 16.87 5.88 13.51
N ASP A 615 15.89 4.97 13.58
CA ASP A 615 15.22 4.43 12.39
C ASP A 615 16.20 3.75 11.44
N TRP A 616 17.29 3.20 11.97
CA TRP A 616 18.25 2.50 11.12
C TRP A 616 17.67 1.20 10.57
N ASN A 617 16.70 0.62 11.28
CA ASN A 617 16.09 -0.62 10.81
C ASN A 617 15.30 -0.40 9.52
N SER A 618 14.71 0.78 9.35
CA SER A 618 14.03 1.08 8.08
C SER A 618 15.03 1.13 6.93
N VAL A 619 16.20 1.73 7.15
CA VAL A 619 17.23 1.75 6.14
C VAL A 619 17.70 0.33 5.83
N MET A 620 17.84 -0.50 6.87
CA MET A 620 18.24 -1.89 6.64
C MET A 620 17.19 -2.64 5.84
N TYR A 621 15.90 -2.42 6.12
CA TYR A 621 14.85 -3.07 5.35
C TYR A 621 14.86 -2.62 3.91
N ASN A 622 15.08 -1.32 3.67
CA ASN A 622 15.17 -0.83 2.30
C ASN A 622 16.34 -1.47 1.57
N GLY A 623 17.49 -1.59 2.24
CA GLY A 623 18.64 -2.24 1.62
C GLY A 623 18.37 -3.70 1.32
N ILE A 624 17.69 -4.39 2.23
CA ILE A 624 17.39 -5.81 2.01
C ILE A 624 16.45 -5.98 0.82
N MET A 625 15.40 -5.16 0.76
CA MET A 625 14.43 -5.29 -0.32
C MET A 625 14.96 -4.75 -1.65
N ALA A 626 16.00 -3.92 -1.62
CA ALA A 626 16.66 -3.53 -2.86
C ALA A 626 17.27 -4.74 -3.56
N TYR A 627 17.72 -5.72 -2.79
CA TYR A 627 18.16 -7.01 -3.31
C TYR A 627 16.93 -7.92 -3.42
N GLY A 628 17.14 -9.22 -3.57
CA GLY A 628 16.02 -10.12 -3.77
C GLY A 628 14.98 -10.04 -2.67
N GLY A 629 15.43 -9.89 -1.42
CA GLY A 629 14.51 -9.80 -0.30
C GLY A 629 14.96 -10.66 0.85
N PRO A 630 14.01 -11.24 1.58
CA PRO A 630 14.32 -12.13 2.71
C PRO A 630 14.75 -13.53 2.28
N SER A 631 15.68 -13.58 1.32
CA SER A 631 16.20 -14.82 0.78
C SER A 631 17.66 -15.00 1.23
N TYR A 632 18.26 -16.11 0.78
CA TYR A 632 19.61 -16.45 1.26
C TYR A 632 20.66 -15.39 0.93
N PRO A 633 20.79 -14.90 -0.32
CA PRO A 633 21.82 -13.89 -0.57
C PRO A 633 21.33 -12.48 -0.28
N GLY A 634 20.01 -12.29 -0.28
CA GLY A 634 19.46 -10.96 -0.07
C GLY A 634 19.68 -10.45 1.34
N VAL A 635 19.52 -11.31 2.34
CA VAL A 635 19.59 -10.88 3.73
C VAL A 635 21.00 -10.61 4.20
N LEU A 636 22.02 -11.05 3.44
CA LEU A 636 23.39 -10.88 3.90
C LEU A 636 23.87 -9.44 3.87
N VAL A 637 23.09 -8.52 3.27
CA VAL A 637 23.45 -7.11 3.31
C VAL A 637 23.22 -6.51 4.69
N CYS A 638 22.46 -7.18 5.55
CA CYS A 638 22.27 -6.70 6.91
C CYS A 638 23.57 -6.73 7.70
N ILE A 639 24.55 -7.51 7.25
CA ILE A 639 25.88 -7.49 7.86
C ILE A 639 26.47 -6.09 7.79
N TYR A 640 26.27 -5.41 6.66
CA TYR A 640 26.77 -4.05 6.51
C TYR A 640 26.21 -3.14 7.60
N PHE A 641 24.90 -3.17 7.81
CA PHE A 641 24.28 -2.31 8.81
C PHE A 641 24.69 -2.70 10.23
N ILE A 642 24.78 -4.00 10.50
CA ILE A 642 25.16 -4.46 11.83
C ILE A 642 26.58 -4.01 12.16
N ILE A 643 27.51 -4.22 11.23
CA ILE A 643 28.90 -3.82 11.44
C ILE A 643 29.01 -2.31 11.58
N LEU A 644 28.31 -1.57 10.72
CA LEU A 644 28.35 -0.12 10.80
C LEU A 644 27.87 0.36 12.16
N PHE A 645 26.71 -0.14 12.61
CA PHE A 645 26.17 0.27 13.90
C PHE A 645 27.13 -0.05 15.04
N VAL A 646 27.58 -1.30 15.10
CA VAL A 646 28.42 -1.72 16.24
C VAL A 646 29.73 -0.95 16.26
N CYS A 647 30.43 -0.92 15.12
CA CYS A 647 31.73 -0.27 15.09
C CYS A 647 31.62 1.23 15.30
N GLY A 648 30.62 1.88 14.70
CA GLY A 648 30.46 3.30 14.87
C GLY A 648 30.10 3.67 16.30
N ASN A 649 29.22 2.89 16.93
CA ASN A 649 28.88 3.17 18.32
C ASN A 649 30.07 2.95 19.25
N TYR A 650 30.86 1.91 18.98
CA TYR A 650 32.06 1.69 19.79
C TYR A 650 33.05 2.85 19.63
N ILE A 651 33.28 3.28 18.40
CA ILE A 651 34.20 4.40 18.15
C ILE A 651 33.67 5.66 18.82
N LEU A 652 32.36 5.90 18.72
CA LEU A 652 31.76 7.08 19.31
C LEU A 652 31.93 7.09 20.82
N LEU A 653 31.63 5.96 21.47
CA LEU A 653 31.85 5.85 22.90
C LEU A 653 33.29 6.13 23.25
N ASN A 654 34.22 5.50 22.53
CA ASN A 654 35.63 5.69 22.82
C ASN A 654 36.02 7.16 22.74
N VAL A 655 35.72 7.82 21.61
CA VAL A 655 36.19 9.19 21.41
C VAL A 655 35.54 10.13 22.42
N PHE A 656 34.21 10.08 22.54
CA PHE A 656 33.53 11.09 23.35
C PHE A 656 33.75 10.84 24.84
N LEU A 657 33.71 9.58 25.27
CA LEU A 657 34.01 9.29 26.67
C LEU A 657 35.43 9.68 27.03
N ALA A 658 36.40 9.37 26.16
CA ALA A 658 37.78 9.74 26.45
C ALA A 658 37.94 11.25 26.55
N ILE A 659 37.39 11.98 25.58
CA ILE A 659 37.50 13.43 25.61
C ILE A 659 36.90 13.98 26.89
N ALA A 660 35.67 13.56 27.20
CA ALA A 660 34.98 14.08 28.37
C ALA A 660 35.75 13.77 29.66
N VAL A 661 36.10 12.50 29.88
CA VAL A 661 36.71 12.14 31.15
C VAL A 661 38.09 12.77 31.30
N ASP A 662 38.90 12.76 30.23
CA ASP A 662 40.24 13.33 30.34
C ASP A 662 40.18 14.84 30.57
N ASN A 663 39.40 15.55 29.75
CA ASN A 663 39.33 17.01 29.89
C ASN A 663 38.75 17.40 31.23
N LEU A 664 37.77 16.64 31.73
CA LEU A 664 37.17 16.98 33.02
C LEU A 664 38.11 16.65 34.17
N ALA A 665 38.93 15.60 34.03
CA ALA A 665 39.95 15.31 35.03
C ALA A 665 40.97 16.44 35.10
N GLU A 666 41.42 16.94 33.94
CA GLU A 666 42.34 18.08 33.97
C GLU A 666 41.65 19.33 34.53
N ALA A 667 40.37 19.53 34.21
CA ALA A 667 39.66 20.69 34.73
C ALA A 667 39.54 20.64 36.26
N GLU A 668 39.24 19.47 36.81
CA GLU A 668 39.15 19.35 38.27
C GLU A 668 40.52 19.46 38.91
N SER A 669 41.55 18.90 38.27
CA SER A 669 42.89 18.94 38.84
C SER A 669 43.40 20.38 38.94
N LEU A 670 43.14 21.19 37.92
CA LEU A 670 43.51 22.61 38.00
C LEU A 670 42.64 23.36 38.99
N THR A 671 41.39 22.91 39.18
CA THR A 671 40.52 23.56 40.15
C THR A 671 41.03 23.38 41.57
N SER A 672 41.51 22.18 41.89
CA SER A 672 42.03 21.91 43.23
C SER A 672 43.28 22.72 43.54
N ALA A 673 43.98 23.22 42.53
CA ALA A 673 45.17 24.03 42.73
C ALA A 673 44.80 25.51 42.85
N VAL A 796 3.48 4.77 69.01
CA VAL A 796 3.76 5.66 67.89
C VAL A 796 5.25 5.60 67.55
N ASN A 797 6.04 5.05 68.46
CA ASN A 797 7.48 4.93 68.26
C ASN A 797 7.95 3.49 68.08
N ALA A 798 7.14 2.51 68.45
CA ALA A 798 7.53 1.11 68.30
C ALA A 798 7.63 0.74 66.82
N THR A 799 8.50 -0.23 66.53
CA THR A 799 8.69 -0.67 65.15
C THR A 799 7.42 -1.31 64.58
N TRP A 800 6.58 -1.88 65.45
CA TRP A 800 5.31 -2.44 64.98
C TRP A 800 4.44 -1.37 64.34
N PHE A 801 4.31 -0.22 65.00
CA PHE A 801 3.45 0.84 64.48
C PHE A 801 3.96 1.38 63.15
N THR A 802 5.27 1.62 63.04
CA THR A 802 5.79 2.17 61.80
C THR A 802 5.74 1.15 60.67
N ASN A 803 5.94 -0.15 60.99
CA ASN A 803 5.79 -1.17 59.97
C ASN A 803 4.34 -1.26 59.49
N PHE A 804 3.38 -1.18 60.42
CA PHE A 804 1.98 -1.16 60.04
C PHE A 804 1.65 0.04 59.16
N ILE A 805 2.19 1.21 59.53
CA ILE A 805 1.94 2.42 58.75
C ILE A 805 2.51 2.27 57.34
N LEU A 806 3.73 1.73 57.23
CA LEU A 806 4.33 1.55 55.90
C LEU A 806 3.56 0.55 55.06
N LEU A 807 3.09 -0.55 55.67
CA LEU A 807 2.26 -1.50 54.95
C LEU A 807 0.97 -0.83 54.47
N PHE A 808 0.41 0.05 55.30
CA PHE A 808 -0.80 0.76 54.89
C PHE A 808 -0.50 1.76 53.76
N ILE A 809 0.68 2.38 53.78
CA ILE A 809 1.10 3.24 52.67
C ILE A 809 1.11 2.44 51.37
N LEU A 810 1.73 1.26 51.41
CA LEU A 810 1.80 0.42 50.22
C LEU A 810 0.41 -0.02 49.76
N LEU A 811 -0.45 -0.40 50.70
CA LEU A 811 -1.80 -0.83 50.34
C LEU A 811 -2.61 0.31 49.71
N SER A 812 -2.50 1.52 50.28
CA SER A 812 -3.21 2.65 49.72
C SER A 812 -2.70 2.99 48.32
N SER A 813 -1.38 2.92 48.12
CA SER A 813 -0.83 3.16 46.80
C SER A 813 -1.32 2.12 45.80
N ALA A 814 -1.35 0.85 46.20
CA ALA A 814 -1.83 -0.20 45.30
C ALA A 814 -3.32 -0.01 44.98
N ALA A 815 -4.11 0.41 45.97
CA ALA A 815 -5.53 0.68 45.71
C ALA A 815 -5.71 1.85 44.75
N LEU A 816 -4.90 2.89 44.90
CA LEU A 816 -4.97 4.03 43.99
C LEU A 816 -4.57 3.63 42.58
N ALA A 817 -3.56 2.77 42.45
CA ALA A 817 -3.03 2.43 41.13
C ALA A 817 -4.06 1.69 40.28
N ALA A 818 -4.76 0.71 40.87
CA ALA A 818 -5.62 -0.17 40.11
C ALA A 818 -7.06 0.35 40.09
N GLU A 819 -7.22 1.50 39.44
CA GLU A 819 -8.50 2.16 39.29
C GLU A 819 -9.05 1.93 37.88
N ASP A 820 -10.19 2.56 37.61
CA ASP A 820 -10.84 2.49 36.30
C ASP A 820 -11.11 3.92 35.85
N PRO A 821 -10.13 4.56 35.21
CA PRO A 821 -10.33 5.96 34.78
C PRO A 821 -11.44 6.13 33.75
N ILE A 822 -11.72 5.09 32.95
CA ILE A 822 -12.69 5.24 31.88
C ILE A 822 -14.10 5.36 32.44
N ARG A 823 -14.45 4.50 33.39
CA ARG A 823 -15.77 4.49 34.00
C ARG A 823 -15.73 5.25 35.33
N ALA A 824 -16.50 6.34 35.41
CA ALA A 824 -16.57 7.10 36.64
C ALA A 824 -17.39 6.38 37.70
N GLU A 825 -18.51 5.79 37.30
CA GLU A 825 -19.37 5.02 38.20
C GLU A 825 -19.30 3.56 37.78
N SER A 826 -18.58 2.76 38.56
CA SER A 826 -18.37 1.35 38.24
C SER A 826 -18.37 0.55 39.54
N VAL A 827 -18.49 -0.77 39.38
CA VAL A 827 -18.50 -1.66 40.54
C VAL A 827 -17.16 -1.61 41.27
N ARG A 828 -16.06 -1.65 40.51
CA ARG A 828 -14.73 -1.66 41.13
C ARG A 828 -14.43 -0.34 41.82
N ASN A 829 -14.88 0.78 41.24
CA ASN A 829 -14.56 2.09 41.81
C ASN A 829 -15.17 2.28 43.19
N GLN A 830 -16.37 1.75 43.42
CA GLN A 830 -17.00 1.89 44.74
C GLN A 830 -16.22 1.14 45.81
N ILE A 831 -15.78 -0.08 45.51
CA ILE A 831 -14.97 -0.83 46.46
C ILE A 831 -13.66 -0.12 46.72
N LEU A 832 -13.07 0.47 45.67
CA LEU A 832 -11.84 1.24 45.84
C LEU A 832 -12.06 2.45 46.74
N GLY A 833 -13.19 3.14 46.57
CA GLY A 833 -13.49 4.26 47.44
C GLY A 833 -13.70 3.84 48.88
N TYR A 834 -14.36 2.71 49.08
CA TYR A 834 -14.51 2.17 50.44
C TYR A 834 -13.17 1.86 51.06
N PHE A 835 -12.27 1.22 50.30
CA PHE A 835 -10.93 0.94 50.79
C PHE A 835 -10.18 2.24 51.09
N ASP A 836 -10.34 3.25 50.24
CA ASP A 836 -9.64 4.51 50.44
C ASP A 836 -10.11 5.21 51.71
N ILE A 837 -11.42 5.26 51.95
CA ILE A 837 -11.91 5.90 53.16
C ILE A 837 -11.52 5.10 54.39
N ALA A 838 -11.50 3.76 54.28
CA ALA A 838 -11.03 2.95 55.39
C ALA A 838 -9.57 3.22 55.71
N PHE A 839 -8.73 3.36 54.67
CA PHE A 839 -7.33 3.69 54.88
C PHE A 839 -7.19 5.07 55.50
N THR A 840 -7.94 6.05 55.00
CA THR A 840 -7.86 7.41 55.52
C THR A 840 -8.31 7.47 56.98
N SER A 841 -9.27 6.64 57.37
CA SER A 841 -9.68 6.58 58.77
C SER A 841 -8.52 6.16 59.66
N VAL A 842 -7.72 5.19 59.21
CA VAL A 842 -6.56 4.77 59.98
C VAL A 842 -5.50 5.87 60.01
N PHE A 843 -5.30 6.56 58.89
CA PHE A 843 -4.31 7.63 58.86
C PHE A 843 -4.74 8.86 59.64
N THR A 844 -6.05 9.08 59.80
CA THR A 844 -6.52 10.20 60.59
C THR A 844 -6.24 9.98 62.08
N VAL A 845 -6.43 8.75 62.56
CA VAL A 845 -6.15 8.44 63.97
C VAL A 845 -4.67 8.27 64.23
N GLU A 846 -3.84 8.28 63.19
CA GLU A 846 -2.39 8.16 63.35
C GLU A 846 -1.71 9.51 63.49
N ILE A 847 -2.20 10.53 62.77
CA ILE A 847 -1.60 11.86 62.87
C ILE A 847 -1.92 12.49 64.22
N VAL A 848 -3.14 12.29 64.72
CA VAL A 848 -3.51 12.85 66.02
C VAL A 848 -2.69 12.21 67.13
N LEU A 849 -2.37 10.92 67.00
CA LEU A 849 -1.55 10.25 68.00
C LEU A 849 -0.15 10.86 68.06
N LYS A 850 0.41 11.20 66.89
CA LYS A 850 1.78 11.71 66.85
C LYS A 850 1.87 13.12 67.46
N MET A 851 0.88 13.97 67.19
CA MET A 851 0.96 15.35 67.68
C MET A 851 0.69 15.45 69.18
N THR A 852 0.05 14.45 69.78
CA THR A 852 -0.18 14.47 71.22
C THR A 852 1.10 14.21 72.00
N THR A 853 2.06 13.50 71.41
CA THR A 853 3.32 13.21 72.07
C THR A 853 4.46 14.13 71.64
N TYR A 854 4.30 14.85 70.53
CA TYR A 854 5.30 15.76 70.02
C TYR A 854 4.74 17.18 69.99
N GLY A 855 5.49 18.09 69.38
CA GLY A 855 5.06 19.48 69.27
C GLY A 855 3.97 19.68 68.25
N TYR A 867 9.29 18.98 58.76
CA TYR A 867 9.30 19.28 57.33
C TYR A 867 8.70 18.10 56.54
N PHE A 868 8.58 16.96 57.20
CA PHE A 868 8.01 15.77 56.58
C PHE A 868 6.62 15.42 57.09
N ASN A 869 6.27 15.88 58.29
CA ASN A 869 4.93 15.60 58.82
C ASN A 869 3.87 16.44 58.14
N ILE A 870 4.24 17.63 57.65
CA ILE A 870 3.27 18.46 56.94
C ILE A 870 2.85 17.80 55.63
N LEU A 871 3.69 16.91 55.08
CA LEU A 871 3.30 16.14 53.90
C LEU A 871 2.14 15.20 54.24
N ASP A 872 2.27 14.47 55.36
CA ASP A 872 1.19 13.60 55.79
C ASP A 872 -0.07 14.41 56.13
N LEU A 873 0.12 15.57 56.77
CA LEU A 873 -1.03 16.40 57.09
C LEU A 873 -1.77 16.86 55.85
N LEU A 874 -1.02 17.31 54.83
CA LEU A 874 -1.63 17.76 53.58
C LEU A 874 -2.33 16.61 52.87
N VAL A 875 -1.70 15.42 52.87
CA VAL A 875 -2.30 14.26 52.23
C VAL A 875 -3.61 13.89 52.91
N VAL A 876 -3.62 13.88 54.25
CA VAL A 876 -4.83 13.56 54.98
C VAL A 876 -5.91 14.61 54.73
N ALA A 877 -5.51 15.88 54.67
CA ALA A 877 -6.49 16.94 54.42
C ALA A 877 -7.13 16.79 53.05
N VAL A 878 -6.32 16.53 52.01
CA VAL A 878 -6.88 16.42 50.67
C VAL A 878 -7.65 15.12 50.50
N SER A 879 -7.35 14.10 51.32
CA SER A 879 -8.15 12.88 51.27
C SER A 879 -9.48 13.07 51.98
N LEU A 880 -9.50 13.77 53.11
CA LEU A 880 -10.73 14.01 53.85
C LEU A 880 -11.63 15.03 53.17
N ILE A 881 -11.06 15.95 52.38
CA ILE A 881 -11.86 16.94 51.68
C ILE A 881 -12.76 16.27 50.65
N SER A 882 -12.42 15.05 50.23
CA SER A 882 -13.26 14.26 49.35
C SER A 882 -14.02 13.16 50.09
N MET A 883 -14.15 13.30 51.41
CA MET A 883 -14.87 12.34 52.25
C MET A 883 -14.31 10.93 52.10
N VAL A 892 -10.22 24.17 39.50
CA VAL A 892 -10.91 22.96 39.06
C VAL A 892 -11.21 22.04 40.25
N VAL A 893 -12.40 21.46 40.25
CA VAL A 893 -12.83 20.60 41.36
C VAL A 893 -12.23 19.21 41.26
N LYS A 894 -11.48 18.90 40.21
CA LYS A 894 -10.80 17.62 40.09
C LYS A 894 -9.28 17.71 40.14
N ILE A 895 -8.71 18.90 40.36
CA ILE A 895 -7.27 19.02 40.52
C ILE A 895 -6.81 18.23 41.75
N LEU A 896 -7.55 18.36 42.84
CA LEU A 896 -7.26 17.64 44.07
C LEU A 896 -7.50 16.13 43.95
N ARG A 897 -8.20 15.69 42.92
CA ARG A 897 -8.33 14.25 42.66
C ARG A 897 -7.02 13.67 42.16
N VAL A 898 -6.26 14.43 41.36
CA VAL A 898 -4.97 13.97 40.91
C VAL A 898 -3.84 14.30 41.88
N LEU A 899 -4.12 15.09 42.92
CA LEU A 899 -3.12 15.47 43.89
C LEU A 899 -2.92 14.42 44.98
N ARG A 900 -3.70 13.34 44.96
CA ARG A 900 -3.54 12.26 45.92
C ARG A 900 -2.48 11.24 45.48
N VAL A 901 -1.67 11.57 44.48
CA VAL A 901 -0.61 10.69 44.02
C VAL A 901 0.64 10.94 44.84
N LEU A 902 0.51 11.74 45.89
CA LEU A 902 1.61 11.97 46.82
C LEU A 902 1.69 10.92 47.92
N ARG A 903 0.75 9.97 47.95
CA ARG A 903 0.81 8.93 48.97
C ARG A 903 2.06 8.06 48.91
N PRO A 904 2.60 7.65 47.75
CA PRO A 904 3.86 6.88 47.78
C PRO A 904 5.05 7.69 48.27
N LEU A 905 4.97 9.02 48.24
CA LEU A 905 6.05 9.85 48.75
C LEU A 905 6.10 9.86 50.28
N ARG A 906 5.09 9.29 50.94
CA ARG A 906 5.10 9.17 52.39
C ARG A 906 6.16 8.21 52.91
N ALA A 907 6.72 7.35 52.03
CA ALA A 907 7.71 6.37 52.44
C ALA A 907 9.12 6.95 52.54
N ILE A 908 9.33 8.20 52.14
CA ILE A 908 10.67 8.80 52.20
C ILE A 908 11.12 8.93 53.65
N ASN A 909 10.22 9.42 54.53
CA ASN A 909 10.61 9.65 55.92
C ASN A 909 10.76 8.34 56.67
N ARG A 910 9.89 7.36 56.40
CA ARG A 910 9.91 6.11 57.15
C ARG A 910 11.20 5.34 56.91
N ALA A 911 11.68 5.32 55.67
CA ALA A 911 12.88 4.57 55.31
C ALA A 911 14.08 5.51 55.35
N LYS A 912 15.06 5.18 56.19
CA LYS A 912 16.27 5.99 56.28
C LYS A 912 17.05 5.98 54.97
N GLY A 913 17.18 4.81 54.35
CA GLY A 913 17.91 4.71 53.10
C GLY A 913 17.26 5.49 51.97
N LEU A 914 15.93 5.48 51.91
CA LEU A 914 15.22 6.24 50.89
C LEU A 914 15.46 7.74 51.07
N LYS A 915 15.40 8.23 52.31
CA LYS A 915 15.69 9.63 52.56
C LYS A 915 17.13 9.96 52.20
N HIS A 916 18.06 9.07 52.53
CA HIS A 916 19.47 9.31 52.19
C HIS A 916 19.69 9.39 50.69
N VAL A 917 19.07 8.48 49.92
CA VAL A 917 19.28 8.51 48.48
C VAL A 917 18.59 9.71 47.85
N VAL A 918 17.45 10.13 48.39
CA VAL A 918 16.81 11.35 47.90
C VAL A 918 17.71 12.56 48.15
N GLN A 919 18.29 12.65 49.34
CA GLN A 919 19.21 13.75 49.64
C GLN A 919 20.43 13.70 48.73
N CYS A 920 20.96 12.50 48.48
CA CYS A 920 22.11 12.35 47.60
C CYS A 920 21.79 12.79 46.18
N VAL A 921 20.61 12.43 45.67
CA VAL A 921 20.27 12.81 44.30
C VAL A 921 20.01 14.31 44.22
N PHE A 922 19.47 14.93 45.27
CA PHE A 922 19.33 16.38 45.28
C PHE A 922 20.69 17.07 45.28
N VAL A 923 21.64 16.54 46.06
CA VAL A 923 22.99 17.10 46.08
C VAL A 923 23.64 16.95 44.70
N ALA A 924 23.42 15.81 44.05
CA ALA A 924 23.93 15.61 42.70
C ALA A 924 23.30 16.59 41.72
N ILE A 925 22.00 16.85 41.86
CA ILE A 925 21.33 17.81 40.99
C ILE A 925 21.94 19.19 41.16
N ARG A 926 22.13 19.62 42.41
CA ARG A 926 22.72 20.93 42.65
C ARG A 926 24.19 20.99 42.22
N THR A 927 24.87 19.86 42.20
CA THR A 927 26.27 19.85 41.74
C THR A 927 26.35 20.14 40.24
N ILE A 928 25.45 19.56 39.45
CA ILE A 928 25.46 19.73 38.00
C ILE A 928 24.49 20.88 37.68
N GLY A 929 25.01 22.10 37.67
CA GLY A 929 24.20 23.26 37.36
C GLY A 929 24.75 24.12 36.24
N ASN A 930 26.07 24.07 36.04
CA ASN A 930 26.69 24.88 35.00
C ASN A 930 26.45 24.30 33.61
N ILE A 931 26.66 22.98 33.46
CA ILE A 931 26.50 22.34 32.17
C ILE A 931 25.07 22.45 31.68
N VAL A 932 24.10 22.27 32.59
CA VAL A 932 22.69 22.40 32.22
C VAL A 932 22.42 23.79 31.66
N LEU A 933 22.90 24.83 32.35
CA LEU A 933 22.64 26.19 31.91
C LEU A 933 23.30 26.51 30.58
N VAL A 934 24.57 26.12 30.42
CA VAL A 934 25.25 26.45 29.16
C VAL A 934 24.66 25.67 28.00
N THR A 935 24.27 24.41 28.23
CA THR A 935 23.62 23.63 27.19
C THR A 935 22.29 24.23 26.79
N THR A 936 21.49 24.67 27.77
CA THR A 936 20.22 25.30 27.46
C THR A 936 20.42 26.61 26.70
N LEU A 937 21.45 27.38 27.07
CA LEU A 937 21.69 28.64 26.39
C LEU A 937 22.17 28.43 24.95
N LEU A 938 23.03 27.42 24.74
CA LEU A 938 23.45 27.09 23.38
C LEU A 938 22.28 26.58 22.55
N GLN A 939 21.41 25.77 23.15
CA GLN A 939 20.20 25.35 22.46
C GLN A 939 19.32 26.55 22.13
N PHE A 940 19.33 27.58 22.98
CA PHE A 940 18.58 28.79 22.67
C PHE A 940 19.15 29.51 21.45
N MET A 941 20.47 29.63 21.36
CA MET A 941 21.06 30.23 20.16
C MET A 941 20.74 29.41 18.92
N PHE A 942 20.83 28.09 19.02
CA PHE A 942 20.52 27.24 17.87
C PHE A 942 19.06 27.35 17.49
N ALA A 943 18.16 27.50 18.46
CA ALA A 943 16.75 27.71 18.16
C ALA A 943 16.54 29.05 17.45
N CYS A 944 17.27 30.09 17.86
CA CYS A 944 17.18 31.36 17.15
C CYS A 944 17.64 31.23 15.70
N ILE A 945 18.74 30.51 15.48
CA ILE A 945 19.23 30.29 14.12
C ILE A 945 18.20 29.50 13.31
N GLY A 946 17.60 28.47 13.91
CA GLY A 946 16.59 27.70 13.23
C GLY A 946 15.34 28.51 12.91
N VAL A 947 14.97 29.43 13.80
CA VAL A 947 13.87 30.35 13.50
C VAL A 947 14.21 31.21 12.30
N GLN A 948 15.44 31.73 12.26
CA GLN A 948 15.85 32.53 11.12
C GLN A 948 15.86 31.72 9.83
N LEU A 949 16.13 30.42 9.93
CA LEU A 949 16.31 29.59 8.73
C LEU A 949 14.99 29.03 8.20
N PHE A 950 14.08 28.61 9.09
CA PHE A 950 12.89 27.88 8.69
C PHE A 950 11.63 28.52 9.24
N LYS A 951 11.53 29.85 9.15
CA LYS A 951 10.36 30.56 9.66
C LYS A 951 9.27 30.53 8.60
N GLY A 952 8.19 29.79 8.87
CA GLY A 952 7.06 29.71 7.97
C GLY A 952 7.19 28.69 6.86
N LYS A 953 8.33 28.03 6.74
CA LYS A 953 8.60 27.13 5.62
C LYS A 953 8.14 25.70 5.89
N PHE A 954 7.48 25.43 7.00
CA PHE A 954 7.04 24.08 7.35
C PHE A 954 5.55 23.89 7.14
N PHE A 955 5.00 24.51 6.10
CA PHE A 955 3.61 24.32 5.70
C PHE A 955 3.55 23.43 4.47
N SER A 956 2.44 22.71 4.33
CA SER A 956 2.31 21.74 3.26
C SER A 956 0.82 21.48 2.99
N CYS A 957 0.56 20.85 1.85
CA CYS A 957 -0.77 20.46 1.44
C CYS A 957 -0.84 18.94 1.37
N ASN A 958 -2.07 18.42 1.27
CA ASN A 958 -2.25 16.97 1.16
C ASN A 958 -1.55 16.42 -0.07
N ASP A 959 -1.84 17.01 -1.24
CA ASP A 959 -1.14 16.68 -2.47
C ASP A 959 -0.08 17.74 -2.73
N LEU A 960 1.13 17.29 -3.00
CA LEU A 960 2.26 18.19 -3.15
C LEU A 960 2.23 18.98 -4.45
N SER A 961 1.16 18.92 -5.23
CA SER A 961 1.04 19.71 -6.44
C SER A 961 0.49 21.11 -6.19
N LYS A 962 -0.12 21.34 -5.03
CA LYS A 962 -0.68 22.64 -4.67
C LYS A 962 0.30 23.32 -3.71
N MET A 963 0.92 24.41 -4.18
CA MET A 963 2.04 25.02 -3.48
C MET A 963 1.64 26.17 -2.56
N THR A 964 0.36 26.54 -2.54
CA THR A 964 -0.07 27.70 -1.77
C THR A 964 -1.36 27.36 -1.04
N GLU A 965 -1.64 28.12 0.01
CA GLU A 965 -2.86 27.89 0.79
C GLU A 965 -4.10 28.10 -0.04
N GLU A 966 -4.12 29.12 -0.89
CA GLU A 966 -5.26 29.36 -1.76
C GLU A 966 -5.43 28.28 -2.82
N GLU A 967 -4.34 27.66 -3.26
CA GLU A 967 -4.45 26.54 -4.19
C GLU A 967 -4.89 25.26 -3.50
N CYS A 968 -4.51 25.06 -2.24
CA CYS A 968 -4.81 23.83 -1.51
C CYS A 968 -6.24 23.89 -0.97
N ARG A 969 -7.19 23.81 -1.91
CA ARG A 969 -8.61 23.80 -1.58
C ARG A 969 -9.30 22.80 -2.48
N GLY A 970 -10.46 22.32 -2.02
CA GLY A 970 -11.23 21.35 -2.78
C GLY A 970 -10.87 19.92 -2.49
N TYR A 971 -11.08 19.04 -3.46
CA TYR A 971 -10.83 17.62 -3.29
C TYR A 971 -9.81 17.15 -4.32
N TYR A 972 -9.17 16.02 -4.03
CA TYR A 972 -8.18 15.43 -4.91
C TYR A 972 -8.23 13.92 -4.78
N TYR A 973 -7.65 13.24 -5.76
CA TYR A 973 -7.65 11.78 -5.82
C TYR A 973 -6.44 11.21 -5.11
N VAL A 974 -6.65 10.13 -4.37
CA VAL A 974 -5.59 9.38 -3.72
C VAL A 974 -5.60 7.97 -4.28
N TYR A 975 -4.44 7.51 -4.75
CA TYR A 975 -4.30 6.20 -5.36
C TYR A 975 -3.62 5.27 -4.37
N LYS A 976 -4.39 4.36 -3.79
CA LYS A 976 -3.86 3.42 -2.81
C LYS A 976 -3.18 2.25 -3.50
N ASP A 977 -2.04 1.83 -2.93
CA ASP A 977 -1.15 0.82 -3.51
C ASP A 977 -0.57 1.26 -4.86
N GLY A 978 -0.67 2.55 -5.18
CA GLY A 978 -0.09 3.09 -6.39
C GLY A 978 -0.82 2.75 -7.67
N ASP A 979 -1.98 2.12 -7.59
CA ASP A 979 -2.72 1.74 -8.78
C ASP A 979 -3.53 2.92 -9.29
N PRO A 980 -3.33 3.35 -10.54
CA PRO A 980 -4.12 4.47 -11.07
C PRO A 980 -5.60 4.18 -11.17
N THR A 981 -6.00 2.91 -11.19
CA THR A 981 -7.40 2.54 -11.31
C THR A 981 -8.12 2.42 -9.98
N GLN A 982 -7.41 2.50 -8.86
CA GLN A 982 -8.01 2.43 -7.53
C GLN A 982 -7.97 3.84 -6.94
N MET A 983 -9.11 4.52 -6.99
CA MET A 983 -9.19 5.93 -6.63
C MET A 983 -9.99 6.12 -5.35
N GLU A 984 -9.71 7.21 -4.65
CA GLU A 984 -10.47 7.61 -3.48
C GLU A 984 -10.36 9.13 -3.35
N LEU A 985 -11.45 9.76 -2.90
CA LEU A 985 -11.52 11.21 -2.80
C LEU A 985 -11.18 11.66 -1.39
N ARG A 986 -10.30 12.64 -1.28
CA ARG A 986 -9.98 13.28 -0.01
C ARG A 986 -10.02 14.79 -0.17
N PRO A 987 -10.47 15.52 0.84
CA PRO A 987 -10.41 16.98 0.78
C PRO A 987 -8.99 17.49 0.92
N ARG A 988 -8.71 18.60 0.25
CA ARG A 988 -7.41 19.25 0.33
C ARG A 988 -7.38 20.18 1.53
N GLN A 989 -6.37 20.03 2.38
CA GLN A 989 -6.24 20.88 3.56
C GLN A 989 -4.79 21.32 3.72
N TRP A 990 -4.61 22.58 4.08
CA TRP A 990 -3.30 23.19 4.28
C TRP A 990 -2.81 22.81 5.68
N ILE A 991 -1.93 21.83 5.75
CA ILE A 991 -1.49 21.29 7.03
C ILE A 991 -0.20 21.97 7.47
N HIS A 992 0.03 21.98 8.77
CA HIS A 992 1.22 22.57 9.37
C HIS A 992 1.95 21.51 10.17
N ASN A 993 3.27 21.49 10.06
CA ASN A 993 4.06 20.46 10.73
C ASN A 993 3.93 20.56 12.23
N ASP A 994 3.93 19.40 12.90
CA ASP A 994 3.77 19.37 14.35
C ASP A 994 4.93 20.05 15.05
N PHE A 995 6.15 19.82 14.58
CA PHE A 995 7.35 20.45 15.14
C PHE A 995 7.92 21.39 14.08
N HIS A 996 7.89 22.69 14.37
CA HIS A 996 8.32 23.70 13.41
C HIS A 996 9.29 24.68 14.06
N PHE A 997 9.61 25.75 13.34
CA PHE A 997 10.54 26.77 13.82
C PHE A 997 9.92 28.16 13.66
N ASP A 998 8.62 28.27 13.88
CA ASP A 998 7.93 29.54 13.68
C ASP A 998 8.37 30.58 14.70
N ASN A 999 8.51 30.19 15.96
CA ASN A 999 8.98 31.07 17.01
C ASN A 999 10.04 30.34 17.83
N VAL A 1000 10.59 31.03 18.83
CA VAL A 1000 11.69 30.47 19.60
C VAL A 1000 11.22 29.28 20.43
N LEU A 1001 9.99 29.31 20.93
CA LEU A 1001 9.51 28.21 21.75
C LEU A 1001 9.31 26.94 20.92
N SER A 1002 8.69 27.07 19.74
CA SER A 1002 8.51 25.92 18.87
C SER A 1002 9.86 25.40 18.38
N ALA A 1003 10.79 26.30 18.09
CA ALA A 1003 12.13 25.88 17.68
C ALA A 1003 12.83 25.13 18.80
N MET A 1004 12.69 25.60 20.04
CA MET A 1004 13.29 24.90 21.17
C MET A 1004 12.68 23.53 21.37
N MET A 1005 11.36 23.41 21.21
CA MET A 1005 10.72 22.10 21.31
C MET A 1005 11.23 21.16 20.20
N SER A 1006 11.35 21.66 18.97
CA SER A 1006 11.86 20.84 17.88
C SER A 1006 13.29 20.40 18.14
N LEU A 1007 14.13 21.32 18.63
CA LEU A 1007 15.53 20.97 18.90
C LEU A 1007 15.65 20.00 20.08
N PHE A 1008 14.76 20.11 21.06
CA PHE A 1008 14.74 19.14 22.15
C PHE A 1008 14.36 17.76 21.62
N THR A 1009 13.38 17.68 20.72
CA THR A 1009 13.04 16.40 20.11
C THR A 1009 14.21 15.85 19.30
N VAL A 1010 14.93 16.74 18.60
CA VAL A 1010 16.09 16.31 17.81
C VAL A 1010 17.18 15.74 18.72
N SER A 1011 17.44 16.41 19.84
CA SER A 1011 18.52 16.00 20.73
C SER A 1011 18.27 14.64 21.36
N THR A 1012 17.03 14.15 21.35
CA THR A 1012 16.71 12.81 21.82
C THR A 1012 16.73 11.77 20.70
N PHE A 1013 17.13 12.17 19.49
CA PHE A 1013 17.26 11.27 18.35
C PHE A 1013 15.93 10.59 18.03
N GLU A 1014 14.83 11.31 18.16
CA GLU A 1014 13.50 10.77 17.89
C GLU A 1014 12.83 11.64 16.84
N GLY A 1015 12.66 11.11 15.64
CA GLY A 1015 12.03 11.82 14.56
C GLY A 1015 12.87 12.90 13.93
N TRP A 1016 14.18 12.92 14.20
CA TRP A 1016 15.04 13.95 13.64
C TRP A 1016 15.26 13.79 12.13
N PRO A 1017 15.27 12.56 11.56
CA PRO A 1017 15.32 12.49 10.09
C PRO A 1017 14.11 13.13 9.42
N GLN A 1018 12.93 13.03 10.02
CA GLN A 1018 11.75 13.64 9.44
C GLN A 1018 11.87 15.16 9.42
N LEU A 1019 12.33 15.74 10.52
CA LEU A 1019 12.56 17.18 10.57
C LEU A 1019 13.65 17.58 9.57
N LEU A 1020 14.69 16.77 9.45
CA LEU A 1020 15.77 17.07 8.53
C LEU A 1020 15.27 17.11 7.09
N TYR A 1021 14.46 16.13 6.69
CA TYR A 1021 13.96 16.08 5.33
C TYR A 1021 12.87 17.11 5.07
N ARG A 1022 12.12 17.49 6.10
CA ARG A 1022 11.17 18.59 5.94
C ARG A 1022 11.90 19.91 5.75
N ALA A 1023 13.03 20.10 6.45
CA ALA A 1023 13.80 21.32 6.33
C ALA A 1023 14.57 21.39 5.01
N ILE A 1024 14.99 20.24 4.48
CA ILE A 1024 15.69 20.23 3.20
C ILE A 1024 14.77 20.72 2.09
N ASP A 1025 13.50 20.35 2.15
CA ASP A 1025 12.53 20.71 1.13
C ASP A 1025 11.90 22.08 1.36
N SER A 1026 12.29 22.79 2.41
CA SER A 1026 11.71 24.09 2.71
C SER A 1026 11.95 25.06 1.55
N ASN A 1027 10.86 25.54 0.94
CA ASN A 1027 10.95 26.36 -0.26
C ASN A 1027 10.89 27.86 0.03
N GLU A 1028 9.77 28.34 0.60
CA GLU A 1028 9.56 29.77 0.73
C GLU A 1028 8.78 30.03 2.03
N GLU A 1029 8.43 31.31 2.23
CA GLU A 1029 7.83 31.72 3.49
C GLU A 1029 6.43 31.15 3.67
N ASP A 1030 5.64 31.06 2.61
CA ASP A 1030 4.28 30.56 2.68
C ASP A 1030 4.00 29.64 1.49
N MET A 1031 4.95 28.77 1.17
CA MET A 1031 4.84 27.88 0.03
C MET A 1031 5.15 26.45 0.46
N GLY A 1032 4.66 25.50 -0.32
CA GLY A 1032 4.85 24.10 -0.04
C GLY A 1032 6.27 23.63 -0.32
N PRO A 1033 6.58 22.41 0.08
CA PRO A 1033 7.95 21.92 -0.07
C PRO A 1033 8.30 21.61 -1.53
N VAL A 1034 9.60 21.68 -1.81
CA VAL A 1034 10.18 21.28 -3.09
C VAL A 1034 11.16 20.15 -2.83
N TYR A 1035 10.99 19.05 -3.55
CA TYR A 1035 11.79 17.85 -3.29
C TYR A 1035 13.27 18.13 -3.47
N ASN A 1036 14.05 17.86 -2.40
CA ASN A 1036 15.50 18.04 -2.41
C ASN A 1036 15.90 19.46 -2.79
N ASN A 1037 15.16 20.44 -2.26
CA ASN A 1037 15.42 21.83 -2.61
C ASN A 1037 16.77 22.31 -2.08
N ARG A 1038 17.03 22.08 -0.79
CA ARG A 1038 18.24 22.58 -0.13
C ARG A 1038 18.86 21.45 0.68
N VAL A 1039 19.74 20.67 0.06
CA VAL A 1039 20.42 19.60 0.77
C VAL A 1039 21.44 20.15 1.76
N GLU A 1040 21.92 21.38 1.54
CA GLU A 1040 22.90 21.99 2.42
C GLU A 1040 22.32 22.28 3.81
N MET A 1041 21.00 22.23 3.98
CA MET A 1041 20.41 22.44 5.29
C MET A 1041 20.70 21.32 6.26
N ALA A 1042 21.24 20.18 5.79
CA ALA A 1042 21.65 19.11 6.68
C ALA A 1042 22.83 19.51 7.56
N ILE A 1043 23.59 20.53 7.15
CA ILE A 1043 24.71 20.99 7.97
C ILE A 1043 24.22 21.49 9.32
N PHE A 1044 23.10 22.22 9.33
CA PHE A 1044 22.53 22.73 10.57
C PHE A 1044 22.24 21.59 11.55
N PHE A 1045 21.51 20.58 11.09
CA PHE A 1045 21.12 19.48 11.97
C PHE A 1045 22.33 18.66 12.40
N ILE A 1046 23.27 18.40 11.48
CA ILE A 1046 24.43 17.60 11.83
C ILE A 1046 25.31 18.32 12.85
N ILE A 1047 25.52 19.62 12.67
CA ILE A 1047 26.31 20.40 13.60
C ILE A 1047 25.61 20.46 14.96
N TYR A 1048 24.30 20.64 14.97
CA TYR A 1048 23.58 20.67 16.24
C TYR A 1048 23.69 19.34 16.97
N ILE A 1049 23.58 18.22 16.23
CA ILE A 1049 23.68 16.91 16.85
C ILE A 1049 25.09 16.68 17.41
N ILE A 1050 26.11 17.05 16.65
CA ILE A 1050 27.49 16.85 17.11
C ILE A 1050 27.77 17.70 18.33
N LEU A 1051 27.37 18.97 18.31
CA LEU A 1051 27.67 19.87 19.41
C LEU A 1051 26.89 19.52 20.66
N ILE A 1052 25.57 19.33 20.53
CA ILE A 1052 24.71 19.19 21.70
C ILE A 1052 24.53 17.73 22.07
N ALA A 1053 23.96 16.94 21.17
CA ALA A 1053 23.61 15.56 21.48
C ALA A 1053 24.83 14.66 21.64
N PHE A 1054 26.02 15.13 21.27
CA PHE A 1054 27.22 14.32 21.34
C PHE A 1054 28.28 14.88 22.28
N PHE A 1055 28.62 16.17 22.14
CA PHE A 1055 29.73 16.73 22.90
C PHE A 1055 29.30 17.13 24.31
N MET A 1056 28.34 18.05 24.43
CA MET A 1056 27.94 18.52 25.74
C MET A 1056 27.21 17.44 26.54
N MET A 1057 26.48 16.56 25.86
CA MET A 1057 25.82 15.45 26.57
C MET A 1057 26.84 14.52 27.19
N ASN A 1058 27.94 14.25 26.48
CA ASN A 1058 28.97 13.37 27.02
C ASN A 1058 29.70 13.99 28.20
N ILE A 1059 29.90 15.31 28.16
CA ILE A 1059 30.53 16.00 29.29
C ILE A 1059 29.64 15.90 30.53
N PHE A 1060 28.32 16.01 30.34
CA PHE A 1060 27.39 15.85 31.45
C PHE A 1060 27.52 14.46 32.07
N VAL A 1061 27.60 13.43 31.23
CA VAL A 1061 27.78 12.07 31.73
C VAL A 1061 29.16 11.94 32.38
N GLY A 1062 30.19 12.51 31.76
CA GLY A 1062 31.52 12.48 32.33
C GLY A 1062 31.67 13.30 33.59
N PHE A 1063 30.83 14.32 33.77
CA PHE A 1063 30.86 15.10 35.00
C PHE A 1063 30.46 14.25 36.20
N VAL A 1064 29.40 13.46 36.06
CA VAL A 1064 28.93 12.63 37.17
C VAL A 1064 29.97 11.56 37.50
N ILE A 1065 30.65 11.01 36.49
CA ILE A 1065 31.62 9.95 36.72
C ILE A 1065 32.76 10.45 37.60
N VAL A 1066 33.35 11.59 37.23
CA VAL A 1066 34.47 12.13 38.01
C VAL A 1066 33.98 12.64 39.37
N THR A 1067 32.79 13.23 39.41
CA THR A 1067 32.26 13.72 40.68
C THR A 1067 32.07 12.57 41.66
N PHE A 1068 31.54 11.44 41.20
CA PHE A 1068 31.36 10.29 42.08
C PHE A 1068 32.69 9.61 42.39
N GLN A 1069 33.65 9.66 41.46
CA GLN A 1069 34.98 9.14 41.74
C GLN A 1069 35.68 9.93 42.84
N GLU A 1070 35.40 11.23 42.91
CA GLU A 1070 36.00 12.05 43.98
C GLU A 1070 35.53 11.58 45.35
N GLN A 1071 34.24 11.22 45.47
CA GLN A 1071 33.67 10.77 46.73
C GLN A 1071 33.89 9.29 46.98
N GLY A 1072 34.53 8.57 46.06
CA GLY A 1072 34.78 7.15 46.23
C GLY A 1072 35.93 6.85 47.18
N ASP A 1082 48.53 2.78 52.26
CA ASP A 1082 47.94 2.49 50.95
C ASP A 1082 46.60 1.78 51.14
N LYS A 1083 46.04 1.27 50.04
CA LYS A 1083 44.77 0.56 50.09
C LYS A 1083 44.85 -0.88 49.61
N ASN A 1084 45.79 -1.22 48.73
CA ASN A 1084 45.94 -2.61 48.29
C ASN A 1084 46.32 -3.51 49.46
N GLN A 1085 47.28 -3.06 50.29
CA GLN A 1085 47.67 -3.83 51.46
C GLN A 1085 46.51 -3.95 52.45
N ARG A 1086 45.73 -2.88 52.59
CA ARG A 1086 44.56 -2.93 53.47
C ARG A 1086 43.56 -3.96 52.98
N GLN A 1087 43.30 -4.00 51.67
CA GLN A 1087 42.38 -4.99 51.13
C GLN A 1087 42.92 -6.40 51.33
N CYS A 1088 44.22 -6.60 51.10
CA CYS A 1088 44.80 -7.92 51.27
C CYS A 1088 44.73 -8.39 52.72
N VAL A 1089 45.03 -7.49 53.66
CA VAL A 1089 44.99 -7.88 55.07
C VAL A 1089 43.55 -8.11 55.53
N GLN A 1090 42.59 -7.35 54.97
CA GLN A 1090 41.19 -7.61 55.28
C GLN A 1090 40.75 -8.96 54.77
N TYR A 1091 41.18 -9.33 53.56
CA TYR A 1091 40.89 -10.66 53.04
C TYR A 1091 41.49 -11.73 53.95
N ALA A 1092 42.75 -11.54 54.35
CA ALA A 1092 43.41 -12.53 55.19
C ALA A 1092 42.70 -12.67 56.54
N LEU A 1093 42.25 -11.56 57.11
CA LEU A 1093 41.58 -11.60 58.41
C LEU A 1093 40.20 -12.24 58.30
N LYS A 1094 39.45 -11.93 57.25
CA LYS A 1094 38.05 -12.30 57.16
C LYS A 1094 37.78 -13.51 56.25
N ALA A 1095 38.83 -14.15 55.73
CA ALA A 1095 38.63 -15.30 54.87
C ALA A 1095 38.23 -16.53 55.68
N ARG A 1096 37.50 -17.44 55.04
CA ARG A 1096 37.14 -18.72 55.62
C ARG A 1096 37.36 -19.83 54.60
N PRO A 1097 37.79 -21.01 55.05
CA PRO A 1097 37.99 -22.12 54.12
C PRO A 1097 36.67 -22.65 53.59
N LEU A 1098 36.74 -23.28 52.42
CA LEU A 1098 35.58 -23.85 51.75
C LEU A 1098 35.70 -25.36 51.66
N ARG A 1099 34.55 -26.03 51.68
CA ARG A 1099 34.51 -27.48 51.68
C ARG A 1099 34.90 -28.04 50.32
N CYS A 1100 35.56 -29.19 50.34
CA CYS A 1100 35.96 -29.91 49.13
C CYS A 1100 35.31 -31.26 48.97
N TYR A 1101 34.91 -31.91 50.07
CA TYR A 1101 34.19 -33.18 50.05
C TYR A 1101 35.00 -34.28 49.34
N ILE A 1102 36.14 -34.60 49.96
CA ILE A 1102 36.93 -35.75 49.54
C ILE A 1102 36.26 -37.00 50.09
N PRO A 1103 35.86 -37.95 49.24
CA PRO A 1103 35.10 -39.11 49.71
C PRO A 1103 35.95 -40.32 50.05
N LYS A 1104 35.44 -41.11 50.99
CA LYS A 1104 35.99 -42.41 51.33
C LYS A 1104 35.29 -43.47 50.48
N ASN A 1105 35.40 -44.76 50.85
CA ASN A 1105 34.78 -45.85 50.11
C ASN A 1105 35.33 -45.87 48.69
N PRO A 1106 36.56 -46.34 48.50
CA PRO A 1106 37.24 -46.21 47.19
C PRO A 1106 36.39 -46.60 45.98
N TYR A 1107 35.41 -47.50 46.16
CA TYR A 1107 34.49 -47.79 45.06
C TYR A 1107 33.77 -46.52 44.61
N GLN A 1108 33.41 -45.66 45.56
CA GLN A 1108 32.89 -44.33 45.23
C GLN A 1108 34.00 -43.35 44.86
N TYR A 1109 35.23 -43.59 45.32
CA TYR A 1109 36.34 -42.71 44.95
C TYR A 1109 36.62 -42.81 43.45
N GLN A 1110 36.44 -43.98 42.86
CA GLN A 1110 36.65 -44.10 41.41
C GLN A 1110 35.64 -43.24 40.63
N VAL A 1111 34.37 -43.26 41.03
CA VAL A 1111 33.38 -42.46 40.32
C VAL A 1111 33.59 -40.98 40.61
N TRP A 1112 34.08 -40.64 41.81
CA TRP A 1112 34.41 -39.24 42.08
C TRP A 1112 35.58 -38.79 41.22
N TYR A 1113 36.54 -39.69 40.98
CA TYR A 1113 37.69 -39.34 40.14
C TYR A 1113 37.27 -39.17 38.69
N VAL A 1114 36.41 -40.05 38.18
CA VAL A 1114 35.97 -39.91 36.79
C VAL A 1114 35.08 -38.69 36.63
N VAL A 1115 34.26 -38.37 37.63
CA VAL A 1115 33.38 -37.22 37.53
C VAL A 1115 34.17 -35.92 37.60
N THR A 1116 35.12 -35.83 38.55
CA THR A 1116 35.84 -34.58 38.77
C THR A 1116 36.91 -34.35 37.71
N SER A 1117 37.28 -35.37 36.95
CA SER A 1117 38.31 -35.20 35.93
C SER A 1117 37.88 -34.20 34.87
N SER A 1118 38.85 -33.43 34.36
CA SER A 1118 38.56 -32.42 33.35
C SER A 1118 38.01 -33.02 32.07
N TYR A 1119 38.32 -34.29 31.78
CA TYR A 1119 37.79 -34.93 30.58
C TYR A 1119 36.27 -35.00 30.61
N PHE A 1120 35.69 -35.32 31.78
CA PHE A 1120 34.24 -35.38 31.90
C PHE A 1120 33.59 -34.03 31.64
N GLU A 1121 34.16 -32.96 32.22
CA GLU A 1121 33.59 -31.64 32.02
C GLU A 1121 33.76 -31.17 30.58
N TYR A 1122 34.88 -31.52 29.95
CA TYR A 1122 35.05 -31.19 28.53
C TYR A 1122 34.01 -31.93 27.68
N LEU A 1123 33.81 -33.22 27.97
CA LEU A 1123 32.83 -34.00 27.22
C LEU A 1123 31.43 -33.41 27.37
N MET A 1124 31.05 -33.03 28.58
CA MET A 1124 29.68 -32.55 28.74
C MET A 1124 29.53 -31.10 28.30
N PHE A 1125 30.61 -30.31 28.28
CA PHE A 1125 30.55 -29.02 27.58
C PHE A 1125 30.31 -29.23 26.10
N ALA A 1126 30.97 -30.22 25.51
CA ALA A 1126 30.71 -30.55 24.11
C ALA A 1126 29.26 -30.99 23.91
N LEU A 1127 28.74 -31.80 24.83
CA LEU A 1127 27.35 -32.25 24.72
C LEU A 1127 26.38 -31.08 24.84
N ILE A 1128 26.66 -30.13 25.73
CA ILE A 1128 25.82 -28.94 25.86
C ILE A 1128 25.85 -28.14 24.56
N MET A 1129 27.04 -27.98 23.98
CA MET A 1129 27.15 -27.27 22.71
C MET A 1129 26.36 -27.97 21.62
N LEU A 1130 26.44 -29.30 21.57
CA LEU A 1130 25.70 -30.07 20.56
C LEU A 1130 24.20 -29.93 20.75
N ASN A 1131 23.74 -29.95 22.01
CA ASN A 1131 22.31 -29.76 22.28
C ASN A 1131 21.86 -28.37 21.85
N THR A 1132 22.67 -27.35 22.12
CA THR A 1132 22.34 -25.99 21.69
C THR A 1132 22.27 -25.91 20.17
N ILE A 1133 23.21 -26.56 19.48
CA ILE A 1133 23.19 -26.55 18.02
C ILE A 1133 21.94 -27.24 17.49
N CYS A 1134 21.57 -28.37 18.09
CA CYS A 1134 20.35 -29.07 17.67
C CYS A 1134 19.10 -28.24 17.96
N LEU A 1135 19.12 -27.44 19.02
CA LEU A 1135 17.96 -26.61 19.35
C LEU A 1135 17.72 -25.53 18.31
N GLY A 1136 18.79 -24.99 17.71
CA GLY A 1136 18.65 -23.96 16.70
C GLY A 1136 18.30 -24.45 15.32
N MET A 1137 18.21 -25.75 15.11
CA MET A 1137 17.91 -26.31 13.81
C MET A 1137 16.42 -26.33 13.50
N GLN A 1138 15.56 -26.11 14.48
CA GLN A 1138 14.13 -26.12 14.23
C GLN A 1138 13.72 -24.89 13.44
N HIS A 1139 12.67 -25.05 12.62
CA HIS A 1139 12.19 -23.98 11.76
C HIS A 1139 10.75 -24.25 11.41
N TYR A 1140 10.10 -23.23 10.86
CA TYR A 1140 8.69 -23.31 10.47
C TYR A 1140 8.61 -23.78 9.02
N HIS A 1141 7.95 -24.92 8.81
CA HIS A 1141 7.79 -25.51 7.49
C HIS A 1141 9.13 -25.75 6.80
N HIS A 1148 9.69 -36.03 11.91
CA HIS A 1148 10.07 -35.45 13.20
C HIS A 1148 11.33 -36.13 13.76
N ILE A 1149 12.41 -35.37 13.83
CA ILE A 1149 13.67 -35.88 14.35
C ILE A 1149 14.05 -35.24 15.69
N SER A 1150 13.56 -34.03 15.97
CA SER A 1150 13.88 -33.37 17.23
C SER A 1150 13.35 -34.12 18.45
N ASP A 1151 12.32 -34.96 18.27
CA ASP A 1151 11.73 -35.65 19.41
C ASP A 1151 12.69 -36.68 20.00
N ILE A 1152 13.33 -37.50 19.15
CA ILE A 1152 14.20 -38.55 19.65
C ILE A 1152 15.47 -37.96 20.25
N LEU A 1153 16.00 -36.89 19.64
CA LEU A 1153 17.19 -36.25 20.18
C LEU A 1153 16.91 -35.60 21.53
N ASN A 1154 15.70 -35.05 21.70
CA ASN A 1154 15.30 -34.50 22.99
C ASN A 1154 15.36 -35.58 24.06
N VAL A 1155 14.80 -36.75 23.78
CA VAL A 1155 14.81 -37.85 24.74
C VAL A 1155 16.25 -38.30 25.01
N ALA A 1156 17.07 -38.37 23.96
CA ALA A 1156 18.45 -38.81 24.15
C ALA A 1156 19.21 -37.87 25.07
N PHE A 1157 19.09 -36.56 24.84
CA PHE A 1157 19.77 -35.59 25.68
C PHE A 1157 19.24 -35.64 27.11
N THR A 1158 17.92 -35.79 27.26
CA THR A 1158 17.35 -35.89 28.60
C THR A 1158 17.89 -37.10 29.35
N ILE A 1159 18.02 -38.24 28.66
CA ILE A 1159 18.56 -39.43 29.29
C ILE A 1159 20.02 -39.23 29.68
N ILE A 1160 20.80 -38.59 28.80
CA ILE A 1160 22.22 -38.36 29.11
C ILE A 1160 22.36 -37.47 30.35
N PHE A 1161 21.56 -36.40 30.43
CA PHE A 1161 21.66 -35.52 31.59
C PHE A 1161 21.12 -36.19 32.86
N THR A 1162 20.12 -37.05 32.72
CA THR A 1162 19.66 -37.82 33.87
C THR A 1162 20.74 -38.77 34.37
N LEU A 1163 21.49 -39.39 33.45
CA LEU A 1163 22.63 -40.20 33.86
C LEU A 1163 23.71 -39.37 34.52
N GLU A 1164 23.93 -38.14 34.06
CA GLU A 1164 24.80 -37.22 34.80
C GLU A 1164 24.31 -37.06 36.24
N MET A 1165 23.01 -36.83 36.40
CA MET A 1165 22.47 -36.55 37.73
C MET A 1165 22.62 -37.77 38.64
N ILE A 1166 22.35 -38.96 38.11
CA ILE A 1166 22.56 -40.20 38.87
C ILE A 1166 24.02 -40.34 39.27
N LEU A 1167 24.94 -40.13 38.32
CA LEU A 1167 26.35 -40.32 38.62
C LEU A 1167 26.83 -39.32 39.66
N LYS A 1168 26.41 -38.06 39.55
CA LYS A 1168 26.81 -37.05 40.53
C LYS A 1168 26.25 -37.37 41.91
N LEU A 1169 24.99 -37.81 41.97
CA LEU A 1169 24.41 -38.18 43.26
C LEU A 1169 25.16 -39.35 43.87
N LEU A 1170 25.53 -40.35 43.06
CA LEU A 1170 26.29 -41.48 43.57
C LEU A 1170 27.66 -41.05 44.06
N ALA A 1171 28.33 -40.15 43.33
CA ALA A 1171 29.67 -39.75 43.71
C ALA A 1171 29.68 -38.89 44.96
N PHE A 1172 28.72 -37.98 45.10
CA PHE A 1172 28.70 -37.03 46.20
C PHE A 1172 27.78 -37.46 47.34
N LYS A 1173 27.12 -38.60 47.22
CA LYS A 1173 26.28 -39.17 48.28
C LYS A 1173 25.14 -38.25 48.69
N ALA A 1174 24.70 -37.37 47.78
CA ALA A 1174 23.59 -36.45 47.97
C ALA A 1174 23.80 -35.47 49.14
N ARG A 1175 24.99 -35.46 49.73
CA ARG A 1175 25.29 -34.54 50.83
C ARG A 1175 25.96 -33.26 50.31
N GLY A 1176 27.11 -33.41 49.66
CA GLY A 1176 27.78 -32.29 49.05
C GLY A 1176 27.29 -31.94 47.66
N TYR A 1177 26.41 -32.76 47.09
CA TYR A 1177 25.84 -32.45 45.78
C TYR A 1177 24.98 -31.20 45.84
N PHE A 1178 24.09 -31.12 46.81
CA PHE A 1178 23.19 -29.97 46.92
C PHE A 1178 23.86 -28.76 47.56
N GLY A 1179 25.09 -28.89 48.05
CA GLY A 1179 25.82 -27.74 48.54
C GLY A 1179 26.25 -26.78 47.46
N ASP A 1180 26.33 -27.24 46.22
CA ASP A 1180 26.69 -26.38 45.09
C ASP A 1180 25.43 -25.82 44.45
N PRO A 1181 25.26 -24.50 44.39
CA PRO A 1181 24.06 -23.96 43.71
C PRO A 1181 23.94 -24.37 42.26
N TRP A 1182 25.07 -24.53 41.56
CA TRP A 1182 25.01 -24.99 40.18
C TRP A 1182 24.43 -26.39 40.07
N ASN A 1183 24.76 -27.28 41.01
CA ASN A 1183 24.14 -28.59 41.00
C ASN A 1183 22.65 -28.51 41.28
N VAL A 1184 22.22 -27.55 42.09
CA VAL A 1184 20.79 -27.32 42.28
C VAL A 1184 20.14 -26.91 40.97
N PHE A 1185 20.81 -26.02 40.22
CA PHE A 1185 20.29 -25.60 38.93
C PHE A 1185 20.19 -26.78 37.96
N ASP A 1186 21.21 -27.63 37.94
CA ASP A 1186 21.16 -28.83 37.10
C ASP A 1186 20.04 -29.76 37.51
N PHE A 1187 19.81 -29.94 38.81
CA PHE A 1187 18.70 -30.75 39.28
C PHE A 1187 17.37 -30.19 38.79
N LEU A 1188 17.19 -28.87 38.91
CA LEU A 1188 15.95 -28.24 38.45
C LEU A 1188 15.77 -28.44 36.95
N ILE A 1189 16.84 -28.23 36.18
CA ILE A 1189 16.75 -28.34 34.72
C ILE A 1189 16.43 -29.76 34.31
N VAL A 1190 17.09 -30.75 34.92
CA VAL A 1190 16.86 -32.14 34.52
C VAL A 1190 15.46 -32.59 34.92
N ILE A 1191 14.97 -32.16 36.08
CA ILE A 1191 13.61 -32.52 36.47
C ILE A 1191 12.60 -31.89 35.51
N GLY A 1192 12.80 -30.62 35.15
CA GLY A 1192 11.92 -29.99 34.19
C GLY A 1192 11.93 -30.67 32.84
N SER A 1193 13.12 -31.06 32.38
CA SER A 1193 13.23 -31.76 31.10
C SER A 1193 12.55 -33.12 31.15
N ILE A 1194 12.68 -33.84 32.27
CA ILE A 1194 12.01 -35.13 32.40
C ILE A 1194 10.50 -34.95 32.36
N ILE A 1195 9.98 -33.94 33.07
CA ILE A 1195 8.55 -33.68 33.05
C ILE A 1195 8.09 -33.32 31.65
N ASP A 1196 8.87 -32.51 30.94
CA ASP A 1196 8.52 -32.14 29.57
C ASP A 1196 8.48 -33.35 28.66
N VAL A 1197 9.46 -34.25 28.80
CA VAL A 1197 9.49 -35.46 27.98
C VAL A 1197 8.28 -36.34 28.27
N ILE A 1198 7.96 -36.50 29.56
CA ILE A 1198 6.80 -37.31 29.93
C ILE A 1198 5.52 -36.70 29.37
N LEU A 1199 5.41 -35.37 29.42
CA LEU A 1199 4.23 -34.70 28.90
C LEU A 1199 4.12 -34.88 27.39
N SER A 1200 5.24 -34.77 26.68
CA SER A 1200 5.21 -34.98 25.23
C SER A 1200 4.81 -36.42 24.90
N GLU A 1201 5.33 -37.38 25.65
CA GLU A 1201 4.99 -38.79 25.40
C GLU A 1201 3.51 -39.05 25.68
N ILE A 1202 2.97 -38.48 26.76
CA ILE A 1202 1.57 -38.69 27.08
C ILE A 1202 0.67 -37.96 26.08
N ASP A 1203 1.14 -36.84 25.52
CA ASP A 1203 0.40 -36.18 24.45
C ASP A 1203 0.39 -37.04 23.19
N THR A 1204 1.53 -37.67 22.86
CA THR A 1204 1.56 -38.61 21.75
C THR A 1204 0.69 -39.82 22.00
N PHE A 1205 0.57 -40.24 23.27
CA PHE A 1205 -0.32 -41.35 23.62
C PHE A 1205 -1.78 -40.98 23.33
N LEU A 1206 -2.16 -39.74 23.65
CA LEU A 1206 -3.52 -39.29 23.39
C LEU A 1206 -3.56 -38.30 22.24
N SER A 1232 1.82 -25.87 28.58
CA SER A 1232 2.54 -27.01 28.01
C SER A 1232 3.61 -26.54 27.03
N ALA A 1233 3.37 -25.38 26.42
CA ALA A 1233 4.32 -24.82 25.48
C ALA A 1233 5.56 -24.25 26.16
N PHE A 1234 5.44 -23.77 27.39
CA PHE A 1234 6.57 -23.16 28.07
C PHE A 1234 7.48 -24.17 28.75
N PHE A 1235 7.03 -25.41 28.95
CA PHE A 1235 7.89 -26.42 29.55
C PHE A 1235 9.08 -26.77 28.65
N ARG A 1236 9.01 -26.41 27.36
CA ARG A 1236 10.13 -26.60 26.46
C ARG A 1236 11.27 -25.64 26.73
N LEU A 1237 11.04 -24.58 27.52
CA LEU A 1237 12.10 -23.64 27.85
C LEU A 1237 13.13 -24.22 28.80
N PHE A 1238 12.85 -25.35 29.44
CA PHE A 1238 13.82 -25.95 30.34
C PHE A 1238 15.04 -26.47 29.59
N ARG A 1239 14.84 -26.96 28.37
CA ARG A 1239 15.98 -27.41 27.57
C ARG A 1239 16.83 -26.25 27.08
N VAL A 1240 16.25 -25.05 27.00
CA VAL A 1240 17.03 -23.88 26.63
C VAL A 1240 17.97 -23.49 27.77
N MET A 1241 17.49 -23.57 29.01
CA MET A 1241 18.32 -23.18 30.14
C MET A 1241 19.47 -24.15 30.40
N ARG A 1242 19.64 -25.16 29.54
CA ARG A 1242 20.73 -26.11 29.72
C ARG A 1242 22.09 -25.44 29.55
N LEU A 1243 22.23 -24.52 28.60
CA LEU A 1243 23.51 -23.85 28.38
C LEU A 1243 23.73 -22.69 29.34
N ILE A 1244 22.79 -22.44 30.26
CA ILE A 1244 23.06 -21.53 31.37
C ILE A 1244 24.18 -22.11 32.24
N LYS A 1245 24.18 -23.43 32.44
CA LYS A 1245 25.20 -24.08 33.24
C LYS A 1245 26.57 -24.03 32.59
N LEU A 1246 26.66 -23.65 31.32
CA LEU A 1246 27.96 -23.41 30.71
C LEU A 1246 28.70 -22.25 31.36
N LEU A 1247 27.99 -21.39 32.10
CA LEU A 1247 28.59 -20.25 32.76
C LEU A 1247 29.58 -20.64 33.84
N SER A 1248 29.43 -21.83 34.43
CA SER A 1248 30.30 -22.24 35.52
C SER A 1248 31.75 -22.46 35.09
N ARG A 1249 32.02 -22.54 33.79
CA ARG A 1249 33.37 -22.76 33.30
C ARG A 1249 34.07 -21.48 32.85
N ALA A 1250 33.32 -20.43 32.55
CA ALA A 1250 33.90 -19.14 32.15
C ALA A 1250 34.10 -18.31 33.42
N GLU A 1251 35.32 -18.33 33.95
CA GLU A 1251 35.60 -17.67 35.22
C GLU A 1251 35.43 -16.15 35.11
N GLY A 1252 35.92 -15.55 34.02
CA GLY A 1252 35.82 -14.11 33.88
C GLY A 1252 34.40 -13.62 33.74
N VAL A 1253 33.60 -14.30 32.91
CA VAL A 1253 32.21 -13.89 32.72
C VAL A 1253 31.43 -14.07 34.01
N ARG A 1254 31.64 -15.18 34.70
CA ARG A 1254 30.96 -15.41 35.98
C ARG A 1254 31.35 -14.36 37.01
N THR A 1255 32.64 -14.01 37.07
CA THR A 1255 33.09 -13.00 38.02
C THR A 1255 32.47 -11.64 37.72
N LEU A 1256 32.45 -11.25 36.44
CA LEU A 1256 31.86 -9.96 36.07
C LEU A 1256 30.37 -9.92 36.39
N LEU A 1257 29.66 -11.01 36.05
CA LEU A 1257 28.24 -11.07 36.35
C LEU A 1257 27.99 -11.00 37.85
N TRP A 1258 28.79 -11.73 38.64
CA TRP A 1258 28.59 -11.72 40.08
C TRP A 1258 28.84 -10.35 40.67
N THR A 1259 29.93 -9.69 40.26
CA THR A 1259 30.24 -8.39 40.86
C THR A 1259 29.18 -7.35 40.49
N PHE A 1260 28.71 -7.35 39.25
CA PHE A 1260 27.70 -6.36 38.90
C PHE A 1260 26.35 -6.70 39.53
N ILE A 1261 26.02 -7.98 39.69
CA ILE A 1261 24.77 -8.36 40.33
C ILE A 1261 24.78 -7.97 41.81
N LYS A 1262 25.90 -8.22 42.50
CA LYS A 1262 25.98 -7.83 43.90
C LYS A 1262 26.02 -6.32 44.06
N SER A 1263 26.56 -5.60 43.08
CA SER A 1263 26.48 -4.14 43.11
C SER A 1263 25.03 -3.68 42.98
N PHE A 1264 24.28 -4.29 42.06
CA PHE A 1264 22.86 -3.94 41.93
C PHE A 1264 22.09 -4.26 43.20
N GLN A 1265 22.43 -5.38 43.85
CA GLN A 1265 21.79 -5.73 45.12
C GLN A 1265 22.17 -4.74 46.22
N ALA A 1266 23.39 -4.21 46.16
CA ALA A 1266 23.88 -3.33 47.22
C ALA A 1266 23.09 -2.04 47.30
N LEU A 1267 22.71 -1.48 46.15
CA LEU A 1267 21.98 -0.22 46.08
C LEU A 1267 20.60 -0.44 45.50
N PRO A 1268 19.63 -0.88 46.30
CA PRO A 1268 18.27 -1.07 45.77
C PRO A 1268 17.44 0.19 45.85
N TYR A 1269 17.84 1.13 46.72
CA TYR A 1269 17.06 2.34 46.93
C TYR A 1269 17.13 3.27 45.72
N VAL A 1270 18.26 3.25 45.01
CA VAL A 1270 18.38 4.06 43.80
C VAL A 1270 17.41 3.57 42.74
N ALA A 1271 17.21 2.25 42.65
CA ALA A 1271 16.21 1.70 41.76
C ALA A 1271 14.80 1.98 42.26
N LEU A 1272 14.62 2.06 43.57
CA LEU A 1272 13.30 2.38 44.12
C LEU A 1272 12.86 3.78 43.74
N LEU A 1273 13.81 4.71 43.56
CA LEU A 1273 13.46 6.03 43.07
C LEU A 1273 12.85 5.95 41.66
N ILE A 1274 13.45 5.13 40.79
CA ILE A 1274 12.91 4.95 39.45
C ILE A 1274 11.54 4.28 39.51
N VAL A 1275 11.39 3.30 40.39
CA VAL A 1275 10.10 2.62 40.53
C VAL A 1275 9.02 3.60 40.98
N MET A 1276 9.34 4.47 41.95
CA MET A 1276 8.38 5.45 42.43
C MET A 1276 8.06 6.48 41.35
N LEU A 1277 9.07 6.89 40.58
CA LEU A 1277 8.83 7.81 39.47
C LEU A 1277 7.87 7.20 38.47
N PHE A 1278 8.11 5.94 38.08
CA PHE A 1278 7.22 5.27 37.14
C PHE A 1278 5.82 5.15 37.70
N PHE A 1279 5.69 4.80 38.99
CA PHE A 1279 4.38 4.67 39.60
C PHE A 1279 3.62 5.98 39.57
N ILE A 1280 4.26 7.06 40.03
CA ILE A 1280 3.59 8.35 40.13
C ILE A 1280 3.19 8.84 38.74
N TYR A 1281 4.11 8.74 37.77
CA TYR A 1281 3.80 9.24 36.44
C TYR A 1281 2.74 8.39 35.75
N ALA A 1282 2.73 7.07 36.00
CA ALA A 1282 1.70 6.23 35.43
C ALA A 1282 0.33 6.58 36.00
N VAL A 1283 0.23 6.79 37.31
CA VAL A 1283 -1.05 7.14 37.91
C VAL A 1283 -1.53 8.49 37.37
N ILE A 1284 -0.63 9.47 37.29
CA ILE A 1284 -0.99 10.78 36.75
C ILE A 1284 -1.46 10.64 35.31
N GLY A 1285 -0.79 9.78 34.53
CA GLY A 1285 -1.19 9.59 33.15
C GLY A 1285 -2.56 8.95 33.00
N MET A 1286 -2.87 7.97 33.85
CA MET A 1286 -4.23 7.42 33.83
C MET A 1286 -5.27 8.47 34.18
N GLN A 1287 -4.98 9.32 35.17
CA GLN A 1287 -5.92 10.38 35.51
C GLN A 1287 -6.09 11.36 34.35
N MET A 1288 -5.00 11.69 33.66
CA MET A 1288 -5.02 12.73 32.63
C MET A 1288 -5.46 12.21 31.27
N PHE A 1289 -4.78 11.18 30.76
CA PHE A 1289 -5.00 10.70 29.41
C PHE A 1289 -5.70 9.35 29.37
N GLY A 1290 -6.39 8.97 30.44
CA GLY A 1290 -7.03 7.68 30.48
C GLY A 1290 -8.33 7.55 29.71
N LYS A 1291 -8.89 8.68 29.26
CA LYS A 1291 -10.18 8.67 28.58
C LYS A 1291 -10.05 8.81 27.07
N ILE A 1292 -8.86 8.71 26.52
CA ILE A 1292 -8.65 8.83 25.08
C ILE A 1292 -9.00 7.50 24.42
N ALA A 1293 -9.76 7.57 23.33
CA ALA A 1293 -10.21 6.36 22.65
C ALA A 1293 -9.05 5.66 21.95
N LEU A 1294 -9.22 4.35 21.75
CA LEU A 1294 -8.22 3.52 21.09
C LEU A 1294 -8.59 3.40 19.61
N VAL A 1295 -7.84 4.08 18.76
CA VAL A 1295 -8.11 4.11 17.33
C VAL A 1295 -6.88 3.63 16.59
N ASP A 1296 -7.07 2.72 15.64
CA ASP A 1296 -5.96 2.27 14.79
C ASP A 1296 -5.46 3.41 13.93
N GLY A 1297 -4.16 3.43 13.69
CA GLY A 1297 -3.52 4.50 12.96
C GLY A 1297 -3.05 5.65 13.80
N THR A 1298 -3.36 5.67 15.09
CA THR A 1298 -2.87 6.66 16.03
C THR A 1298 -1.93 6.01 17.03
N GLN A 1299 -1.29 6.84 17.84
CA GLN A 1299 -0.34 6.35 18.83
C GLN A 1299 -1.00 5.86 20.10
N ILE A 1300 -2.28 6.15 20.30
CA ILE A 1300 -3.07 5.61 21.40
C ILE A 1300 -3.98 4.54 20.80
N ASN A 1301 -3.71 3.28 21.12
CA ASN A 1301 -4.40 2.18 20.48
C ASN A 1301 -4.45 1.00 21.46
N ARG A 1302 -4.78 -0.18 20.94
CA ARG A 1302 -4.93 -1.36 21.78
C ARG A 1302 -3.63 -1.78 22.46
N ASN A 1303 -2.48 -1.38 21.92
CA ASN A 1303 -1.19 -1.75 22.48
C ASN A 1303 -0.51 -0.63 23.24
N ASN A 1304 -1.05 0.59 23.20
CA ASN A 1304 -0.41 1.75 23.80
C ASN A 1304 -1.49 2.69 24.27
N ASN A 1305 -1.71 2.74 25.59
CA ASN A 1305 -2.75 3.62 26.14
C ASN A 1305 -2.49 3.80 27.64
N PHE A 1306 -3.32 4.64 28.26
CA PHE A 1306 -3.26 4.90 29.69
C PHE A 1306 -4.48 4.34 30.42
N GLN A 1307 -5.17 3.37 29.83
CA GLN A 1307 -6.44 2.93 30.38
C GLN A 1307 -6.26 2.08 31.63
N THR A 1308 -5.19 1.29 31.71
CA THR A 1308 -4.91 0.48 32.87
C THR A 1308 -3.49 0.77 33.35
N PHE A 1309 -3.23 0.43 34.61
CA PHE A 1309 -1.90 0.65 35.18
C PHE A 1309 -0.80 -0.10 34.45
N PRO A 1310 -0.93 -1.40 34.15
CA PRO A 1310 0.14 -2.05 33.37
C PRO A 1310 0.38 -1.42 32.01
N GLN A 1311 -0.69 -0.99 31.33
CA GLN A 1311 -0.53 -0.34 30.03
C GLN A 1311 0.20 1.00 30.17
N ALA A 1312 -0.14 1.78 31.21
CA ALA A 1312 0.55 3.03 31.44
C ALA A 1312 2.02 2.82 31.75
N VAL A 1313 2.33 1.80 32.56
CA VAL A 1313 3.73 1.50 32.88
C VAL A 1313 4.48 1.07 31.64
N LEU A 1314 3.86 0.25 30.79
CA LEU A 1314 4.50 -0.15 29.54
C LEU A 1314 4.74 1.04 28.63
N LEU A 1315 3.77 1.96 28.55
CA LEU A 1315 3.96 3.17 27.75
C LEU A 1315 5.12 4.00 28.27
N LEU A 1316 5.22 4.18 29.59
CA LEU A 1316 6.31 4.95 30.16
C LEU A 1316 7.65 4.25 29.92
N PHE A 1317 7.68 2.92 30.01
CA PHE A 1317 8.91 2.19 29.74
C PHE A 1317 9.33 2.35 28.29
N ARG A 1318 8.36 2.31 27.36
CA ARG A 1318 8.67 2.53 25.96
C ARG A 1318 9.21 3.94 25.74
N CYS A 1319 8.63 4.93 26.40
CA CYS A 1319 9.14 6.30 26.31
C CYS A 1319 10.54 6.42 26.88
N ALA A 1320 10.86 5.63 27.91
CA ALA A 1320 12.19 5.67 28.50
C ALA A 1320 13.25 5.13 27.53
N THR A 1321 12.91 4.08 26.78
CA THR A 1321 13.85 3.45 25.87
C THR A 1321 14.02 4.20 24.55
N GLY A 1322 13.58 5.45 24.49
CA GLY A 1322 13.78 6.26 23.30
C GLY A 1322 13.05 5.76 22.06
N GLU A 1323 11.78 5.43 22.20
CA GLU A 1323 10.94 5.13 21.05
C GLU A 1323 10.27 6.43 20.60
N ALA A 1324 9.24 6.33 19.77
CA ALA A 1324 8.60 7.52 19.24
C ALA A 1324 7.75 8.19 20.33
N TRP A 1325 8.42 8.76 21.33
CA TRP A 1325 7.69 9.35 22.45
C TRP A 1325 7.04 10.68 22.07
N GLN A 1326 7.65 11.43 21.15
CA GLN A 1326 7.04 12.69 20.73
C GLN A 1326 5.75 12.45 19.97
N GLU A 1327 5.64 11.32 19.27
CA GLU A 1327 4.38 10.97 18.62
C GLU A 1327 3.29 10.72 19.66
N ILE A 1328 3.63 10.04 20.75
CA ILE A 1328 2.68 9.85 21.84
C ILE A 1328 2.32 11.20 22.47
N LEU A 1329 3.29 12.11 22.57
CA LEU A 1329 3.02 13.44 23.09
C LEU A 1329 2.01 14.16 22.22
N LEU A 1330 2.19 14.08 20.90
CA LEU A 1330 1.22 14.71 19.98
C LEU A 1330 -0.12 14.00 20.01
N ALA A 1331 -0.13 12.70 20.36
CA ALA A 1331 -1.37 11.94 20.37
C ALA A 1331 -2.30 12.31 21.51
N CYS A 1332 -1.85 13.14 22.46
CA CYS A 1332 -2.69 13.60 23.56
C CYS A 1332 -2.58 15.12 23.67
N SER A 1333 -3.35 15.85 22.87
CA SER A 1333 -3.41 17.30 23.03
C SER A 1333 -4.79 17.79 22.58
N TYR A 1334 -5.74 17.80 23.52
CA TYR A 1334 -7.03 18.47 23.41
C TYR A 1334 -7.65 18.43 22.01
N GLY A 1335 -7.59 17.29 21.34
CA GLY A 1335 -8.24 17.17 20.05
C GLY A 1335 -8.75 15.78 19.75
N LYS A 1336 -8.70 14.90 20.75
CA LYS A 1336 -8.88 13.47 20.53
C LYS A 1336 -10.31 13.06 20.83
N LEU A 1337 -10.82 12.14 20.01
CA LEU A 1337 -12.14 11.56 20.26
C LEU A 1337 -12.16 10.84 21.59
N CYS A 1338 -13.19 11.13 22.39
CA CYS A 1338 -13.32 10.51 23.69
C CYS A 1338 -13.85 9.09 23.55
N ASP A 1339 -13.45 8.24 24.50
CA ASP A 1339 -13.86 6.84 24.46
C ASP A 1339 -15.37 6.74 24.57
N PRO A 1340 -16.02 5.87 23.78
CA PRO A 1340 -17.49 5.78 23.85
C PRO A 1340 -18.02 5.40 25.21
N GLU A 1341 -17.31 4.53 25.95
CA GLU A 1341 -17.77 4.12 27.27
C GLU A 1341 -17.54 5.20 28.32
N SER A 1342 -16.65 6.15 28.08
CA SER A 1342 -16.44 7.25 29.00
C SER A 1342 -17.66 8.15 29.03
N ASP A 1343 -17.88 8.78 30.19
CA ASP A 1343 -19.05 9.62 30.40
C ASP A 1343 -18.73 11.05 30.01
N TYR A 1344 -19.39 11.54 28.96
CA TYR A 1344 -19.25 12.92 28.52
C TYR A 1344 -20.60 13.45 28.07
N ALA A 1345 -20.73 14.78 28.12
CA ALA A 1345 -21.99 15.39 27.72
C ALA A 1345 -22.22 15.21 26.23
N PRO A 1346 -23.48 15.02 25.81
CA PRO A 1346 -23.75 14.86 24.38
C PRO A 1346 -23.44 16.14 23.61
N GLY A 1347 -23.04 15.96 22.35
CA GLY A 1347 -22.70 17.08 21.51
C GLY A 1347 -21.21 17.25 21.31
N GLU A 1348 -20.43 17.01 22.34
CA GLU A 1348 -18.98 17.12 22.30
C GLU A 1348 -18.36 15.75 22.51
N GLU A 1349 -17.47 15.36 21.60
CA GLU A 1349 -16.79 14.07 21.70
C GLU A 1349 -15.29 14.24 21.52
N TYR A 1350 -14.89 15.28 20.80
CA TYR A 1350 -13.47 15.55 20.54
C TYR A 1350 -12.94 16.57 21.55
N THR A 1351 -13.03 16.20 22.83
CA THR A 1351 -12.55 17.05 23.91
C THR A 1351 -11.58 16.33 24.84
N CYS A 1352 -11.25 15.08 24.57
CA CYS A 1352 -10.29 14.35 25.40
C CYS A 1352 -8.87 14.77 25.05
N GLY A 1353 -7.98 14.61 26.02
CA GLY A 1353 -6.61 15.06 25.86
C GLY A 1353 -6.39 16.44 26.43
N THR A 1354 -5.16 16.70 26.87
CA THR A 1354 -4.80 17.98 27.47
C THR A 1354 -3.47 18.45 26.92
N ASN A 1355 -3.30 19.77 26.92
CA ASN A 1355 -2.02 20.38 26.55
C ASN A 1355 -0.97 20.23 27.63
N PHE A 1356 -1.34 19.69 28.79
CA PHE A 1356 -0.41 19.35 29.86
C PHE A 1356 0.55 18.23 29.43
N ALA A 1357 0.26 17.55 28.32
CA ALA A 1357 1.10 16.45 27.87
C ALA A 1357 2.52 16.91 27.54
N TYR A 1358 2.69 18.16 27.11
CA TYR A 1358 4.04 18.66 26.83
C TYR A 1358 4.89 18.64 28.09
N TYR A 1359 4.38 19.26 29.16
CA TYR A 1359 5.09 19.23 30.45
C TYR A 1359 5.27 17.80 30.92
N TYR A 1360 4.20 16.99 30.83
CA TYR A 1360 4.25 15.62 31.31
C TYR A 1360 5.39 14.84 30.66
N PHE A 1361 5.43 14.83 29.33
CA PHE A 1361 6.39 13.99 28.62
C PHE A 1361 7.80 14.57 28.72
N ILE A 1362 7.96 15.89 28.62
CA ILE A 1362 9.30 16.47 28.71
C ILE A 1362 9.90 16.23 30.08
N SER A 1363 9.12 16.49 31.13
CA SER A 1363 9.61 16.28 32.50
C SER A 1363 9.90 14.80 32.75
N PHE A 1364 9.04 13.90 32.27
CA PHE A 1364 9.31 12.48 32.47
C PHE A 1364 10.58 12.06 31.75
N TYR A 1365 10.79 12.53 30.52
CA TYR A 1365 12.00 12.16 29.80
C TYR A 1365 13.24 12.63 30.53
N MET A 1366 13.25 13.89 30.96
CA MET A 1366 14.42 14.42 31.66
C MET A 1366 14.67 13.68 32.97
N LEU A 1367 13.60 13.46 33.76
CA LEU A 1367 13.76 12.80 35.06
C LEU A 1367 14.23 11.37 34.90
N CYS A 1368 13.64 10.63 33.94
CA CYS A 1368 14.05 9.25 33.72
C CYS A 1368 15.49 9.16 33.24
N ALA A 1369 15.89 10.05 32.33
CA ALA A 1369 17.27 10.04 31.87
C ALA A 1369 18.23 10.30 33.02
N PHE A 1370 17.94 11.31 33.85
CA PHE A 1370 18.82 11.63 34.96
C PHE A 1370 18.89 10.49 35.97
N LEU A 1371 17.75 9.88 36.29
CA LEU A 1371 17.74 8.80 37.27
C LEU A 1371 18.48 7.57 36.74
N ILE A 1372 18.31 7.24 35.46
CA ILE A 1372 19.02 6.10 34.89
C ILE A 1372 20.52 6.35 34.89
N ILE A 1373 20.93 7.57 34.53
CA ILE A 1373 22.36 7.90 34.56
C ILE A 1373 22.89 7.78 35.99
N ASN A 1374 22.13 8.28 36.97
CA ASN A 1374 22.56 8.22 38.36
C ASN A 1374 22.73 6.77 38.82
N LEU A 1375 21.76 5.91 38.47
CA LEU A 1375 21.85 4.50 38.86
C LEU A 1375 23.05 3.82 38.21
N PHE A 1376 23.27 4.08 36.92
CA PHE A 1376 24.41 3.47 36.23
C PHE A 1376 25.73 3.90 36.86
N VAL A 1377 25.87 5.19 37.14
CA VAL A 1377 27.12 5.68 37.73
C VAL A 1377 27.31 5.15 39.14
N ALA A 1378 26.20 5.01 39.90
CA ALA A 1378 26.31 4.44 41.24
C ALA A 1378 26.81 3.00 41.18
N VAL A 1379 26.26 2.19 40.27
CA VAL A 1379 26.72 0.81 40.14
C VAL A 1379 28.17 0.77 39.70
N ILE A 1380 28.56 1.65 38.76
CA ILE A 1380 29.93 1.68 38.28
C ILE A 1380 30.89 2.03 39.42
N MET A 1381 30.54 3.03 40.23
CA MET A 1381 31.39 3.41 41.35
C MET A 1381 31.44 2.33 42.42
N ASP A 1382 30.35 1.56 42.57
CA ASP A 1382 30.41 0.41 43.48
C ASP A 1382 31.38 -0.64 42.96
N ASN A 1383 31.41 -0.86 41.65
CA ASN A 1383 32.32 -1.84 41.08
C ASN A 1383 33.73 -1.31 40.84
N PHE A 1384 33.97 -0.02 41.08
CA PHE A 1384 35.24 0.59 40.69
C PHE A 1384 36.45 -0.13 41.30
N ASP A 1385 36.28 -0.78 42.45
CA ASP A 1385 37.40 -1.53 43.02
C ASP A 1385 37.85 -2.64 42.08
N TYR A 1386 36.90 -3.37 41.49
CA TYR A 1386 37.24 -4.40 40.52
C TYR A 1386 37.53 -3.83 39.14
N LEU A 1387 36.87 -2.73 38.76
CA LEU A 1387 37.02 -2.19 37.42
C LEU A 1387 38.43 -1.66 37.18
N THR A 1388 38.96 -0.88 38.12
CA THR A 1388 40.31 -0.35 38.02
C THR A 1388 41.23 -1.22 38.86
N ARG A 1389 41.52 -2.40 38.33
CA ARG A 1389 42.34 -3.39 39.01
C ARG A 1389 43.49 -3.81 38.12
N ASP A 1390 44.71 -3.81 38.68
CA ASP A 1390 45.88 -4.31 37.98
C ASP A 1390 45.91 -5.83 38.10
N TRP A 1391 45.78 -6.52 36.98
CA TRP A 1391 45.73 -7.98 36.94
C TRP A 1391 47.11 -8.62 36.96
N SER A 1392 48.14 -7.88 37.36
CA SER A 1392 49.51 -8.38 37.35
C SER A 1392 50.17 -8.36 38.71
N ILE A 1393 49.95 -7.31 39.51
CA ILE A 1393 50.65 -7.18 40.79
C ILE A 1393 50.13 -8.21 41.79
N LEU A 1394 48.86 -8.11 42.16
CA LEU A 1394 48.24 -9.02 43.10
C LEU A 1394 46.75 -8.71 43.14
N GLY A 1395 45.94 -9.74 43.35
CA GLY A 1395 44.51 -9.58 43.40
C GLY A 1395 43.83 -10.68 44.18
N PRO A 1396 42.52 -10.51 44.44
CA PRO A 1396 41.77 -11.55 45.15
C PRO A 1396 41.69 -12.87 44.41
N HIS A 1397 41.93 -12.88 43.10
CA HIS A 1397 41.90 -14.14 42.36
C HIS A 1397 43.02 -15.07 42.80
N HIS A 1398 44.22 -14.53 43.05
CA HIS A 1398 45.31 -15.34 43.56
C HIS A 1398 44.97 -15.94 44.92
N LEU A 1399 44.35 -15.14 45.80
CA LEU A 1399 43.98 -15.65 47.11
C LEU A 1399 42.87 -16.69 47.01
N ASP A 1400 41.94 -16.53 46.07
CA ASP A 1400 40.92 -17.54 45.84
C ASP A 1400 41.55 -18.84 45.34
N GLU A 1401 42.55 -18.74 44.47
CA GLU A 1401 43.27 -19.93 44.03
C GLU A 1401 44.02 -20.58 45.18
N PHE A 1402 44.59 -19.77 46.08
CA PHE A 1402 45.23 -20.31 47.28
C PHE A 1402 44.22 -21.07 48.14
N LYS A 1403 43.02 -20.51 48.30
CA LYS A 1403 41.96 -21.20 49.03
C LYS A 1403 41.59 -22.51 48.35
N ALA A 1404 41.54 -22.51 47.01
CA ALA A 1404 41.20 -23.72 46.28
C ALA A 1404 42.24 -24.81 46.49
N ILE A 1405 43.53 -24.45 46.40
CA ILE A 1405 44.57 -25.45 46.61
C ILE A 1405 44.59 -25.90 48.07
N TRP A 1406 44.27 -25.00 49.00
CA TRP A 1406 44.17 -25.41 50.40
C TRP A 1406 43.06 -26.44 50.60
N ALA A 1407 41.89 -26.19 50.00
CA ALA A 1407 40.81 -27.18 50.05
C ALA A 1407 41.19 -28.47 49.37
N GLU A 1408 42.03 -28.39 48.33
CA GLU A 1408 42.57 -29.59 47.72
C GLU A 1408 43.43 -30.37 48.72
N TYR A 1409 44.24 -29.66 49.50
CA TYR A 1409 45.05 -30.28 50.54
C TYR A 1409 44.32 -30.42 51.86
N ASP A 1410 43.06 -29.98 51.95
CA ASP A 1410 42.29 -30.05 53.20
C ASP A 1410 40.83 -30.26 52.86
N PRO A 1411 40.33 -31.50 52.99
CA PRO A 1411 38.93 -31.77 52.64
C PRO A 1411 37.94 -30.96 53.45
N GLU A 1412 38.00 -31.08 54.77
CA GLU A 1412 37.15 -30.33 55.67
C GLU A 1412 37.92 -29.15 56.25
N ALA A 1413 37.18 -28.13 56.69
CA ALA A 1413 37.81 -26.90 57.18
C ALA A 1413 38.73 -27.18 58.35
N LYS A 1414 38.16 -27.61 59.47
CA LYS A 1414 38.86 -28.06 60.68
C LYS A 1414 40.06 -27.18 61.04
N GLY A 1415 39.97 -25.89 60.75
CA GLY A 1415 41.07 -24.99 61.08
C GLY A 1415 42.24 -25.18 60.14
N ARG A 1416 43.43 -25.33 60.71
CA ARG A 1416 44.66 -25.45 59.95
C ARG A 1416 45.00 -26.93 59.74
N ILE A 1417 46.16 -27.18 59.13
CA ILE A 1417 46.57 -28.54 58.78
C ILE A 1417 47.91 -28.86 59.43
N LYS A 1418 48.44 -30.05 59.15
CA LYS A 1418 49.69 -30.49 59.74
C LYS A 1418 50.85 -29.61 59.29
N HIS A 1419 51.84 -29.46 60.18
CA HIS A 1419 52.97 -28.58 59.91
C HIS A 1419 53.79 -29.09 58.73
N LEU A 1420 54.01 -30.40 58.64
CA LEU A 1420 54.80 -30.96 57.55
C LEU A 1420 54.11 -30.76 56.20
N ASP A 1421 52.78 -30.73 56.19
CA ASP A 1421 52.04 -30.53 54.94
C ASP A 1421 52.06 -29.09 54.47
N VAL A 1422 52.44 -28.14 55.33
CA VAL A 1422 52.52 -26.75 54.91
C VAL A 1422 53.68 -26.54 53.94
N VAL A 1423 54.74 -27.33 54.08
CA VAL A 1423 55.95 -27.12 53.29
C VAL A 1423 55.68 -27.33 51.80
N THR A 1424 54.94 -28.38 51.46
CA THR A 1424 54.78 -28.74 50.05
C THR A 1424 53.91 -27.75 49.30
N LEU A 1425 52.89 -27.17 49.94
CA LEU A 1425 51.95 -26.30 49.24
C LEU A 1425 52.55 -24.95 48.85
N LEU A 1426 53.60 -24.50 49.55
CA LEU A 1426 54.26 -23.26 49.17
C LEU A 1426 54.93 -23.36 47.80
N ARG A 1427 55.31 -24.57 47.38
CA ARG A 1427 55.85 -24.75 46.03
C ARG A 1427 54.80 -24.44 44.97
N ARG A 1428 53.54 -24.83 45.23
CA ARG A 1428 52.46 -24.58 44.29
C ARG A 1428 52.03 -23.11 44.25
N ILE A 1429 52.45 -22.31 45.23
CA ILE A 1429 52.08 -20.91 45.28
C ILE A 1429 52.95 -20.12 44.30
N GLN A 1430 52.30 -19.29 43.48
CA GLN A 1430 53.02 -18.55 42.46
C GLN A 1430 53.93 -17.48 43.08
N PRO A 1431 54.99 -17.09 42.39
CA PRO A 1431 55.92 -16.08 42.92
C PRO A 1431 55.24 -14.77 43.26
N PRO A 1432 54.23 -14.32 42.50
CA PRO A 1432 53.51 -13.10 42.93
C PRO A 1432 52.92 -13.21 44.32
N LEU A 1433 52.45 -14.39 44.73
CA LEU A 1433 51.94 -14.61 46.07
C LEU A 1433 53.00 -15.21 47.00
N GLY A 1434 53.88 -16.05 46.48
CA GLY A 1434 54.93 -16.66 47.27
C GLY A 1434 56.06 -17.23 46.44
N MET B 1 22.27 -25.32 59.81
CA MET B 1 21.37 -25.24 60.96
C MET B 1 20.62 -23.91 61.00
N SER B 2 21.31 -22.85 60.63
CA SER B 2 20.71 -21.51 60.72
C SER B 2 19.43 -21.34 59.89
N PRO B 3 19.33 -21.81 58.64
CA PRO B 3 18.08 -21.62 57.89
C PRO B 3 17.00 -22.65 58.18
N THR B 4 17.18 -23.51 59.18
CA THR B 4 16.18 -24.53 59.50
C THR B 4 15.18 -24.03 60.53
N GLU B 5 15.66 -23.41 61.61
CA GLU B 5 14.80 -22.89 62.66
C GLU B 5 14.47 -21.42 62.49
N ALA B 6 14.85 -20.82 61.36
CA ALA B 6 14.52 -19.43 61.12
C ALA B 6 12.99 -19.27 61.00
N PRO B 7 12.43 -18.21 61.60
CA PRO B 7 10.97 -18.01 61.50
C PRO B 7 10.48 -17.84 60.08
N LYS B 8 11.28 -17.21 59.21
CA LYS B 8 10.86 -16.98 57.83
C LYS B 8 10.67 -18.30 57.09
N VAL B 9 11.58 -19.25 57.29
CA VAL B 9 11.44 -20.58 56.70
C VAL B 9 10.19 -21.26 57.25
N ARG B 10 9.88 -21.07 58.54
CA ARG B 10 8.67 -21.64 59.10
C ARG B 10 7.42 -21.04 58.46
N VAL B 11 7.42 -19.74 58.20
CA VAL B 11 6.28 -19.11 57.54
C VAL B 11 6.10 -19.67 56.13
N THR B 12 7.21 -19.80 55.39
CA THR B 12 7.11 -20.35 54.05
C THR B 12 6.61 -21.79 54.07
N LEU B 13 7.08 -22.60 55.02
CA LEU B 13 6.63 -23.97 55.13
C LEU B 13 5.15 -24.04 55.50
N PHE B 14 4.69 -23.15 56.37
CA PHE B 14 3.27 -23.11 56.71
C PHE B 14 2.43 -22.72 55.51
N CYS B 15 2.89 -21.76 54.71
CA CYS B 15 2.19 -21.40 53.49
C CYS B 15 2.14 -22.58 52.52
N ILE B 16 3.24 -23.33 52.42
CA ILE B 16 3.28 -24.50 51.55
C ILE B 16 2.30 -25.56 52.04
N LEU B 17 2.22 -25.76 53.36
CA LEU B 17 1.29 -26.72 53.90
C LEU B 17 -0.15 -26.32 53.62
N VAL B 18 -0.46 -25.03 53.79
CA VAL B 18 -1.81 -24.55 53.46
C VAL B 18 -2.11 -24.78 51.99
N GLY B 19 -1.14 -24.46 51.12
CA GLY B 19 -1.35 -24.65 49.69
C GLY B 19 -1.56 -26.11 49.31
N ILE B 20 -0.78 -27.02 49.90
CA ILE B 20 -0.90 -28.43 49.53
C ILE B 20 -2.22 -29.00 50.05
N VAL B 21 -2.64 -28.63 51.26
CA VAL B 21 -3.91 -29.14 51.75
C VAL B 21 -5.07 -28.57 50.93
N LEU B 22 -4.94 -27.30 50.52
CA LEU B 22 -5.99 -26.68 49.70
C LEU B 22 -6.06 -27.33 48.32
N ALA B 23 -4.91 -27.64 47.74
CA ALA B 23 -4.89 -28.32 46.44
C ALA B 23 -5.44 -29.74 46.55
N MET B 24 -5.11 -30.44 47.64
CA MET B 24 -5.64 -31.77 47.84
C MET B 24 -7.16 -31.75 47.97
N THR B 25 -7.70 -30.78 48.71
CA THR B 25 -9.14 -30.65 48.80
C THR B 25 -9.77 -30.14 47.52
N ALA B 26 -9.00 -29.46 46.67
CA ALA B 26 -9.53 -28.87 45.44
C ALA B 26 -9.56 -29.84 44.27
N VAL B 27 -8.93 -31.01 44.38
CA VAL B 27 -8.96 -31.97 43.29
C VAL B 27 -10.32 -32.65 43.17
N VAL B 28 -11.14 -32.56 44.21
CA VAL B 28 -12.47 -33.15 44.20
C VAL B 28 -13.56 -32.11 43.96
N SER B 29 -13.40 -30.92 44.54
CA SER B 29 -14.40 -29.86 44.41
C SER B 29 -14.39 -29.34 42.98
N ASP B 30 -15.33 -29.82 42.17
CA ASP B 30 -15.45 -29.40 40.77
C ASP B 30 -16.56 -28.36 40.68
N HIS B 31 -16.21 -27.12 41.04
CA HIS B 31 -17.15 -26.01 41.05
C HIS B 31 -16.54 -24.78 40.39
N TRP B 32 -15.81 -24.98 39.29
CA TRP B 32 -15.16 -23.88 38.59
C TRP B 32 -15.70 -23.62 37.19
N ALA B 33 -16.15 -24.64 36.48
CA ALA B 33 -16.65 -24.49 35.11
C ALA B 33 -18.16 -24.65 35.13
N VAL B 34 -18.87 -23.56 34.93
CA VAL B 34 -20.32 -23.54 34.84
C VAL B 34 -20.71 -23.01 33.46
N LEU B 35 -21.57 -23.74 32.76
CA LEU B 35 -22.01 -23.36 31.43
C LEU B 35 -23.52 -23.16 31.44
N SER B 36 -23.96 -21.99 31.00
CA SER B 36 -25.38 -21.68 30.91
C SER B 36 -25.80 -21.71 29.44
N PRO B 37 -26.57 -22.71 29.01
CA PRO B 37 -27.00 -22.76 27.60
C PRO B 37 -27.87 -21.57 27.23
N HIS B 38 -28.95 -21.36 27.97
CA HIS B 38 -29.88 -20.26 27.75
C HIS B 38 -30.36 -20.19 26.30
N CYS B 46 -31.86 -22.85 32.40
CA CYS B 46 -31.70 -23.42 33.73
C CYS B 46 -31.01 -24.78 33.66
N GLU B 47 -29.85 -24.82 33.02
CA GLU B 47 -29.08 -26.05 32.83
C GLU B 47 -27.61 -25.81 33.17
N ALA B 48 -27.36 -25.18 34.32
CA ALA B 48 -26.00 -24.97 34.79
C ALA B 48 -25.32 -26.31 35.06
N ALA B 49 -24.09 -26.44 34.58
CA ALA B 49 -23.35 -27.69 34.68
C ALA B 49 -22.14 -27.53 35.59
N HIS B 50 -21.61 -28.66 36.04
CA HIS B 50 -20.43 -28.71 36.91
C HIS B 50 -19.37 -29.57 36.21
N PHE B 51 -18.44 -28.91 35.53
CA PHE B 51 -17.39 -29.59 34.78
C PHE B 51 -16.13 -29.69 35.63
N GLY B 52 -15.58 -30.89 35.73
CA GLY B 52 -14.45 -31.13 36.60
C GLY B 52 -13.50 -32.15 36.03
N LEU B 53 -12.39 -32.35 36.76
CA LEU B 53 -11.35 -33.28 36.32
C LEU B 53 -11.87 -34.71 36.26
N TRP B 54 -12.46 -35.20 37.35
CA TRP B 54 -12.84 -36.60 37.46
C TRP B 54 -14.25 -36.85 36.93
N ARG B 55 -15.24 -36.16 37.49
CA ARG B 55 -16.64 -36.41 37.17
C ARG B 55 -17.33 -35.10 36.82
N ILE B 56 -18.21 -35.16 35.81
CA ILE B 56 -18.93 -33.99 35.32
C ILE B 56 -20.42 -34.28 35.39
N CYS B 57 -21.18 -33.33 35.91
CA CYS B 57 -22.62 -33.49 36.03
C CYS B 57 -23.29 -32.13 35.85
N THR B 58 -24.58 -32.17 35.54
CA THR B 58 -25.40 -30.99 35.33
C THR B 58 -26.55 -30.98 36.32
N LYS B 59 -26.81 -29.81 36.91
CA LYS B 59 -27.86 -29.63 37.90
C LYS B 59 -28.82 -28.55 37.43
N ARG B 60 -30.12 -28.78 37.66
CA ARG B 60 -31.15 -27.80 37.33
C ARG B 60 -31.04 -26.57 38.23
N GLY B 76 -33.17 -33.32 42.39
CA GLY B 76 -33.22 -34.75 42.65
C GLY B 76 -32.37 -35.55 41.68
N GLU B 77 -32.41 -35.16 40.41
CA GLU B 77 -31.65 -35.85 39.35
C GLU B 77 -30.21 -35.36 39.40
N LYS B 78 -29.45 -35.90 40.36
CA LYS B 78 -28.06 -35.53 40.57
C LYS B 78 -27.21 -36.78 40.52
N ASN B 79 -26.27 -36.82 39.58
CA ASN B 79 -25.36 -37.96 39.42
C ASN B 79 -24.20 -37.53 38.56
N CYS B 80 -22.98 -37.72 39.06
CA CYS B 80 -21.77 -37.26 38.38
C CYS B 80 -20.88 -38.45 38.05
N SER B 81 -20.30 -38.41 36.85
CA SER B 81 -19.40 -39.47 36.39
C SER B 81 -18.51 -38.90 35.29
N TYR B 82 -17.46 -39.65 34.97
CA TYR B 82 -16.50 -39.21 33.97
C TYR B 82 -17.12 -39.21 32.58
N PHE B 83 -16.60 -38.34 31.72
CA PHE B 83 -17.09 -38.21 30.35
C PHE B 83 -16.76 -39.45 29.52
N SER B 104 -9.79 -36.83 27.93
CA SER B 104 -9.54 -35.83 28.97
C SER B 104 -8.88 -36.46 30.19
N ILE B 105 -8.29 -37.65 29.98
CA ILE B 105 -7.55 -38.30 31.05
C ILE B 105 -6.23 -37.58 31.34
N SER B 106 -5.81 -36.68 30.45
CA SER B 106 -4.55 -35.96 30.64
C SER B 106 -4.57 -35.13 31.91
N ALA B 107 -5.70 -34.48 32.19
CA ALA B 107 -5.81 -33.67 33.41
C ALA B 107 -5.65 -34.53 34.67
N ALA B 108 -6.31 -35.68 34.69
CA ALA B 108 -6.18 -36.57 35.84
C ALA B 108 -4.76 -37.10 35.99
N ALA B 109 -4.12 -37.47 34.88
CA ALA B 109 -2.76 -37.99 34.94
C ALA B 109 -1.79 -36.92 35.43
N ILE B 110 -1.92 -35.70 34.93
CA ILE B 110 -1.01 -34.65 35.36
C ILE B 110 -1.29 -34.26 36.80
N SER B 111 -2.54 -34.37 37.26
CA SER B 111 -2.83 -34.04 38.65
C SER B 111 -2.28 -35.11 39.59
N VAL B 112 -2.35 -36.39 39.21
CA VAL B 112 -1.75 -37.40 40.06
C VAL B 112 -0.24 -37.27 40.06
N PHE B 113 0.35 -36.89 38.92
CA PHE B 113 1.79 -36.59 38.91
C PHE B 113 2.12 -35.43 39.85
N SER B 114 1.29 -34.38 39.83
CA SER B 114 1.53 -33.23 40.69
C SER B 114 1.43 -33.61 42.17
N LEU B 115 0.44 -34.44 42.52
CA LEU B 115 0.32 -34.84 43.92
C LEU B 115 1.45 -35.79 44.33
N GLY B 116 1.95 -36.60 43.40
CA GLY B 116 3.14 -37.39 43.69
C GLY B 116 4.36 -36.52 43.96
N PHE B 117 4.52 -35.47 43.15
CA PHE B 117 5.60 -34.50 43.41
C PHE B 117 5.42 -33.84 44.77
N LEU B 118 4.17 -33.50 45.12
CA LEU B 118 3.89 -32.91 46.42
C LEU B 118 4.26 -33.88 47.54
N ILE B 119 3.95 -35.15 47.38
CA ILE B 119 4.29 -36.16 48.39
C ILE B 119 5.80 -36.24 48.55
N MET B 120 6.53 -36.28 47.42
CA MET B 120 7.99 -36.33 47.49
C MET B 120 8.55 -35.11 48.19
N GLY B 121 8.02 -33.93 47.88
CA GLY B 121 8.47 -32.72 48.55
C GLY B 121 8.18 -32.74 50.04
N THR B 122 7.02 -33.27 50.43
CA THR B 122 6.69 -33.35 51.85
C THR B 122 7.65 -34.27 52.59
N ILE B 123 7.96 -35.44 52.02
CA ILE B 123 8.88 -36.35 52.69
C ILE B 123 10.28 -35.74 52.74
N CYS B 124 10.67 -35.00 51.70
CA CYS B 124 11.97 -34.34 51.73
C CYS B 124 12.03 -33.29 52.83
N ALA B 125 10.98 -32.47 52.95
CA ALA B 125 10.95 -31.46 54.00
C ALA B 125 10.95 -32.09 55.38
N LEU B 126 10.20 -33.18 55.57
CA LEU B 126 10.20 -33.86 56.86
C LEU B 126 11.56 -34.43 57.20
N MET B 127 12.24 -35.03 56.22
CA MET B 127 13.57 -35.60 56.49
C MET B 127 14.61 -34.51 56.70
N ALA B 128 14.39 -33.32 56.16
CA ALA B 128 15.38 -32.25 56.29
C ALA B 128 15.54 -31.79 57.75
N PHE B 129 14.47 -31.85 58.54
CA PHE B 129 14.52 -31.31 59.89
C PHE B 129 15.39 -32.17 60.80
N ARG B 130 15.37 -33.49 60.62
CA ARG B 130 16.05 -34.40 61.52
C ARG B 130 17.54 -34.51 61.17
N LYS B 131 18.33 -34.89 62.17
CA LYS B 131 19.77 -35.16 62.10
C LYS B 131 20.54 -34.17 61.22
N LYS B 132 20.23 -32.88 61.35
CA LYS B 132 21.00 -31.81 60.71
C LYS B 132 21.11 -32.00 59.21
N ARG B 133 20.01 -32.46 58.59
CA ARG B 133 19.97 -32.62 57.13
C ARG B 133 19.45 -31.34 56.50
N ASP B 134 20.24 -30.28 56.67
CA ASP B 134 19.85 -28.95 56.21
C ASP B 134 19.84 -28.83 54.70
N TYR B 135 20.55 -29.70 53.98
CA TYR B 135 20.67 -29.60 52.54
C TYR B 135 19.42 -30.04 51.79
N LEU B 136 18.49 -30.71 52.46
CA LEU B 136 17.33 -31.28 51.80
C LEU B 136 16.19 -30.28 51.60
N LEU B 137 16.34 -29.04 52.05
CA LEU B 137 15.29 -28.05 51.87
C LEU B 137 15.20 -27.53 50.44
N ARG B 138 16.25 -27.69 49.64
CA ARG B 138 16.26 -27.22 48.27
C ARG B 138 15.52 -28.18 47.33
N PRO B 139 15.79 -29.49 47.37
CA PRO B 139 15.01 -30.41 46.53
C PRO B 139 13.52 -30.39 46.87
N ALA B 140 13.17 -30.26 48.15
CA ALA B 140 11.75 -30.17 48.50
C ALA B 140 11.11 -28.94 47.89
N SER B 141 11.80 -27.79 47.95
CA SER B 141 11.27 -26.58 47.34
C SER B 141 11.10 -26.74 45.84
N MET B 142 12.07 -27.35 45.17
CA MET B 142 11.94 -27.53 43.73
C MET B 142 10.81 -28.49 43.38
N PHE B 143 10.63 -29.54 44.18
CA PHE B 143 9.50 -30.45 43.97
C PHE B 143 8.18 -29.71 44.13
N TYR B 144 8.09 -28.82 45.13
CA TYR B 144 6.89 -28.02 45.31
C TYR B 144 6.65 -27.12 44.09
N VAL B 145 7.72 -26.52 43.57
CA VAL B 145 7.59 -25.65 42.38
C VAL B 145 7.04 -26.45 41.21
N PHE B 146 7.59 -27.64 40.97
CA PHE B 146 7.14 -28.43 39.83
C PHE B 146 5.71 -28.96 40.03
N ALA B 147 5.34 -29.31 41.26
CA ALA B 147 3.98 -29.74 41.50
C ALA B 147 2.99 -28.60 41.24
N GLY B 148 3.31 -27.39 41.72
CA GLY B 148 2.45 -26.26 41.44
C GLY B 148 2.39 -25.95 39.96
N LEU B 149 3.50 -26.14 39.24
CA LEU B 149 3.51 -25.84 37.82
C LEU B 149 2.66 -26.84 37.04
N CYS B 150 2.72 -28.13 37.43
CA CYS B 150 1.81 -29.11 36.85
C CYS B 150 0.36 -28.74 37.15
N LEU B 151 0.09 -28.27 38.36
CA LEU B 151 -1.27 -27.83 38.68
C LEU B 151 -1.72 -26.69 37.77
N PHE B 152 -0.83 -25.72 37.54
CA PHE B 152 -1.19 -24.59 36.69
C PHE B 152 -1.45 -25.03 35.26
N VAL B 153 -0.61 -25.91 34.72
CA VAL B 153 -0.85 -26.34 33.34
C VAL B 153 -2.10 -27.21 33.26
N SER B 154 -2.43 -27.96 34.32
CA SER B 154 -3.67 -28.71 34.34
C SER B 154 -4.88 -27.77 34.30
N LEU B 155 -4.86 -26.72 35.13
CA LEU B 155 -5.98 -25.79 35.11
C LEU B 155 -6.05 -25.02 33.79
N GLU B 156 -4.89 -24.77 33.17
CA GLU B 156 -4.89 -24.15 31.85
C GLU B 156 -5.53 -25.04 30.80
N VAL B 157 -5.23 -26.35 30.83
CA VAL B 157 -5.85 -27.26 29.88
C VAL B 157 -7.35 -27.37 30.14
N MET B 158 -7.75 -27.31 31.42
CA MET B 158 -9.18 -27.33 31.73
C MET B 158 -9.87 -26.07 31.23
N ARG B 159 -9.20 -24.92 31.35
CA ARG B 159 -9.75 -23.68 30.80
C ARG B 159 -9.88 -23.76 29.28
N GLN B 160 -8.89 -24.35 28.61
CA GLN B 160 -9.00 -24.55 27.17
C GLN B 160 -10.17 -25.45 26.82
N SER B 161 -10.36 -26.53 27.58
CA SER B 161 -11.46 -27.46 27.32
C SER B 161 -12.82 -26.78 27.53
N VAL B 162 -12.93 -25.94 28.56
CA VAL B 162 -14.20 -25.24 28.78
C VAL B 162 -14.38 -24.13 27.76
N LYS B 163 -13.28 -23.62 27.19
CA LYS B 163 -13.40 -22.62 26.13
C LYS B 163 -13.89 -23.24 24.84
N ARG B 164 -13.36 -24.41 24.46
CA ARG B 164 -13.77 -25.04 23.21
C ARG B 164 -15.19 -25.58 23.26
N MET B 165 -15.80 -25.67 24.43
CA MET B 165 -17.17 -26.15 24.55
C MET B 165 -18.17 -25.11 24.08
N ILE B 174 -22.80 -17.83 24.74
CA ILE B 174 -22.72 -18.31 26.11
C ILE B 174 -21.42 -17.85 26.75
N GLU B 175 -21.35 -17.93 28.07
CA GLU B 175 -20.15 -17.52 28.81
C GLU B 175 -20.08 -18.29 30.12
N TYR B 176 -18.86 -18.57 30.55
CA TYR B 176 -18.63 -19.29 31.80
C TYR B 176 -18.47 -18.31 32.96
N TYR B 177 -18.15 -18.86 34.14
CA TYR B 177 -18.00 -18.05 35.34
C TYR B 177 -17.11 -18.80 36.33
N TYR B 178 -16.23 -18.05 37.00
CA TYR B 178 -15.34 -18.61 38.00
C TYR B 178 -15.67 -17.97 39.35
N SER B 179 -16.25 -18.77 40.26
CA SER B 179 -16.70 -18.26 41.54
C SER B 179 -16.03 -18.92 42.73
N TRP B 180 -15.98 -20.25 42.75
CA TRP B 180 -15.56 -20.98 43.95
C TRP B 180 -14.28 -21.78 43.76
N SER B 181 -14.21 -22.64 42.75
CA SER B 181 -13.10 -23.58 42.64
C SER B 181 -11.99 -23.13 41.70
N PHE B 182 -12.29 -22.27 40.71
CA PHE B 182 -11.23 -21.79 39.84
C PHE B 182 -10.27 -20.86 40.59
N ALA B 183 -10.84 -19.91 41.34
CA ALA B 183 -10.00 -19.10 42.22
C ALA B 183 -9.31 -19.96 43.26
N CYS B 184 -9.96 -21.03 43.70
CA CYS B 184 -9.34 -21.96 44.64
C CYS B 184 -8.08 -22.58 44.05
N ALA B 185 -8.18 -23.12 42.82
CA ALA B 185 -7.03 -23.74 42.19
C ALA B 185 -5.96 -22.72 41.85
N CYS B 186 -6.36 -21.52 41.42
CA CYS B 186 -5.38 -20.47 41.14
C CYS B 186 -4.62 -20.06 42.39
N ALA B 187 -5.33 -19.93 43.52
CA ALA B 187 -4.68 -19.62 44.77
C ALA B 187 -3.75 -20.74 45.21
N ALA B 188 -4.16 -21.99 44.99
CA ALA B 188 -3.28 -23.12 45.31
C ALA B 188 -2.01 -23.06 44.49
N PHE B 189 -2.14 -22.79 43.19
CA PHE B 189 -0.97 -22.70 42.33
C PHE B 189 -0.05 -21.56 42.76
N VAL B 190 -0.61 -20.38 43.04
CA VAL B 190 0.22 -19.26 43.44
C VAL B 190 0.92 -19.56 44.76
N LEU B 191 0.20 -20.14 45.72
CA LEU B 191 0.79 -20.47 47.00
C LEU B 191 1.94 -21.46 46.84
N LEU B 192 1.72 -22.54 46.08
CA LEU B 192 2.77 -23.53 45.89
C LEU B 192 3.98 -22.94 45.17
N PHE B 193 3.74 -22.19 44.10
CA PHE B 193 4.83 -21.60 43.34
C PHE B 193 5.66 -20.64 44.19
N LEU B 194 4.99 -19.68 44.84
CA LEU B 194 5.71 -18.70 45.64
C LEU B 194 6.40 -19.34 46.83
N GLY B 195 5.74 -20.31 47.49
CA GLY B 195 6.38 -20.98 48.60
C GLY B 195 7.61 -21.76 48.19
N GLY B 196 7.54 -22.48 47.07
CA GLY B 196 8.71 -23.18 46.59
C GLY B 196 9.84 -22.26 46.22
N ILE B 197 9.53 -21.17 45.51
CA ILE B 197 10.57 -20.23 45.11
C ILE B 197 11.21 -19.59 46.34
N SER B 198 10.39 -19.16 47.30
CA SER B 198 10.93 -18.54 48.51
C SER B 198 11.76 -19.52 49.32
N LEU B 199 11.31 -20.78 49.44
CA LEU B 199 12.08 -21.77 50.17
C LEU B 199 13.41 -22.04 49.48
N LEU B 200 13.41 -22.11 48.15
CA LEU B 200 14.66 -22.31 47.41
C LEU B 200 15.61 -21.14 47.61
N LEU B 201 15.08 -19.91 47.58
CA LEU B 201 15.93 -18.73 47.76
C LEU B 201 16.46 -18.64 49.19
N PHE B 202 15.65 -19.03 50.17
CA PHE B 202 16.05 -18.94 51.57
C PHE B 202 17.02 -20.04 51.95
N SER B 203 16.93 -21.21 51.31
CA SER B 203 17.85 -22.30 51.60
C SER B 203 19.25 -21.99 51.10
N LEU B 204 19.35 -21.29 49.96
CA LEU B 204 20.65 -20.90 49.45
C LEU B 204 21.31 -19.93 50.43
N PRO B 205 22.62 -20.08 50.70
CA PRO B 205 23.22 -19.36 51.82
C PRO B 205 23.16 -17.84 51.72
N ARG B 206 23.79 -17.27 50.69
CA ARG B 206 23.81 -15.83 50.49
C ARG B 206 24.59 -15.48 49.23
N MET B 207 24.29 -14.34 48.62
CA MET B 207 25.18 -13.79 47.61
C MET B 207 26.45 -13.31 48.32
N PRO B 208 27.64 -13.59 47.76
CA PRO B 208 28.89 -13.28 48.49
C PRO B 208 29.01 -11.83 48.93
N GLN B 209 28.98 -10.90 47.99
CA GLN B 209 29.06 -9.46 48.25
C GLN B 209 30.44 -9.04 48.79
N ASN B 210 31.34 -10.01 49.03
CA ASN B 210 32.67 -9.70 49.52
C ASN B 210 33.68 -10.53 48.75
N PRO B 211 34.85 -9.99 48.41
CA PRO B 211 35.83 -10.77 47.65
C PRO B 211 36.26 -12.06 48.34
N TRP B 212 36.42 -12.03 49.66
CA TRP B 212 36.81 -13.24 50.38
C TRP B 212 35.64 -14.20 50.53
N GLU B 213 34.43 -13.66 50.67
CA GLU B 213 33.25 -14.50 50.84
C GLU B 213 32.89 -15.17 49.53
N SER B 214 32.46 -16.43 49.61
CA SER B 214 32.02 -17.19 48.45
C SER B 214 31.05 -18.27 48.92
N CYS B 215 30.47 -18.98 47.96
CA CYS B 215 29.56 -20.07 48.28
C CYS B 215 30.35 -21.25 48.85
N MET B 216 29.60 -22.29 49.25
CA MET B 216 30.11 -23.50 49.89
C MET B 216 31.24 -23.22 50.88
N ASP B 217 31.08 -22.18 51.69
CA ASP B 217 32.10 -21.82 52.67
C ASP B 217 31.91 -22.65 53.94
N ALA B 218 32.68 -22.33 54.98
CA ALA B 218 32.62 -23.06 56.24
C ALA B 218 31.50 -22.47 57.10
N GLU B 219 30.28 -22.92 56.80
CA GLU B 219 29.09 -22.51 57.55
C GLU B 219 28.91 -21.00 57.59
N PHE C 29 -27.69 -52.41 -47.78
CA PHE C 29 -28.05 -51.00 -47.85
C PHE C 29 -29.04 -50.75 -48.99
N PRO C 30 -30.08 -49.95 -48.73
CA PRO C 30 -31.09 -49.71 -49.76
C PRO C 30 -30.52 -48.98 -50.97
N SER C 31 -31.13 -49.23 -52.12
CA SER C 31 -30.69 -48.58 -53.35
C SER C 31 -31.10 -47.11 -53.35
N ALA C 32 -30.59 -46.38 -54.35
CA ALA C 32 -30.88 -44.95 -54.44
C ALA C 32 -32.34 -44.70 -54.78
N VAL C 33 -32.94 -45.56 -55.60
CA VAL C 33 -34.32 -45.35 -56.03
C VAL C 33 -35.29 -45.53 -54.86
N THR C 34 -35.00 -46.49 -53.99
CA THR C 34 -35.85 -46.69 -52.82
C THR C 34 -35.81 -45.49 -51.87
N ILE C 35 -34.62 -44.96 -51.64
CA ILE C 35 -34.49 -43.74 -50.83
C ILE C 35 -35.19 -42.58 -51.51
N LYS C 36 -35.12 -42.51 -52.84
CA LYS C 36 -35.83 -41.48 -53.58
C LYS C 36 -37.33 -41.59 -53.35
N SER C 37 -37.86 -42.82 -53.37
CA SER C 37 -39.30 -43.01 -53.13
C SER C 37 -39.67 -42.58 -51.73
N TRP C 38 -38.86 -42.95 -50.74
CA TRP C 38 -39.14 -42.55 -49.36
C TRP C 38 -39.14 -41.03 -49.20
N VAL C 39 -38.11 -40.36 -49.72
CA VAL C 39 -38.02 -38.92 -49.56
C VAL C 39 -39.11 -38.21 -50.35
N ASP C 40 -39.49 -38.75 -51.52
CA ASP C 40 -40.56 -38.16 -52.29
C ASP C 40 -41.88 -38.25 -51.53
N LYS C 41 -42.16 -39.41 -50.92
CA LYS C 41 -43.38 -39.54 -50.12
C LYS C 41 -43.36 -38.57 -48.95
N MET C 42 -42.23 -38.49 -48.25
CA MET C 42 -42.15 -37.62 -47.08
C MET C 42 -42.32 -36.14 -47.46
N GLN C 43 -41.64 -35.70 -48.53
CA GLN C 43 -41.74 -34.31 -48.94
C GLN C 43 -43.12 -33.98 -49.47
N GLU C 44 -43.76 -34.92 -50.19
CA GLU C 44 -45.11 -34.67 -50.66
C GLU C 44 -46.08 -34.54 -49.49
N ASP C 45 -45.96 -35.42 -48.49
CA ASP C 45 -46.81 -35.32 -47.31
C ASP C 45 -46.61 -33.99 -46.59
N LEU C 46 -45.35 -33.61 -46.38
CA LEU C 46 -45.07 -32.37 -45.65
C LEU C 46 -45.58 -31.15 -46.41
N VAL C 47 -45.31 -31.10 -47.72
CA VAL C 47 -45.74 -29.95 -48.52
C VAL C 47 -47.27 -29.87 -48.58
N THR C 48 -47.94 -31.01 -48.76
CA THR C 48 -49.40 -31.01 -48.79
C THR C 48 -49.97 -30.55 -47.46
N LEU C 49 -49.41 -31.04 -46.35
CA LEU C 49 -49.88 -30.62 -45.04
C LEU C 49 -49.73 -29.12 -44.85
N ALA C 50 -48.54 -28.59 -45.15
CA ALA C 50 -48.30 -27.16 -44.97
C ALA C 50 -49.19 -26.33 -45.87
N LYS C 51 -49.34 -26.74 -47.13
CA LYS C 51 -50.15 -25.97 -48.07
C LYS C 51 -51.63 -25.96 -47.68
N THR C 52 -52.16 -27.12 -47.27
CA THR C 52 -53.58 -27.20 -46.94
C THR C 52 -53.90 -26.72 -45.53
N ALA C 53 -52.90 -26.56 -44.66
CA ALA C 53 -53.14 -26.04 -43.32
C ALA C 53 -52.91 -24.54 -43.23
N SER C 54 -51.76 -24.05 -43.72
CA SER C 54 -51.48 -22.63 -43.67
C SER C 54 -52.47 -21.83 -44.51
N GLY C 55 -52.77 -22.32 -45.71
CA GLY C 55 -53.72 -21.64 -46.58
C GLY C 55 -53.10 -20.52 -47.38
N VAL C 56 -51.98 -20.80 -48.05
CA VAL C 56 -51.31 -19.79 -48.85
C VAL C 56 -52.20 -19.37 -50.02
N HIS C 57 -52.81 -20.35 -50.69
CA HIS C 57 -53.61 -20.05 -51.87
C HIS C 57 -54.82 -19.21 -51.52
N GLN C 58 -55.45 -19.49 -50.37
CA GLN C 58 -56.63 -18.71 -49.98
C GLN C 58 -56.25 -17.25 -49.71
N LEU C 59 -55.13 -17.03 -49.01
CA LEU C 59 -54.70 -15.66 -48.75
C LEU C 59 -54.33 -14.94 -50.04
N VAL C 60 -53.66 -15.64 -50.95
CA VAL C 60 -53.33 -15.05 -52.25
C VAL C 60 -54.61 -14.66 -52.98
N ASP C 61 -55.62 -15.53 -52.95
CA ASP C 61 -56.87 -15.25 -53.64
C ASP C 61 -57.56 -14.02 -53.05
N ILE C 62 -57.70 -13.97 -51.73
CA ILE C 62 -58.42 -12.84 -51.13
C ILE C 62 -57.62 -11.55 -51.25
N TYR C 63 -56.29 -11.65 -51.36
CA TYR C 63 -55.50 -10.46 -51.71
C TYR C 63 -55.78 -10.02 -53.14
N GLU C 64 -55.94 -10.97 -54.05
CA GLU C 64 -56.29 -10.66 -55.43
C GLU C 64 -57.79 -10.56 -55.65
N LYS C 65 -58.61 -10.91 -54.66
CA LYS C 65 -60.05 -10.86 -54.82
C LYS C 65 -60.56 -9.42 -54.82
N TYR C 66 -59.96 -8.55 -54.00
CA TYR C 66 -60.47 -7.20 -53.84
C TYR C 66 -59.85 -6.22 -54.84
N GLN C 67 -58.54 -6.02 -54.75
CA GLN C 67 -57.78 -5.14 -55.65
C GLN C 67 -58.40 -3.74 -55.74
N ASP C 68 -59.28 -3.40 -54.81
CA ASP C 68 -59.97 -2.11 -54.83
C ASP C 68 -59.89 -1.36 -53.51
N LEU C 69 -59.54 -2.02 -52.41
CA LEU C 69 -59.33 -1.36 -51.14
C LEU C 69 -57.91 -0.86 -50.97
N TYR C 70 -57.06 -1.05 -51.98
CA TYR C 70 -55.67 -0.62 -51.91
C TYR C 70 -55.16 -0.38 -53.32
N THR C 71 -54.02 0.30 -53.41
CA THR C 71 -53.34 0.55 -54.67
C THR C 71 -51.87 0.18 -54.55
N VAL C 72 -51.27 -0.19 -55.68
CA VAL C 72 -49.88 -0.58 -55.75
C VAL C 72 -49.07 0.65 -56.14
N GLU C 73 -48.12 1.05 -55.29
CA GLU C 73 -47.30 2.22 -55.52
C GLU C 73 -45.84 1.83 -55.66
N PRO C 74 -45.11 2.45 -56.58
CA PRO C 74 -43.70 2.09 -56.78
C PRO C 74 -42.81 2.62 -55.67
N ASN C 75 -41.67 1.97 -55.51
CA ASN C 75 -40.62 2.38 -54.58
C ASN C 75 -39.43 2.81 -55.41
N ASN C 76 -39.40 4.10 -55.77
CA ASN C 76 -38.30 4.63 -56.58
C ASN C 76 -37.05 4.72 -55.71
N ALA C 77 -36.13 3.78 -55.90
CA ALA C 77 -34.93 3.73 -55.06
C ALA C 77 -34.01 4.91 -55.30
N ARG C 78 -34.19 5.67 -56.37
CA ARG C 78 -33.36 6.84 -56.61
C ARG C 78 -33.88 8.06 -55.85
N GLN C 79 -35.17 8.38 -56.03
CA GLN C 79 -35.72 9.59 -55.42
C GLN C 79 -35.73 9.48 -53.90
N LEU C 80 -35.98 8.29 -53.35
CA LEU C 80 -36.05 8.14 -51.91
C LEU C 80 -34.73 8.51 -51.24
N VAL C 81 -33.61 8.07 -51.81
CA VAL C 81 -32.32 8.36 -51.22
C VAL C 81 -32.01 9.86 -51.30
N GLU C 82 -32.39 10.50 -52.41
CA GLU C 82 -32.19 11.94 -52.52
C GLU C 82 -33.02 12.69 -51.48
N ILE C 83 -34.27 12.29 -51.28
CA ILE C 83 -35.12 12.94 -50.28
C ILE C 83 -34.53 12.76 -48.88
N ALA C 84 -34.10 11.55 -48.56
CA ALA C 84 -33.53 11.30 -47.23
C ALA C 84 -32.23 12.08 -47.04
N ALA C 85 -31.39 12.16 -48.07
CA ALA C 85 -30.16 12.93 -47.98
C ALA C 85 -30.45 14.40 -47.79
N ARG C 86 -31.46 14.93 -48.49
CA ARG C 86 -31.84 16.32 -48.31
CA ARG C 86 -31.84 16.32 -48.31
C ARG C 86 -32.33 16.57 -46.89
N ASP C 87 -33.12 15.64 -46.34
CA ASP C 87 -33.60 15.79 -44.97
C ASP C 87 -32.44 15.79 -43.98
N ILE C 88 -31.48 14.87 -44.16
CA ILE C 88 -30.33 14.80 -43.27
C ILE C 88 -29.50 16.08 -43.37
N GLU C 89 -29.28 16.57 -44.59
CA GLU C 89 -28.52 17.80 -44.78
C GLU C 89 -29.24 18.99 -44.14
N LYS C 90 -30.56 19.05 -44.26
CA LYS C 90 -31.31 20.12 -43.64
C LYS C 90 -31.21 20.07 -42.12
N LEU C 91 -31.30 18.87 -41.55
CA LEU C 91 -31.17 18.74 -40.10
C LEU C 91 -29.79 19.17 -39.62
N LEU C 92 -28.75 18.74 -40.32
CA LEU C 92 -27.39 19.09 -39.89
C LEU C 92 -27.11 20.57 -40.12
N SER C 93 -27.69 21.17 -41.15
CA SER C 93 -27.55 22.61 -41.34
C SER C 93 -28.27 23.38 -40.24
N ASN C 94 -29.45 22.91 -39.83
CA ASN C 94 -30.14 23.52 -38.71
C ASN C 94 -29.31 23.44 -37.44
N ARG C 95 -28.69 22.29 -37.19
CA ARG C 95 -27.84 22.14 -36.02
C ARG C 95 -26.61 23.04 -36.12
N SER C 96 -26.05 23.19 -37.32
CA SER C 96 -24.87 24.02 -37.49
C SER C 96 -25.17 25.50 -37.34
N LYS C 97 -26.40 25.92 -37.68
CA LYS C 97 -26.75 27.33 -37.51
C LYS C 97 -26.75 27.72 -36.04
N ALA C 98 -27.19 26.83 -35.16
CA ALA C 98 -27.16 27.10 -33.73
C ALA C 98 -25.75 27.10 -33.16
N LEU C 99 -24.76 26.64 -33.92
CA LEU C 99 -23.39 26.64 -33.42
C LEU C 99 -22.71 27.98 -33.63
N VAL C 100 -22.86 28.56 -34.82
CA VAL C 100 -22.22 29.84 -35.12
C VAL C 100 -22.81 30.94 -34.26
N ARG C 101 -24.11 30.87 -33.98
CA ARG C 101 -24.75 31.84 -33.10
C ARG C 101 -24.10 31.83 -31.72
N LEU C 102 -24.00 30.65 -31.11
CA LEU C 102 -23.42 30.52 -29.79
C LEU C 102 -21.95 30.95 -29.79
N ALA C 103 -21.19 30.55 -30.81
CA ALA C 103 -19.78 30.88 -30.86
C ALA C 103 -19.57 32.39 -30.96
N LEU C 104 -20.32 33.05 -31.85
CA LEU C 104 -20.19 34.49 -31.99
C LEU C 104 -20.60 35.21 -30.71
N GLU C 105 -21.69 34.78 -30.08
CA GLU C 105 -22.10 35.43 -28.84
C GLU C 105 -21.07 35.23 -27.75
N ALA C 106 -20.50 34.03 -27.65
CA ALA C 106 -19.48 33.78 -26.63
C ALA C 106 -18.25 34.66 -26.86
N GLU C 107 -17.80 34.77 -28.11
CA GLU C 107 -16.66 35.63 -28.40
C GLU C 107 -16.96 37.08 -28.05
N LYS C 108 -18.13 37.58 -28.44
CA LYS C 108 -18.49 38.97 -28.17
C LYS C 108 -18.58 39.22 -26.67
N VAL C 109 -19.19 38.31 -25.93
CA VAL C 109 -19.39 38.51 -24.49
C VAL C 109 -18.06 38.46 -23.76
N GLN C 110 -17.21 37.48 -24.10
CA GLN C 110 -15.91 37.39 -23.43
C GLN C 110 -15.02 38.57 -23.78
N ALA C 111 -15.14 39.11 -24.99
CA ALA C 111 -14.36 40.28 -25.35
C ALA C 111 -14.66 41.47 -24.45
N ALA C 112 -15.83 41.49 -23.81
CA ALA C 112 -16.23 42.58 -22.93
C ALA C 112 -16.19 42.18 -21.46
N HIS C 113 -15.21 41.36 -21.08
CA HIS C 113 -15.07 40.92 -19.70
C HIS C 113 -14.04 41.78 -18.97
N GLN C 114 -14.23 41.93 -17.67
CA GLN C 114 -13.42 42.84 -16.86
C GLN C 114 -12.33 42.14 -16.06
N TRP C 115 -12.51 40.86 -15.74
CA TRP C 115 -11.57 40.11 -14.90
C TRP C 115 -11.41 40.78 -13.53
N ARG C 116 -12.51 40.76 -12.78
CA ARG C 116 -12.43 41.25 -11.42
C ARG C 116 -11.91 40.16 -10.50
N GLU C 117 -11.30 40.60 -9.39
CA GLU C 117 -10.68 39.68 -8.45
C GLU C 117 -11.45 39.53 -7.14
N ASP C 118 -12.42 40.38 -6.87
CA ASP C 118 -13.18 40.37 -5.63
C ASP C 118 -14.58 39.83 -5.91
N PHE C 119 -14.78 38.54 -5.63
CA PHE C 119 -16.06 37.88 -5.85
C PHE C 119 -16.88 37.72 -4.58
N ALA C 120 -16.29 37.97 -3.40
CA ALA C 120 -17.03 37.83 -2.16
C ALA C 120 -18.18 38.85 -2.08
N SER C 121 -17.92 40.08 -2.50
CA SER C 121 -18.97 41.10 -2.48
C SER C 121 -20.03 40.83 -3.54
N ASN C 122 -19.62 40.48 -4.76
CA ASN C 122 -20.52 40.21 -5.86
C ASN C 122 -20.49 38.71 -6.13
N GLU C 123 -21.45 37.99 -5.54
CA GLU C 123 -21.53 36.55 -5.72
C GLU C 123 -21.87 36.20 -7.16
N VAL C 124 -21.38 35.04 -7.61
CA VAL C 124 -21.69 34.49 -8.92
C VAL C 124 -22.75 33.42 -8.73
N VAL C 125 -23.87 33.58 -9.42
CA VAL C 125 -25.04 32.71 -9.25
C VAL C 125 -25.08 31.73 -10.41
N TYR C 126 -25.10 30.44 -10.08
CA TYR C 126 -25.20 29.40 -11.09
C TYR C 126 -25.68 28.11 -10.44
N TYR C 127 -26.19 27.20 -11.27
CA TYR C 127 -26.61 25.88 -10.81
C TYR C 127 -25.47 24.90 -11.09
N ASN C 128 -24.85 24.41 -10.03
CA ASN C 128 -23.78 23.42 -10.14
C ASN C 128 -24.38 22.03 -10.23
N ALA C 129 -23.97 21.28 -11.24
CA ALA C 129 -24.41 19.90 -11.38
C ALA C 129 -23.73 19.05 -10.31
N LYS C 130 -24.11 17.77 -10.27
CA LYS C 130 -23.64 16.79 -9.29
C LYS C 130 -23.51 17.39 -7.89
N ASP C 131 -24.62 17.99 -7.44
CA ASP C 131 -24.72 18.50 -6.08
C ASP C 131 -26.04 18.00 -5.47
N ASP C 132 -26.08 17.96 -4.14
CA ASP C 132 -27.27 17.48 -3.45
C ASP C 132 -28.46 18.38 -3.75
N LEU C 133 -29.61 17.76 -4.01
CA LEU C 133 -30.83 18.49 -4.33
C LEU C 133 -31.62 18.89 -3.10
N ASP C 134 -31.19 18.51 -1.92
CA ASP C 134 -31.91 18.86 -0.69
C ASP C 134 -31.75 20.34 -0.40
N PRO C 135 -32.84 21.11 -0.29
CA PRO C 135 -32.70 22.56 -0.09
C PRO C 135 -32.00 22.95 1.20
N GLU C 136 -31.98 22.08 2.22
CA GLU C 136 -31.39 22.40 3.51
C GLU C 136 -29.88 22.13 3.55
N LYS C 137 -29.22 22.03 2.38
CA LYS C 137 -27.80 21.72 2.37
C LYS C 137 -26.96 22.86 2.93
N ASN C 138 -27.38 24.11 2.69
CA ASN C 138 -26.66 25.30 3.15
C ASN C 138 -25.18 25.25 2.76
N ASP C 139 -24.95 25.26 1.44
CA ASP C 139 -23.59 25.20 0.92
C ASP C 139 -22.79 26.41 1.37
N SER C 140 -23.23 27.62 0.98
CA SER C 140 -22.62 28.87 1.41
C SER C 140 -21.13 28.93 1.07
N GLU C 141 -20.78 28.45 -0.12
CA GLU C 141 -19.40 28.57 -0.58
C GLU C 141 -19.07 30.02 -0.87
N PRO C 142 -17.92 30.53 -0.41
CA PRO C 142 -17.60 31.95 -0.63
C PRO C 142 -17.50 32.28 -2.11
N GLY C 143 -18.03 33.45 -2.47
CA GLY C 143 -17.93 33.96 -3.82
C GLY C 143 -18.92 33.39 -4.80
N SER C 144 -19.79 32.47 -4.39
CA SER C 144 -20.73 31.83 -5.30
C SER C 144 -22.08 31.66 -4.61
N GLN C 145 -23.13 31.57 -5.43
CA GLN C 145 -24.48 31.31 -4.97
C GLN C 145 -25.09 30.19 -5.81
N ARG C 146 -25.82 29.30 -5.16
CA ARG C 146 -26.38 28.14 -5.83
C ARG C 146 -27.81 28.40 -6.29
N ILE C 147 -28.34 27.46 -7.08
CA ILE C 147 -29.67 27.56 -7.65
C ILE C 147 -30.39 26.23 -7.42
N LYS C 148 -31.67 26.31 -7.07
CA LYS C 148 -32.51 25.12 -6.89
C LYS C 148 -33.55 25.07 -8.01
N PRO C 149 -33.36 24.23 -9.02
CA PRO C 149 -34.32 24.18 -10.13
C PRO C 149 -35.52 23.30 -9.81
N VAL C 150 -36.48 23.29 -10.74
CA VAL C 150 -37.71 22.52 -10.57
C VAL C 150 -37.57 21.10 -11.13
N PHE C 151 -36.92 20.96 -12.29
CA PHE C 151 -36.62 19.67 -12.89
C PHE C 151 -37.90 18.88 -13.21
N ILE C 152 -38.66 19.43 -14.16
CA ILE C 152 -39.81 18.71 -14.68
C ILE C 152 -39.35 17.56 -15.57
N ASP C 153 -40.25 16.61 -15.80
CA ASP C 153 -39.97 15.49 -16.69
C ASP C 153 -40.26 15.89 -18.14
N ASP C 154 -39.43 15.40 -19.04
CA ASP C 154 -39.48 15.82 -20.44
C ASP C 154 -39.36 14.62 -21.36
N ALA C 155 -39.85 14.80 -22.58
CA ALA C 155 -39.60 13.88 -23.68
C ALA C 155 -38.36 14.31 -24.45
N ASN C 156 -37.83 13.39 -25.25
CA ASN C 156 -36.58 13.55 -26.00
C ASN C 156 -35.39 13.66 -25.05
N PHE C 157 -35.67 13.67 -23.75
CA PHE C 157 -34.66 13.54 -22.70
C PHE C 157 -35.22 12.54 -21.70
N ARG C 158 -34.59 11.37 -21.59
CA ARG C 158 -35.06 10.39 -20.62
C ARG C 158 -34.54 10.74 -19.23
N ARG C 159 -34.73 11.98 -18.83
CA ARG C 159 -34.25 12.51 -17.57
C ARG C 159 -35.22 13.59 -17.11
N GLN C 160 -34.84 14.32 -16.06
CA GLN C 160 -35.55 15.49 -15.59
C GLN C 160 -34.71 16.72 -15.90
N VAL C 161 -35.28 17.66 -16.64
CA VAL C 161 -34.55 18.80 -17.14
C VAL C 161 -35.27 20.09 -16.75
N SER C 162 -34.52 21.18 -16.74
CA SER C 162 -35.04 22.51 -16.47
C SER C 162 -34.63 23.43 -17.60
N TYR C 163 -35.60 24.13 -18.18
CA TYR C 163 -35.36 25.04 -19.29
C TYR C 163 -35.13 26.47 -18.84
N GLN C 164 -35.07 26.72 -17.54
CA GLN C 164 -34.93 28.08 -17.04
C GLN C 164 -33.49 28.58 -17.00
N HIS C 165 -32.52 27.67 -16.98
CA HIS C 165 -31.12 28.05 -16.94
C HIS C 165 -30.28 26.88 -17.44
N ALA C 166 -28.96 27.05 -17.38
CA ALA C 166 -28.00 26.06 -17.82
C ALA C 166 -27.23 25.51 -16.63
N ALA C 167 -26.92 24.22 -16.67
CA ALA C 167 -26.15 23.58 -15.62
C ALA C 167 -24.66 23.67 -15.92
N VAL C 168 -23.86 23.65 -14.86
CA VAL C 168 -22.41 23.77 -14.96
C VAL C 168 -21.78 22.54 -14.35
N HIS C 169 -20.90 21.89 -15.11
CA HIS C 169 -20.12 20.76 -14.62
C HIS C 169 -18.68 21.19 -14.42
N ILE C 170 -18.14 20.95 -13.23
CA ILE C 170 -16.76 21.26 -12.89
C ILE C 170 -16.09 19.96 -12.48
N PRO C 171 -14.90 19.64 -12.99
CA PRO C 171 -14.23 18.41 -12.59
C PRO C 171 -13.96 18.38 -11.09
N THR C 172 -13.98 17.15 -10.54
CA THR C 172 -13.93 16.99 -9.09
C THR C 172 -12.63 17.54 -8.51
N ASP C 173 -11.50 17.30 -9.18
CA ASP C 173 -10.22 17.75 -8.67
C ASP C 173 -9.89 19.19 -9.03
N ILE C 174 -10.79 19.89 -9.73
CA ILE C 174 -10.63 21.31 -10.02
C ILE C 174 -11.49 22.06 -9.02
N TYR C 175 -10.85 22.88 -8.18
CA TYR C 175 -11.56 23.59 -7.12
C TYR C 175 -12.39 24.73 -7.71
N GLU C 176 -13.71 24.66 -7.53
CA GLU C 176 -14.56 25.77 -7.89
C GLU C 176 -14.44 26.87 -6.85
N GLY C 177 -14.57 28.12 -7.30
CA GLY C 177 -14.32 29.26 -6.45
C GLY C 177 -12.97 29.90 -6.64
N SER C 178 -12.14 29.37 -7.53
CA SER C 178 -10.88 30.02 -7.86
C SER C 178 -11.14 31.28 -8.68
N THR C 179 -10.12 32.12 -8.80
CA THR C 179 -10.25 33.32 -9.61
C THR C 179 -10.49 32.96 -11.08
N ILE C 180 -9.81 31.93 -11.58
CA ILE C 180 -9.99 31.50 -12.96
C ILE C 180 -11.41 30.96 -13.16
N VAL C 181 -11.86 30.10 -12.25
CA VAL C 181 -13.15 29.45 -12.41
C VAL C 181 -14.30 30.45 -12.23
N LEU C 182 -14.20 31.30 -11.20
CA LEU C 182 -15.28 32.26 -10.94
C LEU C 182 -15.41 33.26 -12.06
N ASN C 183 -14.29 33.67 -12.67
CA ASN C 183 -14.36 34.57 -13.82
C ASN C 183 -15.04 33.91 -15.00
N GLU C 184 -14.78 32.61 -15.23
CA GLU C 184 -15.42 31.89 -16.32
C GLU C 184 -16.93 31.83 -16.11
N LEU C 185 -17.36 31.53 -14.89
CA LEU C 185 -18.80 31.49 -14.60
C LEU C 185 -19.42 32.87 -14.70
N ASN C 186 -18.63 33.93 -14.52
CA ASN C 186 -19.16 35.28 -14.60
C ASN C 186 -19.56 35.63 -16.03
N TRP C 187 -18.68 35.38 -17.00
CA TRP C 187 -18.97 35.76 -18.37
C TRP C 187 -19.69 34.67 -19.17
N THR C 188 -19.69 33.43 -18.69
CA THR C 188 -20.44 32.40 -19.39
C THR C 188 -21.93 32.42 -19.05
N SER C 189 -22.36 33.27 -18.11
CA SER C 189 -23.77 33.38 -17.78
C SER C 189 -24.59 34.01 -18.90
N ALA C 190 -23.94 34.61 -19.89
CA ALA C 190 -24.65 35.21 -21.02
C ALA C 190 -25.03 34.20 -22.08
N LEU C 191 -24.58 32.96 -21.97
CA LEU C 191 -24.92 31.93 -22.96
C LEU C 191 -26.32 31.36 -22.76
N ASP C 192 -26.93 31.59 -21.60
CA ASP C 192 -28.25 31.03 -21.33
C ASP C 192 -29.30 31.63 -22.26
N ASP C 193 -29.18 32.94 -22.56
CA ASP C 193 -30.14 33.57 -23.46
C ASP C 193 -30.07 32.95 -24.85
N VAL C 194 -28.86 32.72 -25.36
CA VAL C 194 -28.70 32.10 -26.67
C VAL C 194 -29.14 30.64 -26.63
N PHE C 195 -28.89 29.95 -25.52
CA PHE C 195 -29.40 28.59 -25.36
C PHE C 195 -30.92 28.56 -25.50
N LYS C 196 -31.60 29.46 -24.80
CA LYS C 196 -33.06 29.52 -24.88
C LYS C 196 -33.53 29.90 -26.27
N LYS C 197 -32.84 30.84 -26.92
CA LYS C 197 -33.22 31.24 -28.26
C LYS C 197 -33.08 30.08 -29.25
N ASN C 198 -31.98 29.33 -29.15
CA ASN C 198 -31.81 28.17 -30.01
C ASN C 198 -32.88 27.12 -29.74
N ARG C 199 -33.19 26.87 -28.46
CA ARG C 199 -34.20 25.87 -28.13
C ARG C 199 -35.56 26.26 -28.66
N GLU C 200 -35.93 27.54 -28.53
CA GLU C 200 -37.23 27.99 -29.03
C GLU C 200 -37.28 28.02 -30.54
N GLU C 201 -36.16 28.28 -31.22
CA GLU C 201 -36.15 28.24 -32.67
C GLU C 201 -36.34 26.82 -33.20
N ASP C 202 -35.75 25.84 -32.52
CA ASP C 202 -35.89 24.43 -32.91
C ASP C 202 -36.12 23.61 -31.65
N PRO C 203 -37.36 23.25 -31.35
CA PRO C 203 -37.65 22.54 -30.09
C PRO C 203 -37.09 21.12 -30.02
N SER C 204 -36.52 20.60 -31.11
CA SER C 204 -35.98 19.26 -31.13
C SER C 204 -34.50 19.21 -30.74
N LEU C 205 -33.94 20.33 -30.30
CA LEU C 205 -32.52 20.36 -29.93
C LEU C 205 -32.26 19.51 -28.70
N LEU C 206 -31.17 18.74 -28.76
CA LEU C 206 -30.66 18.00 -27.62
C LEU C 206 -29.62 18.85 -26.90
N TRP C 207 -28.80 18.24 -26.05
CA TRP C 207 -27.78 18.97 -25.30
C TRP C 207 -26.96 19.88 -26.20
N GLN C 208 -26.84 21.13 -25.79
CA GLN C 208 -25.90 22.08 -26.39
C GLN C 208 -25.01 22.62 -25.28
N VAL C 209 -23.70 22.50 -25.45
CA VAL C 209 -22.75 22.65 -24.36
C VAL C 209 -21.58 23.52 -24.79
N PHE C 210 -21.08 24.33 -23.87
CA PHE C 210 -19.82 25.04 -24.02
C PHE C 210 -18.76 24.34 -23.18
N GLY C 211 -17.76 23.78 -23.84
CA GLY C 211 -16.66 23.16 -23.14
C GLY C 211 -15.52 24.13 -22.93
N SER C 212 -15.36 24.63 -21.71
CA SER C 212 -14.35 25.63 -21.44
C SER C 212 -12.95 25.02 -21.43
N ALA C 213 -11.96 25.84 -21.82
CA ALA C 213 -10.57 25.41 -21.75
C ALA C 213 -10.05 25.34 -20.32
N THR C 214 -10.80 25.86 -19.36
CA THR C 214 -10.44 25.77 -17.96
C THR C 214 -11.04 24.53 -17.27
N GLY C 215 -11.71 23.66 -18.02
CA GLY C 215 -12.31 22.47 -17.48
C GLY C 215 -13.80 22.54 -17.29
N LEU C 216 -14.39 23.73 -17.34
CA LEU C 216 -15.82 23.89 -17.11
C LEU C 216 -16.62 23.38 -18.31
N ALA C 217 -17.86 23.00 -18.04
CA ALA C 217 -18.79 22.56 -19.07
C ALA C 217 -20.18 23.09 -18.71
N ARG C 218 -20.68 24.02 -19.53
CA ARG C 218 -21.99 24.62 -19.33
C ARG C 218 -22.91 24.11 -20.42
N TYR C 219 -23.97 23.39 -20.04
CA TYR C 219 -24.87 22.78 -20.99
C TYR C 219 -26.31 23.15 -20.68
N TYR C 220 -27.14 23.10 -21.71
CA TYR C 220 -28.56 23.42 -21.65
C TYR C 220 -29.36 22.30 -22.31
N PRO C 221 -30.51 21.91 -21.74
CA PRO C 221 -31.13 22.42 -20.51
C PRO C 221 -30.47 21.89 -19.25
N ALA C 222 -30.72 22.53 -18.11
CA ALA C 222 -30.12 22.09 -16.86
C ALA C 222 -30.62 20.71 -16.49
N SER C 223 -29.70 19.86 -16.01
CA SER C 223 -30.06 18.50 -15.62
C SER C 223 -29.03 18.00 -14.64
N PRO C 224 -29.45 17.29 -13.58
CA PRO C 224 -28.46 16.76 -12.63
C PRO C 224 -27.50 15.79 -13.29
N TRP C 225 -26.25 15.82 -12.83
CA TRP C 225 -25.22 14.96 -13.38
C TRP C 225 -25.50 13.50 -13.02
N VAL C 226 -25.04 12.59 -13.89
CA VAL C 226 -25.27 11.17 -13.67
C VAL C 226 -24.53 10.68 -12.43
N ASP C 227 -23.33 11.22 -12.18
CA ASP C 227 -22.48 10.75 -11.09
C ASP C 227 -22.14 11.94 -10.19
N ASN C 228 -22.64 11.90 -8.96
CA ASN C 228 -22.31 12.93 -7.99
C ASN C 228 -20.86 12.77 -7.53
N SER C 229 -20.34 13.82 -6.88
CA SER C 229 -18.96 13.80 -6.43
C SER C 229 -18.72 12.69 -5.42
N ARG C 230 -19.37 12.75 -4.26
CA ARG C 230 -19.24 11.70 -3.27
C ARG C 230 -20.56 11.39 -2.56
N THR C 231 -21.70 11.83 -3.10
CA THR C 231 -22.98 11.47 -2.50
C THR C 231 -23.21 9.97 -2.51
N PRO C 232 -23.00 9.24 -3.62
CA PRO C 232 -22.97 7.77 -3.52
C PRO C 232 -21.56 7.28 -3.26
N ASN C 233 -21.38 5.95 -3.22
CA ASN C 233 -20.03 5.41 -3.08
C ASN C 233 -19.20 5.55 -4.34
N LYS C 234 -19.80 5.95 -5.46
CA LYS C 234 -19.10 6.09 -6.73
C LYS C 234 -18.76 7.55 -6.99
N ILE C 235 -17.67 7.76 -7.74
CA ILE C 235 -17.23 9.09 -8.12
C ILE C 235 -17.20 9.18 -9.64
N ASP C 236 -16.89 10.35 -10.18
CA ASP C 236 -16.87 10.55 -11.62
C ASP C 236 -15.50 11.06 -12.06
N LEU C 237 -15.12 10.70 -13.27
CA LEU C 237 -13.88 11.14 -13.89
C LEU C 237 -14.26 11.70 -15.26
N TYR C 238 -14.67 12.97 -15.29
CA TYR C 238 -15.14 13.61 -16.51
C TYR C 238 -14.46 14.96 -16.63
N ASP C 239 -13.54 15.07 -17.58
CA ASP C 239 -12.97 16.35 -17.97
C ASP C 239 -13.39 16.63 -19.40
N VAL C 240 -13.99 17.81 -19.62
CA VAL C 240 -14.47 18.15 -20.96
C VAL C 240 -13.32 18.27 -21.95
N ARG C 241 -12.11 18.50 -21.46
CA ARG C 241 -10.96 18.63 -22.34
C ARG C 241 -10.53 17.31 -22.96
N ARG C 242 -11.00 16.18 -22.43
CA ARG C 242 -10.65 14.86 -22.94
C ARG C 242 -11.75 14.25 -23.78
N ARG C 243 -12.87 14.94 -23.97
CA ARG C 243 -13.96 14.39 -24.74
C ARG C 243 -13.63 14.38 -26.22
N PRO C 244 -14.13 13.38 -26.97
CA PRO C 244 -13.80 13.32 -28.40
C PRO C 244 -14.21 14.54 -29.19
N TRP C 245 -15.37 15.13 -28.87
CA TRP C 245 -15.81 16.30 -29.61
C TRP C 245 -14.93 17.51 -29.32
N TYR C 246 -14.54 17.69 -28.05
CA TYR C 246 -13.64 18.78 -27.71
C TYR C 246 -12.29 18.62 -28.40
N ILE C 247 -11.74 17.41 -28.40
CA ILE C 247 -10.45 17.16 -29.03
C ILE C 247 -10.54 17.40 -30.53
N GLN C 248 -11.64 16.95 -31.14
CA GLN C 248 -11.83 17.16 -32.58
C GLN C 248 -11.92 18.65 -32.91
N GLY C 249 -12.67 19.42 -32.13
CA GLY C 249 -12.83 20.82 -32.40
C GLY C 249 -11.74 21.73 -31.89
N ALA C 250 -10.77 21.19 -31.15
CA ALA C 250 -9.72 22.00 -30.56
C ALA C 250 -8.45 22.08 -31.40
N ALA C 251 -8.23 21.15 -32.32
CA ALA C 251 -7.00 21.12 -33.10
C ALA C 251 -7.25 20.32 -34.38
N SER C 252 -6.20 20.16 -35.17
CA SER C 252 -6.22 19.43 -36.43
C SER C 252 -5.69 18.02 -36.23
N PRO C 253 -5.91 17.13 -37.21
CA PRO C 253 -5.36 15.77 -37.08
C PRO C 253 -3.84 15.77 -36.96
N LYS C 254 -3.32 14.75 -36.30
CA LYS C 254 -1.92 14.70 -35.91
C LYS C 254 -1.23 13.47 -36.50
N ASP C 255 0.07 13.62 -36.73
CA ASP C 255 0.96 12.50 -37.03
C ASP C 255 1.93 12.40 -35.85
N MET C 256 1.49 11.71 -34.80
CA MET C 256 2.21 11.69 -33.54
C MET C 256 3.14 10.49 -33.47
N LEU C 257 4.35 10.71 -32.94
CA LEU C 257 5.29 9.63 -32.68
C LEU C 257 5.74 9.75 -31.24
N ILE C 258 5.29 8.83 -30.39
CA ILE C 258 5.66 8.82 -28.99
C ILE C 258 7.02 8.15 -28.85
N LEU C 259 7.98 8.88 -28.28
CA LEU C 259 9.34 8.38 -28.07
C LEU C 259 9.53 8.16 -26.57
N VAL C 260 9.88 6.94 -26.20
CA VAL C 260 9.95 6.52 -24.80
C VAL C 260 11.39 6.17 -24.46
N ASP C 261 11.88 6.71 -23.35
CA ASP C 261 13.22 6.42 -22.87
C ASP C 261 13.17 5.19 -21.97
N VAL C 262 13.95 4.17 -22.31
CA VAL C 262 13.95 2.92 -21.55
C VAL C 262 15.36 2.60 -21.09
N SER C 263 16.18 3.63 -20.88
CA SER C 263 17.51 3.44 -20.34
C SER C 263 17.42 3.08 -18.86
N GLY C 264 18.57 2.76 -18.27
CA GLY C 264 18.57 2.26 -16.90
C GLY C 264 18.08 3.26 -15.87
N SER C 265 18.33 4.55 -16.10
CA SER C 265 18.00 5.56 -15.11
C SER C 265 16.50 5.72 -14.89
N VAL C 266 15.67 5.26 -15.82
CA VAL C 266 14.22 5.44 -15.70
C VAL C 266 13.62 4.25 -14.98
N SER C 267 14.47 3.38 -14.42
CA SER C 267 13.97 2.23 -13.68
C SER C 267 13.34 2.66 -12.37
N GLY C 268 12.19 2.07 -12.05
CA GLY C 268 11.51 2.37 -10.80
C GLY C 268 10.16 3.04 -10.97
N LEU C 269 9.91 4.07 -10.16
CA LEU C 269 8.63 4.76 -10.21
C LEU C 269 8.42 5.46 -11.54
N THR C 270 9.47 6.08 -12.08
CA THR C 270 9.31 6.87 -13.28
C THR C 270 8.95 6.02 -14.50
N LEU C 271 9.37 4.75 -14.55
CA LEU C 271 8.97 3.89 -15.66
C LEU C 271 7.48 3.59 -15.62
N LYS C 272 6.96 3.27 -14.44
CA LYS C 272 5.52 3.03 -14.29
C LYS C 272 4.73 4.29 -14.61
N LEU C 273 5.21 5.45 -14.16
CA LEU C 273 4.54 6.70 -14.49
C LEU C 273 4.57 6.97 -15.99
N ILE C 274 5.69 6.64 -16.64
CA ILE C 274 5.80 6.82 -18.09
C ILE C 274 4.81 5.93 -18.81
N ARG C 275 4.67 4.68 -18.37
CA ARG C 275 3.72 3.77 -19.01
C ARG C 275 2.28 4.30 -18.88
N THR C 276 1.92 4.73 -17.66
CA THR C 276 0.58 5.28 -17.47
C THR C 276 0.36 6.54 -18.30
N SER C 277 1.37 7.40 -18.39
CA SER C 277 1.25 8.62 -19.18
C SER C 277 1.11 8.32 -20.66
N VAL C 278 1.85 7.34 -21.16
CA VAL C 278 1.75 6.96 -22.57
C VAL C 278 0.34 6.42 -22.87
N SER C 279 -0.19 5.58 -21.98
CA SER C 279 -1.55 5.11 -22.18
C SER C 279 -2.56 6.26 -22.17
N GLU C 280 -2.40 7.20 -21.24
CA GLU C 280 -3.33 8.33 -21.15
C GLU C 280 -3.26 9.20 -22.40
N MET C 281 -2.07 9.45 -22.92
CA MET C 281 -1.95 10.25 -24.14
C MET C 281 -2.49 9.50 -25.35
N LEU C 282 -2.28 8.19 -25.41
CA LEU C 282 -2.90 7.40 -26.47
C LEU C 282 -4.41 7.50 -26.42
N GLU C 283 -4.98 7.63 -25.21
CA GLU C 283 -6.43 7.80 -25.10
C GLU C 283 -6.92 9.13 -25.65
N THR C 284 -6.04 10.08 -25.96
CA THR C 284 -6.45 11.38 -26.50
C THR C 284 -6.48 11.41 -28.02
N LEU C 285 -6.21 10.30 -28.69
CA LEU C 285 -6.16 10.26 -30.14
C LEU C 285 -7.44 9.67 -30.71
N SER C 286 -7.74 10.05 -31.95
CA SER C 286 -8.94 9.61 -32.65
C SER C 286 -8.56 8.88 -33.93
N ASP C 287 -9.56 8.55 -34.74
CA ASP C 287 -9.34 7.81 -35.97
C ASP C 287 -8.73 8.65 -37.09
N ASP C 288 -8.71 9.97 -36.95
CA ASP C 288 -8.09 10.84 -37.93
C ASP C 288 -6.62 11.10 -37.64
N ASP C 289 -6.11 10.62 -36.52
CA ASP C 289 -4.72 10.79 -36.14
C ASP C 289 -3.95 9.50 -36.37
N PHE C 290 -2.66 9.63 -36.65
CA PHE C 290 -1.79 8.49 -36.89
C PHE C 290 -0.66 8.51 -35.88
N VAL C 291 -0.39 7.36 -35.27
CA VAL C 291 0.52 7.28 -34.14
C VAL C 291 1.41 6.05 -34.25
N ASN C 292 2.60 6.13 -33.66
CA ASN C 292 3.47 4.98 -33.46
C ASN C 292 4.34 5.27 -32.24
N VAL C 293 4.66 4.21 -31.51
CA VAL C 293 5.42 4.32 -30.26
C VAL C 293 6.78 3.65 -30.46
N ALA C 294 7.84 4.37 -30.13
CA ALA C 294 9.21 3.86 -30.23
C ALA C 294 9.92 4.04 -28.90
N SER C 295 10.91 3.19 -28.65
CA SER C 295 11.70 3.25 -27.44
C SER C 295 13.18 3.20 -27.80
N PHE C 296 14.00 3.86 -26.96
CA PHE C 296 15.43 3.93 -27.23
C PHE C 296 16.21 3.78 -25.92
N ASN C 297 17.21 2.91 -25.95
CA ASN C 297 18.22 2.81 -24.89
C ASN C 297 19.53 2.34 -25.52
N SER C 298 20.34 3.32 -25.93
CA SER C 298 21.54 3.14 -26.76
C SER C 298 21.20 2.60 -28.15
N ASN C 299 19.93 2.32 -28.42
CA ASN C 299 19.46 1.81 -29.70
C ASN C 299 17.95 2.01 -29.77
N ALA C 300 17.45 2.50 -30.90
CA ALA C 300 16.03 2.82 -31.04
C ALA C 300 15.31 1.72 -31.80
N GLN C 301 14.11 1.39 -31.34
CA GLN C 301 13.31 0.34 -31.95
C GLN C 301 11.85 0.58 -31.65
N ASP C 302 10.99 -0.07 -32.43
CA ASP C 302 9.55 -0.04 -32.17
C ASP C 302 9.20 -0.94 -31.00
N VAL C 303 8.09 -0.62 -30.34
CA VAL C 303 7.64 -1.40 -29.19
C VAL C 303 6.65 -2.49 -29.57
N SER C 304 6.15 -2.51 -30.80
CA SER C 304 5.15 -3.48 -31.22
C SER C 304 5.49 -3.96 -32.62
N CYS C 305 4.53 -4.65 -33.25
CA CYS C 305 4.71 -5.22 -34.58
C CYS C 305 4.17 -4.30 -35.68
N PHE C 306 4.22 -2.98 -35.47
CA PHE C 306 3.66 -2.02 -36.42
C PHE C 306 4.71 -1.49 -37.39
N GLN C 307 5.80 -0.95 -36.89
CA GLN C 307 6.96 -0.47 -37.64
C GLN C 307 6.70 0.81 -38.43
N HIS C 308 5.49 1.37 -38.36
CA HIS C 308 5.21 2.66 -38.97
C HIS C 308 3.91 3.20 -38.36
N LEU C 309 3.51 4.39 -38.80
CA LEU C 309 2.31 5.02 -38.28
C LEU C 309 1.07 4.22 -38.66
N VAL C 310 0.11 4.15 -37.74
CA VAL C 310 -1.13 3.40 -37.92
C VAL C 310 -2.29 4.33 -37.61
N GLN C 311 -3.49 3.90 -38.02
CA GLN C 311 -4.66 4.78 -38.01
C GLN C 311 -5.08 5.19 -36.60
N ALA C 312 -4.57 4.53 -35.56
CA ALA C 312 -4.90 4.86 -34.18
C ALA C 312 -6.40 4.74 -33.92
N ASN C 313 -6.96 3.60 -34.33
CA ASN C 313 -8.32 3.24 -33.97
C ASN C 313 -8.28 2.41 -32.69
N VAL C 314 -9.40 1.79 -32.33
CA VAL C 314 -9.50 1.09 -31.05
C VAL C 314 -8.51 -0.07 -31.01
N ARG C 315 -8.45 -0.86 -32.08
CA ARG C 315 -7.62 -2.05 -32.09
C ARG C 315 -6.14 -1.71 -32.07
N ASN C 316 -5.72 -0.74 -32.90
CA ASN C 316 -4.32 -0.35 -32.94
C ASN C 316 -3.89 0.28 -31.62
N LYS C 317 -4.75 1.11 -31.03
CA LYS C 317 -4.43 1.70 -29.74
C LYS C 317 -4.34 0.64 -28.65
N LYS C 318 -5.20 -0.38 -28.70
CA LYS C 318 -5.10 -1.48 -27.75
C LYS C 318 -3.78 -2.22 -27.89
N VAL C 319 -3.35 -2.47 -29.14
CA VAL C 319 -2.08 -3.13 -29.38
C VAL C 319 -0.93 -2.29 -28.83
N LEU C 320 -0.97 -0.98 -29.10
CA LEU C 320 0.10 -0.10 -28.65
C LEU C 320 0.15 -0.05 -27.12
N LYS C 321 -1.02 0.00 -26.46
CA LYS C 321 -1.04 0.02 -25.00
C LYS C 321 -0.48 -1.28 -24.44
N ASP C 322 -0.87 -2.42 -25.02
CA ASP C 322 -0.36 -3.71 -24.54
C ASP C 322 1.14 -3.80 -24.72
N ALA C 323 1.66 -3.31 -25.84
CA ALA C 323 3.10 -3.31 -26.05
C ALA C 323 3.81 -2.37 -25.09
N VAL C 324 3.22 -1.21 -24.82
CA VAL C 324 3.85 -0.23 -23.94
C VAL C 324 3.92 -0.75 -22.52
N ASN C 325 2.85 -1.40 -22.03
CA ASN C 325 2.90 -1.92 -20.68
C ASN C 325 3.64 -3.25 -20.64
N ASN C 326 4.80 -3.30 -21.28
CA ASN C 326 5.70 -4.44 -21.16
C ASN C 326 7.17 -4.03 -21.18
N ILE C 327 7.49 -2.74 -21.23
CA ILE C 327 8.87 -2.31 -21.42
C ILE C 327 9.63 -2.41 -20.11
N THR C 328 10.96 -2.58 -20.23
CA THR C 328 11.85 -2.64 -19.08
C THR C 328 12.98 -1.63 -19.28
N ALA C 329 13.50 -1.13 -18.16
CA ALA C 329 14.56 -0.13 -18.17
C ALA C 329 15.91 -0.82 -18.08
N LYS C 330 16.75 -0.62 -19.10
CA LYS C 330 18.04 -1.27 -19.17
C LYS C 330 18.93 -0.61 -20.21
N GLY C 331 20.13 -0.19 -19.82
CA GLY C 331 21.08 0.34 -20.78
C GLY C 331 21.48 1.79 -20.55
N ILE C 332 21.99 2.43 -21.60
CA ILE C 332 22.49 3.80 -21.53
C ILE C 332 21.70 4.65 -22.52
N THR C 333 21.32 5.85 -22.08
CA THR C 333 20.52 6.74 -22.92
C THR C 333 21.32 7.21 -24.13
N ASP C 334 20.62 7.37 -25.26
CA ASP C 334 21.21 7.91 -26.48
C ASP C 334 20.11 8.67 -27.21
N TYR C 335 20.10 10.00 -27.05
CA TYR C 335 19.03 10.81 -27.63
C TYR C 335 19.18 10.95 -29.13
N LYS C 336 20.41 10.94 -29.65
CA LYS C 336 20.63 11.12 -31.07
C LYS C 336 19.99 9.99 -31.88
N LYS C 337 20.21 8.75 -31.46
CA LYS C 337 19.65 7.61 -32.18
C LYS C 337 18.13 7.61 -32.11
N GLY C 338 17.57 7.89 -30.93
CA GLY C 338 16.13 7.92 -30.81
C GLY C 338 15.49 8.99 -31.66
N PHE C 339 16.08 10.19 -31.69
CA PHE C 339 15.51 11.27 -32.49
C PHE C 339 15.68 10.99 -33.98
N SER C 340 16.79 10.38 -34.38
CA SER C 340 16.95 9.97 -35.77
C SER C 340 15.87 8.97 -36.16
N PHE C 341 15.61 7.98 -35.30
CA PHE C 341 14.57 7.00 -35.57
C PHE C 341 13.20 7.67 -35.70
N ALA C 342 12.89 8.58 -34.78
CA ALA C 342 11.60 9.26 -34.81
C ALA C 342 11.43 10.07 -36.08
N PHE C 343 12.47 10.83 -36.48
CA PHE C 343 12.37 11.65 -37.68
C PHE C 343 12.25 10.79 -38.93
N GLU C 344 13.01 9.68 -39.00
CA GLU C 344 12.91 8.80 -40.15
C GLU C 344 11.52 8.18 -40.27
N GLN C 345 10.93 7.78 -39.14
CA GLN C 345 9.57 7.25 -39.22
C GLN C 345 8.54 8.34 -39.52
N LEU C 346 8.81 9.59 -39.14
CA LEU C 346 7.93 10.68 -39.52
C LEU C 346 8.11 11.11 -40.98
N LEU C 347 9.18 10.70 -41.63
CA LEU C 347 9.44 11.05 -43.02
C LEU C 347 9.08 9.94 -44.00
N ASN C 348 8.33 8.93 -43.56
CA ASN C 348 8.05 7.76 -44.40
C ASN C 348 7.28 8.12 -45.67
N TYR C 349 6.05 8.59 -45.51
CA TYR C 349 5.17 8.99 -46.62
C TYR C 349 4.82 7.82 -47.54
N ASN C 350 5.27 6.62 -47.21
CA ASN C 350 4.89 5.44 -47.98
C ASN C 350 3.51 4.93 -47.62
N VAL C 351 3.01 5.26 -46.43
CA VAL C 351 1.78 4.65 -45.91
C VAL C 351 0.73 5.73 -45.68
N SER C 352 -0.44 5.32 -45.21
CA SER C 352 -1.49 6.27 -44.88
C SER C 352 -1.07 7.13 -43.70
N ARG C 353 -1.33 8.43 -43.79
CA ARG C 353 -0.93 9.38 -42.75
C ARG C 353 -1.97 10.48 -42.68
N ALA C 354 -2.00 11.15 -41.52
CA ALA C 354 -2.80 12.37 -41.40
C ALA C 354 -2.19 13.50 -42.22
N ASN C 355 -0.85 13.55 -42.29
CA ASN C 355 -0.11 14.52 -43.09
C ASN C 355 -0.36 15.96 -42.66
N CYS C 356 -0.74 16.17 -41.40
CA CYS C 356 -1.05 17.51 -40.92
C CYS C 356 -0.11 17.99 -39.82
N ASN C 357 0.00 17.26 -38.72
CA ASN C 357 0.73 17.71 -37.53
C ASN C 357 1.77 16.66 -37.17
N LYS C 358 2.98 16.84 -37.66
CA LYS C 358 4.08 15.96 -37.33
C LYS C 358 4.67 16.40 -35.99
N ILE C 359 4.41 15.63 -34.94
CA ILE C 359 4.82 15.98 -33.59
C ILE C 359 5.50 14.78 -32.94
N ILE C 360 6.44 15.06 -32.05
CA ILE C 360 7.18 14.04 -31.33
C ILE C 360 6.97 14.24 -29.84
N MET C 361 6.57 13.18 -29.15
CA MET C 361 6.40 13.18 -27.70
C MET C 361 7.58 12.43 -27.10
N LEU C 362 8.43 13.13 -26.38
CA LEU C 362 9.60 12.54 -25.74
C LEU C 362 9.32 12.36 -24.25
N PHE C 363 9.32 11.11 -23.79
CA PHE C 363 9.14 10.79 -22.38
C PHE C 363 10.47 10.35 -21.81
N THR C 364 10.93 11.04 -20.77
CA THR C 364 12.21 10.76 -20.15
C THR C 364 12.20 11.33 -18.74
N ASP C 365 13.35 11.29 -18.08
CA ASP C 365 13.53 11.91 -16.77
C ASP C 365 14.51 13.07 -16.81
N GLY C 366 15.71 12.85 -17.33
CA GLY C 366 16.70 13.91 -17.44
C GLY C 366 17.87 13.43 -18.26
N GLY C 367 18.75 14.37 -18.58
CA GLY C 367 19.90 14.03 -19.38
C GLY C 367 20.91 15.16 -19.39
N GLU C 368 21.90 15.02 -20.26
CA GLU C 368 22.96 16.00 -20.40
C GLU C 368 23.27 16.39 -21.84
N GLU C 369 22.69 15.69 -22.82
CA GLU C 369 22.92 16.00 -24.23
C GLU C 369 21.62 16.50 -24.84
N ARG C 370 21.73 17.49 -25.73
CA ARG C 370 20.57 18.07 -26.39
C ARG C 370 20.45 17.69 -27.86
N ALA C 371 21.48 17.06 -28.43
CA ALA C 371 21.46 16.57 -29.82
C ALA C 371 21.13 17.70 -30.79
N GLN C 372 21.94 18.76 -30.72
CA GLN C 372 21.73 19.92 -31.60
C GLN C 372 21.92 19.55 -33.06
N GLU C 373 22.93 18.75 -33.36
CA GLU C 373 23.21 18.40 -34.76
C GLU C 373 22.10 17.54 -35.35
N ILE C 374 21.46 16.70 -34.55
CA ILE C 374 20.35 15.89 -35.06
C ILE C 374 19.19 16.79 -35.47
N PHE C 375 18.86 17.78 -34.63
CA PHE C 375 17.78 18.70 -34.96
C PHE C 375 18.15 19.55 -36.17
N ALA C 376 19.41 19.96 -36.27
CA ALA C 376 19.83 20.75 -37.43
C ALA C 376 19.76 19.93 -38.71
N LYS C 377 20.06 18.63 -38.62
CA LYS C 377 20.01 17.78 -39.80
C LYS C 377 18.58 17.46 -40.21
N TYR C 378 17.71 17.17 -39.25
CA TYR C 378 16.40 16.63 -39.54
C TYR C 378 15.27 17.65 -39.45
N ASN C 379 15.42 18.70 -38.65
CA ASN C 379 14.35 19.65 -38.40
C ASN C 379 14.86 21.07 -38.48
N LYS C 380 15.70 21.34 -39.48
CA LYS C 380 16.23 22.69 -39.67
C LYS C 380 15.11 23.67 -40.02
N ASP C 381 14.18 23.26 -40.89
CA ASP C 381 13.06 24.11 -41.27
C ASP C 381 11.98 24.17 -40.21
N LYS C 382 12.08 23.38 -39.15
CA LYS C 382 11.13 23.38 -38.04
C LYS C 382 9.73 23.04 -38.50
N LYS C 383 9.60 21.89 -39.18
CA LYS C 383 8.30 21.38 -39.57
C LYS C 383 7.75 20.37 -38.58
N VAL C 384 8.52 19.99 -37.57
CA VAL C 384 8.12 18.99 -36.59
C VAL C 384 8.21 19.62 -35.20
N ARG C 385 7.12 19.53 -34.46
CA ARG C 385 7.10 19.99 -33.06
C ARG C 385 7.61 18.88 -32.16
N VAL C 386 8.33 19.27 -31.12
CA VAL C 386 8.89 18.33 -30.15
C VAL C 386 8.34 18.72 -28.78
N PHE C 387 7.54 17.83 -28.19
CA PHE C 387 7.04 18.00 -26.83
C PHE C 387 7.81 17.05 -25.91
N THR C 388 8.40 17.61 -24.86
CA THR C 388 9.20 16.84 -23.93
C THR C 388 8.49 16.73 -22.59
N PHE C 389 8.56 15.55 -21.98
CA PHE C 389 7.93 15.28 -20.69
C PHE C 389 8.98 14.77 -19.73
N SER C 390 9.12 15.43 -18.58
CA SER C 390 9.98 14.98 -17.50
C SER C 390 9.11 14.29 -16.46
N VAL C 391 9.34 13.00 -16.25
CA VAL C 391 8.45 12.15 -15.48
C VAL C 391 9.17 11.67 -14.22
N GLY C 392 8.48 11.74 -13.08
CA GLY C 392 9.01 11.23 -11.84
C GLY C 392 9.77 12.28 -11.05
N GLN C 393 10.26 11.84 -9.89
CA GLN C 393 11.09 12.65 -9.01
C GLN C 393 12.52 12.15 -9.11
N HIS C 394 13.44 13.04 -9.50
CA HIS C 394 14.81 12.65 -9.77
C HIS C 394 15.69 13.87 -9.64
N ASN C 395 17.01 13.63 -9.58
CA ASN C 395 18.00 14.69 -9.47
C ASN C 395 18.72 14.96 -10.78
N TYR C 396 18.19 14.46 -11.90
CA TYR C 396 18.85 14.65 -13.19
C TYR C 396 18.52 16.01 -13.78
N ASP C 397 19.42 16.49 -14.64
CA ASP C 397 19.27 17.82 -15.23
C ASP C 397 18.10 17.83 -16.21
N ARG C 398 17.26 18.86 -16.11
CA ARG C 398 16.10 19.00 -16.97
C ARG C 398 16.25 20.13 -17.98
N GLY C 399 17.39 20.82 -18.00
CA GLY C 399 17.62 21.89 -18.93
C GLY C 399 17.62 21.48 -20.40
N PRO C 400 18.35 20.41 -20.75
CA PRO C 400 18.39 20.00 -22.16
C PRO C 400 17.03 19.66 -22.74
N ILE C 401 16.14 19.01 -21.97
CA ILE C 401 14.85 18.65 -22.52
C ILE C 401 13.96 19.89 -22.67
N GLN C 402 14.08 20.86 -21.76
CA GLN C 402 13.39 22.13 -21.96
C GLN C 402 13.89 22.83 -23.22
N TRP C 403 15.20 22.77 -23.48
CA TRP C 403 15.75 23.35 -24.69
C TRP C 403 15.19 22.66 -25.93
N MET C 404 15.11 21.33 -25.91
CA MET C 404 14.49 20.60 -27.01
C MET C 404 13.03 21.02 -27.19
N ALA C 405 12.32 21.19 -26.08
CA ALA C 405 10.90 21.55 -26.14
C ALA C 405 10.71 22.90 -26.82
N CYS C 406 11.23 23.97 -26.21
CA CYS C 406 11.03 25.30 -26.78
C CYS C 406 12.17 25.74 -27.68
N GLU C 407 12.81 24.81 -28.37
CA GLU C 407 13.60 25.09 -29.55
C GLU C 407 12.90 24.66 -30.83
N ASN C 408 12.31 23.47 -30.85
CA ASN C 408 11.53 23.00 -32.00
C ASN C 408 10.04 23.29 -31.84
N LYS C 409 9.72 24.53 -31.48
CA LYS C 409 8.33 25.03 -31.46
C LYS C 409 7.40 24.11 -30.67
N GLY C 410 7.89 23.61 -29.54
CA GLY C 410 7.09 22.69 -28.74
C GLY C 410 6.76 23.21 -27.35
N TYR C 411 6.62 22.29 -26.39
CA TYR C 411 6.29 22.65 -25.02
C TYR C 411 6.93 21.64 -24.08
N TYR C 412 7.11 22.05 -22.83
CA TYR C 412 7.75 21.24 -21.81
C TYR C 412 6.77 20.99 -20.67
N TYR C 413 6.64 19.73 -20.27
CA TYR C 413 5.70 19.33 -19.23
C TYR C 413 6.42 18.50 -18.17
N GLU C 414 5.89 18.54 -16.95
CA GLU C 414 6.43 17.77 -15.83
C GLU C 414 5.32 16.92 -15.23
N ILE C 415 5.60 15.63 -15.04
CA ILE C 415 4.65 14.70 -14.44
C ILE C 415 5.29 14.06 -13.22
N PRO C 416 5.07 14.60 -12.02
CA PRO C 416 5.74 14.04 -10.83
C PRO C 416 5.02 12.87 -10.20
N SER C 417 3.71 12.75 -10.44
CA SER C 417 2.92 11.72 -9.78
C SER C 417 1.79 11.29 -10.71
N ILE C 418 0.96 10.36 -10.22
CA ILE C 418 -0.18 9.87 -10.99
C ILE C 418 -1.21 10.99 -11.18
N GLY C 419 -1.38 11.84 -10.17
CA GLY C 419 -2.40 12.87 -10.22
C GLY C 419 -2.20 13.91 -11.30
N ALA C 420 -0.96 14.07 -11.79
CA ALA C 420 -0.67 15.04 -12.83
C ALA C 420 -0.75 14.46 -14.24
N ILE C 421 -0.93 13.15 -14.37
CA ILE C 421 -0.86 12.51 -15.68
C ILE C 421 -1.99 13.00 -16.57
N ARG C 422 -3.23 12.98 -16.06
CA ARG C 422 -4.37 13.35 -16.87
C ARG C 422 -4.29 14.80 -17.32
N ILE C 423 -3.90 15.70 -16.41
CA ILE C 423 -3.87 17.11 -16.75
C ILE C 423 -2.73 17.41 -17.72
N ASN C 424 -1.57 16.76 -17.54
CA ASN C 424 -0.41 17.10 -18.35
C ASN C 424 -0.34 16.35 -19.67
N THR C 425 -1.12 15.30 -19.86
CA THR C 425 -1.14 14.60 -21.13
C THR C 425 -2.22 15.10 -22.08
N GLN C 426 -2.95 16.15 -21.70
CA GLN C 426 -3.97 16.73 -22.56
C GLN C 426 -3.72 18.19 -22.90
N GLU C 427 -2.69 18.82 -22.33
CA GLU C 427 -2.43 20.23 -22.56
C GLU C 427 -1.75 20.52 -23.88
N TYR C 428 -1.20 19.50 -24.55
CA TYR C 428 -0.49 19.75 -25.80
C TYR C 428 -1.40 20.23 -26.91
N LEU C 429 -2.72 20.05 -26.76
CA LEU C 429 -3.67 20.54 -27.75
C LEU C 429 -3.79 22.05 -27.76
N ASP C 430 -3.31 22.73 -26.71
CA ASP C 430 -3.29 24.18 -26.71
C ASP C 430 -2.23 24.72 -27.66
N VAL C 431 -1.05 24.09 -27.69
CA VAL C 431 0.00 24.50 -28.61
C VAL C 431 -0.40 24.20 -30.05
N LEU C 432 -1.04 23.06 -30.27
CA LEU C 432 -1.43 22.66 -31.61
C LEU C 432 -2.54 23.54 -32.18
N GLY C 433 -3.26 24.26 -31.34
CA GLY C 433 -4.32 25.14 -31.78
C GLY C 433 -3.92 26.55 -32.13
N ARG C 434 -2.65 26.91 -31.98
CA ARG C 434 -2.22 28.27 -32.31
C ARG C 434 -2.41 28.60 -33.78
N PRO C 435 -1.95 27.80 -34.76
CA PRO C 435 -2.22 28.14 -36.16
C PRO C 435 -3.70 28.17 -36.50
N MET C 436 -4.50 27.31 -35.87
CA MET C 436 -5.95 27.34 -36.09
C MET C 436 -6.55 28.65 -35.61
N VAL C 437 -6.05 29.20 -34.50
CA VAL C 437 -6.49 30.51 -34.04
C VAL C 437 -6.04 31.60 -35.01
N LEU C 438 -4.77 31.55 -35.42
CA LEU C 438 -4.23 32.58 -36.29
C LEU C 438 -4.87 32.57 -37.68
N ALA C 439 -5.43 31.45 -38.09
CA ALA C 439 -6.13 31.40 -39.38
C ALA C 439 -7.32 32.34 -39.40
N GLY C 440 -8.07 32.38 -38.31
CA GLY C 440 -9.20 33.30 -38.20
C GLY C 440 -10.52 32.62 -38.54
N ASP C 441 -11.33 33.28 -39.36
CA ASP C 441 -12.64 32.75 -39.72
C ASP C 441 -12.58 31.58 -40.69
N LYS C 442 -11.42 31.34 -41.31
CA LYS C 442 -11.27 30.16 -42.16
C LYS C 442 -11.31 28.86 -41.36
N ALA C 443 -11.00 28.92 -40.06
CA ALA C 443 -10.95 27.74 -39.22
C ALA C 443 -12.25 27.46 -38.50
N LYS C 444 -13.28 28.30 -38.69
CA LYS C 444 -14.55 28.11 -38.01
C LYS C 444 -15.50 27.30 -38.90
N GLN C 445 -15.14 26.03 -39.07
CA GLN C 445 -15.94 25.08 -39.84
C GLN C 445 -16.49 24.01 -38.91
N VAL C 446 -17.78 23.72 -39.03
CA VAL C 446 -18.45 22.78 -38.15
C VAL C 446 -18.05 21.36 -38.52
N GLN C 447 -17.60 20.59 -37.54
CA GLN C 447 -17.22 19.20 -37.73
C GLN C 447 -18.13 18.31 -36.90
N TRP C 448 -18.35 17.09 -37.38
CA TRP C 448 -19.21 16.11 -36.72
C TRP C 448 -18.37 14.92 -36.29
N THR C 449 -18.56 14.48 -35.06
CA THR C 449 -17.74 13.43 -34.48
C THR C 449 -18.25 12.06 -34.93
N ASN C 450 -17.54 11.02 -34.50
CA ASN C 450 -18.00 9.66 -34.70
C ASN C 450 -19.16 9.37 -33.76
N VAL C 451 -19.83 8.25 -34.00
CA VAL C 451 -20.93 7.83 -33.14
C VAL C 451 -20.37 7.38 -31.80
N TYR C 452 -20.89 7.94 -30.71
CA TYR C 452 -20.46 7.57 -29.37
C TYR C 452 -21.68 7.59 -28.45
N LEU C 453 -21.50 7.10 -27.24
CA LEU C 453 -22.56 7.07 -26.24
C LEU C 453 -22.52 8.35 -25.42
N ASP C 454 -23.67 9.02 -25.31
CA ASP C 454 -23.74 10.27 -24.59
C ASP C 454 -23.44 10.05 -23.11
N ALA C 455 -22.72 11.00 -22.51
CA ALA C 455 -22.36 10.90 -21.11
C ALA C 455 -23.57 11.03 -20.19
N LEU C 456 -24.65 11.66 -20.65
CA LEU C 456 -25.86 11.85 -19.87
C LEU C 456 -26.93 10.82 -20.20
N GLU C 457 -26.53 9.66 -20.71
CA GLU C 457 -27.42 8.53 -20.96
C GLU C 457 -28.56 8.91 -21.91
N LEU C 458 -28.17 9.28 -23.14
CA LEU C 458 -29.13 9.61 -24.18
C LEU C 458 -29.10 8.65 -25.35
N GLY C 459 -28.11 7.75 -25.42
CA GLY C 459 -28.01 6.81 -26.52
C GLY C 459 -26.84 7.10 -27.42
N LEU C 460 -26.94 6.71 -28.69
CA LEU C 460 -25.90 6.97 -29.67
C LEU C 460 -26.13 8.34 -30.28
N VAL C 461 -25.11 9.21 -30.22
CA VAL C 461 -25.21 10.57 -30.68
C VAL C 461 -23.98 10.94 -31.49
N ILE C 462 -24.11 12.00 -32.28
CA ILE C 462 -22.99 12.69 -32.89
C ILE C 462 -23.05 14.15 -32.47
N THR C 463 -21.89 14.78 -32.39
CA THR C 463 -21.77 16.14 -31.88
C THR C 463 -21.15 17.04 -32.94
N GLY C 464 -21.77 18.20 -33.17
CA GLY C 464 -21.18 19.22 -34.00
C GLY C 464 -20.36 20.17 -33.16
N THR C 465 -19.15 20.46 -33.60
CA THR C 465 -18.19 21.23 -32.82
C THR C 465 -17.82 22.51 -33.54
N LEU C 466 -17.47 23.53 -32.77
CA LEU C 466 -17.02 24.81 -33.29
C LEU C 466 -16.12 25.49 -32.28
N PRO C 467 -14.86 25.76 -32.61
CA PRO C 467 -13.97 26.42 -31.65
C PRO C 467 -14.38 27.85 -31.37
N VAL C 468 -14.02 28.32 -30.18
CA VAL C 468 -14.28 29.68 -29.75
C VAL C 468 -12.94 30.34 -29.45
N PHE C 469 -12.70 31.51 -30.03
CA PHE C 469 -11.42 32.19 -29.95
C PHE C 469 -11.46 33.31 -28.93
N ASN C 470 -10.28 33.62 -28.39
CA ASN C 470 -10.10 34.74 -27.47
C ASN C 470 -9.77 35.97 -28.30
N ILE C 471 -10.64 36.96 -28.29
CA ILE C 471 -10.42 38.22 -29.00
C ILE C 471 -10.55 39.34 -27.97
N THR C 472 -9.43 39.72 -27.37
CA THR C 472 -9.38 40.83 -26.43
C THR C 472 -8.48 41.91 -27.01
N GLY C 473 -9.01 43.12 -27.12
CA GLY C 473 -8.29 44.18 -27.82
C GLY C 473 -8.07 43.85 -29.28
N GLN C 474 -9.05 43.22 -29.92
CA GLN C 474 -8.90 42.82 -31.32
C GLN C 474 -8.79 44.05 -32.23
N PHE C 475 -9.61 45.07 -31.98
CA PHE C 475 -9.58 46.27 -32.81
C PHE C 475 -8.27 47.05 -32.66
N GLU C 476 -7.55 46.85 -31.58
CA GLU C 476 -6.30 47.57 -31.34
C GLU C 476 -5.06 46.69 -31.39
N ASN C 477 -5.21 45.37 -31.33
CA ASN C 477 -4.09 44.44 -31.34
C ASN C 477 -3.07 44.78 -30.26
N LYS C 478 -3.54 44.73 -29.01
CA LYS C 478 -2.75 45.20 -27.88
C LYS C 478 -1.83 44.10 -27.32
N THR C 479 -2.42 43.00 -26.85
CA THR C 479 -1.66 41.96 -26.17
C THR C 479 -1.25 40.82 -27.11
N ASN C 480 -2.22 40.10 -27.66
CA ASN C 480 -1.98 39.01 -28.60
C ASN C 480 -1.06 37.94 -28.01
N LEU C 481 -1.04 37.84 -26.68
CA LEU C 481 -0.22 36.83 -26.01
C LEU C 481 -1.03 35.57 -25.70
N LYS C 482 -2.09 35.74 -24.91
CA LYS C 482 -2.96 34.60 -24.59
C LYS C 482 -3.97 34.36 -25.70
N ASN C 483 -4.17 35.34 -26.58
CA ASN C 483 -5.18 35.27 -27.63
C ASN C 483 -4.86 34.16 -28.64
N GLN C 484 -3.65 33.62 -28.60
CA GLN C 484 -3.31 32.51 -29.47
C GLN C 484 -3.94 31.19 -29.03
N LEU C 485 -4.60 31.16 -27.87
CA LEU C 485 -5.28 29.97 -27.39
C LEU C 485 -6.79 30.14 -27.55
N ILE C 486 -7.48 29.01 -27.68
CA ILE C 486 -8.93 29.03 -27.84
C ILE C 486 -9.60 29.17 -26.48
N LEU C 487 -10.80 29.75 -26.47
CA LEU C 487 -11.58 29.82 -25.24
C LEU C 487 -12.20 28.48 -24.91
N GLY C 488 -12.59 27.73 -25.94
CA GLY C 488 -13.28 26.46 -25.73
C GLY C 488 -13.86 25.98 -27.04
N VAL C 489 -14.74 24.98 -26.93
CA VAL C 489 -15.35 24.35 -28.08
C VAL C 489 -16.86 24.33 -27.90
N MET C 490 -17.59 24.82 -28.91
CA MET C 490 -19.04 24.67 -28.95
C MET C 490 -19.41 23.21 -29.21
N GLY C 491 -20.63 22.85 -28.78
CA GLY C 491 -21.11 21.50 -29.02
C GLY C 491 -22.62 21.37 -29.07
N VAL C 492 -23.13 20.63 -30.04
CA VAL C 492 -24.55 20.31 -30.13
C VAL C 492 -24.68 18.84 -30.46
N ASP C 493 -25.52 18.12 -29.69
CA ASP C 493 -25.71 16.69 -29.88
C ASP C 493 -26.87 16.42 -30.82
N VAL C 494 -26.71 15.39 -31.66
CA VAL C 494 -27.77 14.89 -32.53
C VAL C 494 -27.89 13.40 -32.30
N SER C 495 -29.04 12.96 -31.81
CA SER C 495 -29.24 11.54 -31.57
C SER C 495 -29.43 10.78 -32.88
N LEU C 496 -28.94 9.55 -32.90
CA LEU C 496 -29.11 8.72 -34.08
C LEU C 496 -30.57 8.39 -34.32
N GLU C 497 -31.42 8.44 -33.29
CA GLU C 497 -32.84 8.23 -33.49
C GLU C 497 -33.48 9.37 -34.29
N ASP C 498 -32.92 10.57 -34.19
CA ASP C 498 -33.40 11.67 -35.01
C ASP C 498 -33.16 11.42 -36.49
N ILE C 499 -32.00 10.86 -36.83
CA ILE C 499 -31.68 10.56 -38.22
C ILE C 499 -32.57 9.43 -38.74
N LYS C 500 -32.87 8.44 -37.89
CA LYS C 500 -33.73 7.34 -38.31
C LYS C 500 -35.14 7.81 -38.63
N ARG C 501 -35.60 8.90 -37.98
CA ARG C 501 -36.91 9.44 -38.32
C ARG C 501 -36.95 10.00 -39.74
N LEU C 502 -35.80 10.44 -40.25
CA LEU C 502 -35.71 10.98 -41.60
C LEU C 502 -35.59 9.91 -42.67
N THR C 503 -35.46 8.64 -42.28
CA THR C 503 -35.35 7.52 -43.21
C THR C 503 -36.38 6.47 -42.84
N PRO C 504 -37.65 6.72 -43.15
CA PRO C 504 -38.69 5.74 -42.82
C PRO C 504 -38.51 4.44 -43.59
N ARG C 505 -38.88 3.33 -42.94
CA ARG C 505 -38.65 2.01 -43.48
C ARG C 505 -39.91 1.16 -43.64
N PHE C 506 -41.06 1.64 -43.19
CA PHE C 506 -42.26 0.81 -43.18
C PHE C 506 -42.97 0.78 -44.53
N THR C 507 -42.50 1.55 -45.51
CA THR C 507 -42.96 1.41 -46.88
C THR C 507 -42.09 0.44 -47.67
N LEU C 508 -41.05 -0.10 -47.05
CA LEU C 508 -40.12 -1.03 -47.70
C LEU C 508 -40.34 -2.44 -47.18
N CYS C 509 -39.71 -3.38 -47.86
CA CYS C 509 -39.69 -4.76 -47.39
C CYS C 509 -38.89 -4.85 -46.09
N PRO C 510 -39.22 -5.82 -45.22
CA PRO C 510 -38.40 -6.02 -44.01
C PRO C 510 -36.93 -6.30 -44.30
N ASN C 511 -36.59 -6.69 -45.53
CA ASN C 511 -35.21 -6.86 -45.93
C ASN C 511 -34.56 -5.58 -46.44
N GLY C 512 -35.34 -4.51 -46.60
CA GLY C 512 -34.79 -3.24 -47.03
C GLY C 512 -34.48 -2.32 -45.87
N TYR C 513 -33.46 -1.49 -46.07
CA TYR C 513 -33.01 -0.60 -45.00
C TYR C 513 -32.13 0.50 -45.58
N TYR C 514 -31.95 1.57 -44.80
CA TYR C 514 -31.01 2.62 -45.10
C TYR C 514 -29.73 2.41 -44.31
N PHE C 515 -28.63 2.95 -44.82
CA PHE C 515 -27.40 2.99 -44.05
C PHE C 515 -26.52 4.11 -44.60
N ALA C 516 -25.74 4.70 -43.70
CA ALA C 516 -24.87 5.82 -44.03
C ALA C 516 -23.45 5.50 -43.58
N ILE C 517 -22.48 6.14 -44.23
CA ILE C 517 -21.07 5.84 -44.01
C ILE C 517 -20.29 7.13 -43.83
N ASP C 518 -19.20 7.03 -43.07
CA ASP C 518 -18.23 8.11 -42.94
C ASP C 518 -17.31 8.12 -44.15
N PRO C 519 -16.49 9.16 -44.31
CA PRO C 519 -15.34 9.02 -45.21
C PRO C 519 -14.18 8.36 -44.47
N ASN C 520 -14.53 7.35 -43.67
CA ASN C 520 -13.56 6.56 -42.93
C ASN C 520 -13.97 5.09 -42.86
N GLY C 521 -15.12 4.72 -43.42
CA GLY C 521 -15.62 3.38 -43.39
C GLY C 521 -16.66 3.12 -42.31
N TYR C 522 -16.73 3.97 -41.30
CA TYR C 522 -17.62 3.73 -40.16
C TYR C 522 -19.05 4.12 -40.52
N VAL C 523 -20.01 3.37 -39.98
CA VAL C 523 -21.41 3.55 -40.32
C VAL C 523 -22.05 4.52 -39.31
N LEU C 524 -22.65 5.58 -39.84
CA LEU C 524 -23.49 6.46 -39.02
C LEU C 524 -24.85 5.82 -38.75
N LEU C 525 -25.32 4.98 -39.67
CA LEU C 525 -26.65 4.37 -39.58
C LEU C 525 -26.55 2.95 -40.12
N HIS C 526 -27.08 1.99 -39.36
CA HIS C 526 -27.10 0.61 -39.81
C HIS C 526 -28.00 -0.23 -38.91
N PRO C 527 -28.72 -1.21 -39.47
CA PRO C 527 -29.51 -2.10 -38.61
C PRO C 527 -28.67 -2.91 -37.63
N ASN C 528 -27.40 -3.18 -37.95
CA ASN C 528 -26.53 -3.95 -37.08
C ASN C 528 -25.74 -3.09 -36.10
N LEU C 529 -25.92 -1.77 -36.13
CA LEU C 529 -25.27 -0.91 -35.16
C LEU C 529 -26.07 -0.89 -33.87
N GLN C 530 -25.39 -1.08 -32.74
CA GLN C 530 -26.04 -1.23 -31.45
C GLN C 530 -25.41 -0.31 -30.43
N PRO C 531 -26.17 0.07 -29.38
CA PRO C 531 -25.62 1.00 -28.38
C PRO C 531 -24.46 0.43 -27.58
N LYS C 532 -24.17 -0.87 -27.67
CA LYS C 532 -23.09 -1.45 -26.91
C LYS C 532 -21.75 -0.92 -27.41
N PRO C 533 -20.78 -0.73 -26.51
CA PRO C 533 -19.44 -0.31 -26.95
C PRO C 533 -18.74 -1.38 -27.76
N ILE C 534 -17.81 -0.93 -28.61
CA ILE C 534 -17.08 -1.85 -29.46
C ILE C 534 -16.11 -2.67 -28.63
N GLY C 535 -16.19 -3.99 -28.75
CA GLY C 535 -15.31 -4.86 -28.00
C GLY C 535 -13.99 -5.07 -28.72
N VAL C 536 -12.92 -5.15 -27.95
CA VAL C 536 -11.57 -5.36 -28.47
C VAL C 536 -10.90 -6.46 -27.67
N GLY C 537 -10.31 -7.43 -28.36
CA GLY C 537 -9.60 -8.50 -27.68
C GLY C 537 -10.53 -9.41 -26.90
N ILE C 538 -9.96 -10.06 -25.89
CA ILE C 538 -10.67 -10.99 -25.02
C ILE C 538 -10.60 -10.42 -23.61
N PRO C 539 -11.73 -10.30 -22.89
CA PRO C 539 -11.71 -9.64 -21.58
C PRO C 539 -11.11 -10.56 -20.52
N THR C 540 -10.10 -10.06 -19.82
CA THR C 540 -9.45 -10.79 -18.74
C THR C 540 -9.50 -9.93 -17.48
N ILE C 541 -9.93 -10.52 -16.37
CA ILE C 541 -10.03 -9.81 -15.10
C ILE C 541 -9.20 -10.56 -14.06
N ASN C 542 -8.77 -9.82 -13.04
CA ASN C 542 -8.01 -10.37 -11.93
C ASN C 542 -8.78 -10.01 -10.65
N LEU C 543 -9.74 -10.85 -10.29
CA LEU C 543 -10.64 -10.57 -9.18
C LEU C 543 -9.91 -10.53 -7.83
N ARG C 544 -8.69 -11.03 -7.75
CA ARG C 544 -7.94 -11.04 -6.49
C ARG C 544 -7.24 -9.72 -6.22
N LYS C 545 -7.30 -8.76 -7.14
CA LYS C 545 -6.69 -7.44 -6.97
C LYS C 545 -7.71 -6.34 -7.22
N ARG C 546 -8.95 -6.55 -6.77
CA ARG C 546 -10.03 -5.60 -6.98
C ARG C 546 -10.66 -5.25 -5.63
N ARG C 547 -10.39 -4.05 -5.15
CA ARG C 547 -11.06 -3.57 -3.94
C ARG C 547 -12.54 -3.30 -4.25
N PRO C 548 -13.42 -3.48 -3.26
CA PRO C 548 -14.85 -3.31 -3.51
C PRO C 548 -15.34 -1.87 -3.46
N ASN C 549 -14.48 -0.89 -3.21
CA ASN C 549 -14.89 0.50 -3.01
C ASN C 549 -13.97 1.45 -3.79
N VAL C 550 -13.75 1.16 -5.06
CA VAL C 550 -12.79 1.93 -5.85
C VAL C 550 -13.41 2.71 -6.99
N GLN C 551 -14.53 2.27 -7.59
CA GLN C 551 -15.14 2.93 -8.75
C GLN C 551 -14.14 3.04 -9.91
N ASN C 552 -13.81 1.86 -10.45
CA ASN C 552 -12.93 1.81 -11.60
C ASN C 552 -13.60 2.46 -12.82
N PRO C 553 -12.83 3.12 -13.68
CA PRO C 553 -13.42 3.74 -14.88
C PRO C 553 -14.06 2.71 -15.80
N LYS C 554 -15.11 3.13 -16.49
CA LYS C 554 -15.91 2.23 -17.31
C LYS C 554 -15.47 2.22 -18.77
N SER C 555 -15.59 3.35 -19.46
CA SER C 555 -15.28 3.42 -20.89
C SER C 555 -15.38 4.86 -21.36
N GLN C 556 -14.61 5.18 -22.42
CA GLN C 556 -14.71 6.46 -23.09
C GLN C 556 -14.58 6.36 -24.60
N GLU C 557 -14.47 5.15 -25.16
CA GLU C 557 -14.23 4.98 -26.58
C GLU C 557 -15.52 5.18 -27.38
N PRO C 558 -15.41 5.59 -28.64
CA PRO C 558 -16.59 5.73 -29.49
C PRO C 558 -17.02 4.40 -30.09
N VAL C 559 -18.25 4.39 -30.61
CA VAL C 559 -18.80 3.21 -31.27
C VAL C 559 -18.49 3.34 -32.75
N THR C 560 -17.31 2.88 -33.14
CA THR C 560 -16.84 2.96 -34.52
C THR C 560 -16.87 1.57 -35.13
N LEU C 561 -17.93 1.27 -35.88
CA LEU C 561 -18.10 -0.01 -36.55
C LEU C 561 -18.02 0.21 -38.04
N ASP C 562 -17.12 -0.51 -38.71
CA ASP C 562 -16.94 -0.35 -40.14
C ASP C 562 -18.14 -0.94 -40.89
N PHE C 563 -18.31 -0.47 -42.13
CA PHE C 563 -19.36 -1.01 -42.98
C PHE C 563 -19.14 -2.49 -43.28
N LEU C 564 -17.89 -2.88 -43.50
CA LEU C 564 -17.59 -4.27 -43.80
C LEU C 564 -17.71 -5.16 -42.56
N ASP C 565 -17.70 -4.60 -41.36
CA ASP C 565 -17.91 -5.35 -40.14
C ASP C 565 -19.37 -5.37 -39.68
N ALA C 566 -20.24 -4.63 -40.35
CA ALA C 566 -21.66 -4.64 -40.02
C ALA C 566 -22.46 -5.61 -40.87
N GLU C 567 -21.94 -6.01 -42.03
CA GLU C 567 -22.56 -6.99 -42.90
C GLU C 567 -21.54 -8.06 -43.25
N LEU C 568 -21.98 -9.06 -44.01
CA LEU C 568 -21.06 -10.05 -44.55
C LEU C 568 -20.21 -9.40 -45.64
N GLU C 569 -18.90 -9.37 -45.43
CA GLU C 569 -18.01 -8.71 -46.37
C GLU C 569 -17.99 -9.44 -47.69
N ASN C 570 -18.03 -8.68 -48.78
CA ASN C 570 -18.07 -9.22 -50.12
C ASN C 570 -17.22 -8.34 -51.04
N ASP C 571 -16.71 -8.93 -52.13
CA ASP C 571 -15.86 -8.18 -53.03
C ASP C 571 -16.59 -7.01 -53.67
N ILE C 572 -17.85 -7.21 -54.07
CA ILE C 572 -18.64 -6.12 -54.62
C ILE C 572 -18.95 -5.08 -53.55
N LYS C 573 -19.16 -5.53 -52.30
CA LYS C 573 -19.45 -4.58 -51.22
C LYS C 573 -18.26 -3.68 -50.95
N VAL C 574 -17.03 -4.21 -51.04
CA VAL C 574 -15.85 -3.37 -50.88
C VAL C 574 -15.81 -2.30 -51.97
N GLU C 575 -16.11 -2.69 -53.21
CA GLU C 575 -16.13 -1.74 -54.30
C GLU C 575 -17.18 -0.66 -54.07
N ILE C 576 -18.37 -1.04 -53.62
CA ILE C 576 -19.43 -0.08 -53.36
C ILE C 576 -19.03 0.88 -52.24
N ARG C 577 -18.45 0.35 -51.17
CA ARG C 577 -18.02 1.19 -50.06
C ARG C 577 -16.94 2.18 -50.49
N ASN C 578 -15.97 1.72 -51.28
CA ASN C 578 -14.93 2.63 -51.76
C ASN C 578 -15.51 3.68 -52.70
N LYS C 579 -16.46 3.28 -53.56
CA LYS C 579 -17.06 4.22 -54.49
C LYS C 579 -17.87 5.29 -53.77
N MET C 580 -18.56 4.92 -52.70
CA MET C 580 -19.40 5.86 -51.99
C MET C 580 -18.69 6.57 -50.85
N ILE C 581 -17.45 6.20 -50.54
CA ILE C 581 -16.67 6.97 -49.57
C ILE C 581 -16.29 8.33 -50.16
N ASP C 582 -15.81 8.34 -51.39
CA ASP C 582 -15.34 9.58 -52.02
C ASP C 582 -16.43 10.26 -52.85
N GLY C 583 -17.60 10.46 -52.25
CA GLY C 583 -18.62 11.34 -52.78
C GLY C 583 -19.11 11.06 -54.17
N GLU C 584 -19.41 9.79 -54.48
CA GLU C 584 -19.95 9.42 -55.78
C GLU C 584 -21.34 8.82 -55.60
N SER C 585 -22.17 8.98 -56.63
CA SER C 585 -23.51 8.43 -56.65
C SER C 585 -23.59 7.34 -57.73
N GLY C 586 -24.23 6.23 -57.40
CA GLY C 586 -24.31 5.12 -58.32
C GLY C 586 -25.40 4.14 -57.93
N GLU C 587 -25.39 3.00 -58.61
CA GLU C 587 -26.37 1.96 -58.40
C GLU C 587 -25.78 0.62 -58.81
N LYS C 588 -26.10 -0.43 -58.07
CA LYS C 588 -25.57 -1.75 -58.35
C LYS C 588 -26.57 -2.82 -57.94
N THR C 589 -26.74 -3.82 -58.80
CA THR C 589 -27.58 -4.98 -58.52
C THR C 589 -26.72 -6.22 -58.64
N PHE C 590 -26.79 -7.09 -57.63
CA PHE C 590 -25.90 -8.25 -57.58
C PHE C 590 -26.47 -9.28 -56.61
N ARG C 591 -25.83 -10.44 -56.60
CA ARG C 591 -26.17 -11.52 -55.68
C ARG C 591 -25.21 -11.51 -54.50
N THR C 592 -25.74 -11.62 -53.29
CA THR C 592 -24.93 -11.56 -52.09
C THR C 592 -25.48 -12.50 -51.04
N LEU C 593 -24.62 -12.86 -50.09
CA LEU C 593 -25.03 -13.66 -48.95
C LEU C 593 -25.65 -12.77 -47.90
N VAL C 594 -26.84 -13.15 -47.42
CA VAL C 594 -27.56 -12.38 -46.42
C VAL C 594 -27.71 -13.22 -45.17
N LYS C 595 -27.26 -12.67 -44.04
CA LYS C 595 -27.36 -13.35 -42.76
C LYS C 595 -28.73 -13.09 -42.14
N SER C 596 -29.31 -14.14 -41.57
CA SER C 596 -30.59 -14.01 -40.89
C SER C 596 -30.43 -13.18 -39.62
N GLN C 597 -31.55 -12.65 -39.13
CA GLN C 597 -31.50 -11.79 -37.95
C GLN C 597 -30.94 -12.54 -36.75
N ASP C 598 -31.41 -13.76 -36.52
CA ASP C 598 -30.74 -14.67 -35.59
C ASP C 598 -29.59 -15.33 -36.34
N GLU C 599 -28.38 -15.19 -35.81
CA GLU C 599 -27.19 -15.58 -36.55
C GLU C 599 -27.06 -17.09 -36.63
N ARG C 600 -27.92 -17.72 -37.43
CA ARG C 600 -27.93 -19.18 -37.56
C ARG C 600 -27.96 -19.62 -39.01
N TYR C 601 -28.49 -18.76 -39.90
CA TYR C 601 -28.67 -19.13 -41.30
C TYR C 601 -28.08 -18.04 -42.19
N ILE C 602 -27.74 -18.44 -43.42
CA ILE C 602 -27.31 -17.55 -44.47
C ILE C 602 -28.13 -17.84 -45.71
N ASP C 603 -28.67 -16.80 -46.34
CA ASP C 603 -29.49 -16.93 -47.53
C ASP C 603 -28.82 -16.24 -48.71
N LYS C 604 -29.24 -16.62 -49.91
CA LYS C 604 -28.79 -15.99 -51.15
C LYS C 604 -29.97 -15.24 -51.75
N GLY C 605 -29.79 -13.95 -51.97
CA GLY C 605 -30.88 -13.12 -52.49
C GLY C 605 -30.34 -11.96 -53.29
N ASN C 606 -31.16 -11.49 -54.22
CA ASN C 606 -30.82 -10.32 -55.00
C ASN C 606 -30.99 -9.06 -54.16
N ARG C 607 -30.07 -8.11 -54.33
CA ARG C 607 -30.17 -6.83 -53.65
C ARG C 607 -29.74 -5.71 -54.61
N THR C 608 -30.29 -4.53 -54.39
CA THR C 608 -29.95 -3.35 -55.16
C THR C 608 -29.46 -2.26 -54.22
N TYR C 609 -28.24 -1.78 -54.46
CA TYR C 609 -27.65 -0.72 -53.65
C TYR C 609 -27.72 0.59 -54.42
N THR C 610 -28.37 1.59 -53.83
CA THR C 610 -28.47 2.92 -54.43
C THR C 610 -27.95 3.92 -53.43
N TRP C 611 -26.91 4.67 -53.81
CA TRP C 611 -26.25 5.59 -52.91
C TRP C 611 -26.04 6.95 -53.58
N THR C 612 -26.08 8.00 -52.76
CA THR C 612 -25.80 9.36 -53.17
C THR C 612 -25.10 10.06 -52.02
N PRO C 613 -24.25 11.04 -52.30
CA PRO C 613 -23.60 11.80 -51.22
C PRO C 613 -24.56 12.82 -50.62
N VAL C 614 -24.18 13.28 -49.43
CA VAL C 614 -24.86 14.38 -48.73
C VAL C 614 -24.03 15.63 -48.93
N ASN C 615 -24.61 16.66 -49.54
CA ASN C 615 -23.83 17.81 -49.97
C ASN C 615 -23.21 18.55 -48.80
N GLY C 616 -23.99 18.76 -47.73
CA GLY C 616 -23.51 19.60 -46.64
C GLY C 616 -22.34 19.00 -45.88
N THR C 617 -22.31 17.69 -45.78
CA THR C 617 -21.34 16.99 -44.94
C THR C 617 -20.51 16.03 -45.79
N ASP C 618 -19.71 15.21 -45.11
CA ASP C 618 -18.92 14.16 -45.75
C ASP C 618 -19.57 12.79 -45.63
N TYR C 619 -20.81 12.73 -45.17
CA TYR C 619 -21.54 11.47 -45.10
C TYR C 619 -22.02 11.04 -46.47
N SER C 621 -22.30 9.75 -46.61
CA SER C 621 -22.85 9.18 -47.82
C SER C 621 -23.97 8.22 -47.43
N LEU C 622 -25.15 8.42 -48.01
CA LEU C 622 -26.34 7.65 -47.67
C LEU C 622 -26.66 6.65 -48.78
N ALA C 623 -26.95 5.42 -48.39
CA ALA C 623 -27.28 4.35 -49.32
C ALA C 623 -28.54 3.64 -48.87
N LEU C 624 -29.29 3.12 -49.83
CA LEU C 624 -30.51 2.36 -49.57
C LEU C 624 -30.37 0.98 -50.21
N VAL C 625 -30.63 -0.06 -49.43
CA VAL C 625 -30.55 -1.43 -49.91
C VAL C 625 -31.98 -1.92 -50.12
N LEU C 626 -32.35 -2.16 -51.37
CA LEU C 626 -33.69 -2.61 -51.72
C LEU C 626 -33.58 -3.92 -52.50
N PRO C 627 -34.12 -5.02 -51.98
CA PRO C 627 -34.12 -6.26 -52.76
C PRO C 627 -35.12 -6.20 -53.89
N THR C 628 -35.16 -7.24 -54.73
CA THR C 628 -36.25 -7.39 -55.68
C THR C 628 -37.53 -7.63 -54.89
N TYR C 629 -38.65 -7.76 -55.61
CA TYR C 629 -39.99 -7.96 -55.05
C TYR C 629 -40.35 -6.91 -54.00
N SER C 630 -39.59 -5.81 -53.92
CA SER C 630 -39.83 -4.75 -52.96
C SER C 630 -39.90 -3.38 -53.61
N PHE C 631 -39.84 -3.32 -54.94
CA PHE C 631 -39.98 -2.06 -55.66
C PHE C 631 -41.40 -1.52 -55.62
N TYR C 632 -42.36 -2.31 -55.14
CA TYR C 632 -43.74 -1.88 -55.01
C TYR C 632 -44.24 -2.21 -53.61
N TYR C 633 -45.21 -1.42 -53.14
CA TYR C 633 -45.81 -1.64 -51.84
C TYR C 633 -47.32 -1.38 -51.94
N ILE C 634 -48.05 -1.89 -50.96
CA ILE C 634 -49.50 -1.78 -50.92
C ILE C 634 -49.87 -0.57 -50.09
N LYS C 635 -50.55 0.39 -50.70
CA LYS C 635 -51.06 1.58 -50.02
C LYS C 635 -52.56 1.45 -49.86
N ALA C 636 -53.03 1.52 -48.62
CA ALA C 636 -54.44 1.30 -48.34
C ALA C 636 -55.28 2.41 -48.94
N LYS C 637 -56.47 2.05 -49.42
CA LYS C 637 -57.41 2.97 -50.04
C LYS C 637 -58.81 2.76 -49.49
N ILE C 638 -58.91 2.59 -48.17
CA ILE C 638 -60.19 2.44 -47.49
C ILE C 638 -60.75 3.83 -47.20
N GLU C 639 -61.93 4.11 -47.75
CA GLU C 639 -62.56 5.42 -47.59
C GLU C 639 -64.00 5.33 -47.10
N GLU C 640 -64.40 4.20 -46.54
CA GLU C 640 -65.75 4.01 -46.02
C GLU C 640 -65.67 3.81 -44.51
N THR C 641 -66.48 4.58 -43.77
CA THR C 641 -66.40 4.56 -42.31
C THR C 641 -66.81 3.19 -41.75
N ILE C 642 -67.83 2.57 -42.32
CA ILE C 642 -68.32 1.30 -41.78
C ILE C 642 -67.29 0.19 -42.00
N THR C 643 -66.64 0.18 -43.16
CA THR C 643 -65.60 -0.83 -43.42
C THR C 643 -64.44 -0.66 -42.45
N GLN C 644 -64.01 0.58 -42.22
CA GLN C 644 -62.94 0.83 -41.26
C GLN C 644 -63.35 0.42 -39.85
N ALA C 645 -64.60 0.70 -39.48
CA ALA C 645 -65.08 0.31 -38.15
C ALA C 645 -65.08 -1.21 -37.99
N ARG C 646 -65.52 -1.94 -39.01
CA ARG C 646 -65.51 -3.40 -38.94
C ARG C 646 -64.09 -3.92 -38.87
N TYR C 647 -63.18 -3.36 -39.67
CA TYR C 647 -61.79 -3.82 -39.64
C TYR C 647 -61.14 -3.51 -38.30
N SER C 648 -61.54 -2.40 -37.67
CA SER C 648 -60.99 -2.06 -36.36
C SER C 648 -61.54 -2.97 -35.27
N GLU C 649 -62.82 -3.33 -35.35
CA GLU C 649 -63.41 -4.22 -34.36
C GLU C 649 -63.02 -5.67 -34.57
N THR C 650 -62.42 -6.01 -35.72
CA THR C 650 -61.88 -7.37 -35.87
C THR C 650 -60.76 -7.64 -34.88
N LEU C 651 -59.89 -6.66 -34.65
CA LEU C 651 -58.74 -6.85 -33.76
C LEU C 651 -59.07 -6.39 -32.34
N LYS C 652 -60.11 -7.00 -31.77
CA LYS C 652 -60.48 -6.71 -30.40
C LYS C 652 -60.25 -7.94 -29.52
N PRO C 653 -59.82 -7.75 -28.27
CA PRO C 653 -59.56 -8.91 -27.41
C PRO C 653 -60.81 -9.72 -27.08
N ASP C 654 -62.01 -9.15 -27.26
CA ASP C 654 -63.22 -9.87 -26.90
C ASP C 654 -63.43 -11.10 -27.76
N ASN C 655 -63.14 -11.02 -29.05
CA ASN C 655 -63.37 -12.12 -29.99
C ASN C 655 -62.06 -12.75 -30.45
N PHE C 656 -61.11 -12.90 -29.52
CA PHE C 656 -59.90 -13.66 -29.82
C PHE C 656 -60.18 -15.13 -30.02
N GLU C 657 -61.31 -15.63 -29.52
CA GLU C 657 -61.70 -17.02 -29.77
C GLU C 657 -62.23 -17.22 -31.19
N GLU C 658 -62.63 -16.15 -31.87
CA GLU C 658 -63.15 -16.23 -33.22
C GLU C 658 -62.12 -15.80 -34.26
N SER C 659 -61.43 -14.69 -34.02
CA SER C 659 -60.43 -14.17 -34.96
C SER C 659 -59.01 -14.60 -34.61
N GLY C 660 -58.83 -15.39 -33.58
CA GLY C 660 -57.50 -15.82 -33.17
C GLY C 660 -56.79 -14.77 -32.33
N TYR C 661 -55.74 -15.21 -31.65
CA TYR C 661 -54.93 -14.31 -30.85
C TYR C 661 -54.22 -13.31 -31.76
N THR C 662 -54.38 -12.02 -31.48
CA THR C 662 -53.91 -10.96 -32.35
C THR C 662 -52.78 -10.19 -31.69
N PHE C 663 -51.73 -9.92 -32.46
CA PHE C 663 -50.61 -9.10 -32.02
C PHE C 663 -50.53 -7.85 -32.89
N LEU C 664 -50.03 -6.77 -32.30
CA LEU C 664 -49.86 -5.50 -33.01
C LEU C 664 -48.43 -5.02 -32.85
N ALA C 665 -47.86 -4.53 -33.94
CA ALA C 665 -46.49 -4.04 -33.91
C ALA C 665 -46.43 -2.69 -33.20
N PRO C 666 -45.54 -2.51 -32.23
CA PRO C 666 -45.46 -1.22 -31.52
C PRO C 666 -44.84 -0.13 -32.37
N ARG C 667 -45.54 0.29 -33.42
CA ARG C 667 -45.06 1.36 -34.28
C ARG C 667 -45.56 2.72 -33.79
N ASP C 668 -44.88 3.77 -34.24
CA ASP C 668 -45.22 5.14 -33.85
C ASP C 668 -46.33 5.66 -34.77
N TYR C 669 -47.55 5.25 -34.47
CA TYR C 669 -48.70 5.70 -35.24
C TYR C 669 -48.92 7.21 -35.06
N CYS C 670 -48.78 7.70 -33.84
CA CYS C 670 -48.65 9.13 -33.54
C CYS C 670 -48.19 9.25 -32.09
N SER C 671 -47.90 10.49 -31.69
CA SER C 671 -47.31 10.74 -30.38
C SER C 671 -48.32 10.57 -29.25
N ASP C 672 -49.61 10.51 -29.55
CA ASP C 672 -50.62 10.38 -28.50
C ASP C 672 -50.47 9.06 -27.75
N LEU C 673 -50.23 7.97 -28.48
CA LEU C 673 -50.00 6.66 -27.90
C LEU C 673 -48.57 6.23 -28.18
N LYS C 674 -47.93 5.62 -27.19
CA LYS C 674 -46.52 5.28 -27.32
C LYS C 674 -46.30 3.78 -27.13
N PRO C 675 -45.26 3.23 -27.76
CA PRO C 675 -44.95 1.81 -27.55
C PRO C 675 -44.59 1.53 -26.10
N SER C 676 -44.94 0.33 -25.64
CA SER C 676 -44.75 -0.03 -24.25
C SER C 676 -44.07 -1.38 -24.05
N ASP C 677 -43.70 -2.08 -25.12
CA ASP C 677 -43.08 -3.41 -25.03
C ASP C 677 -43.95 -4.39 -24.27
N ASN C 678 -45.27 -4.18 -24.32
CA ASN C 678 -46.24 -5.07 -23.68
C ASN C 678 -47.45 -5.09 -24.60
N ASN C 679 -47.61 -6.19 -25.34
CA ASN C 679 -48.52 -6.19 -26.48
C ASN C 679 -49.99 -6.10 -26.06
N THR C 680 -50.37 -6.70 -24.94
CA THR C 680 -51.76 -6.67 -24.53
C THR C 680 -52.22 -5.24 -24.24
N GLU C 681 -51.47 -4.52 -23.40
CA GLU C 681 -51.86 -3.16 -23.08
C GLU C 681 -51.68 -2.22 -24.26
N PHE C 682 -50.67 -2.46 -25.11
CA PHE C 682 -50.52 -1.64 -26.31
C PHE C 682 -51.70 -1.82 -27.25
N LEU C 683 -52.17 -3.06 -27.42
CA LEU C 683 -53.35 -3.30 -28.24
C LEU C 683 -54.59 -2.66 -27.64
N LEU C 684 -54.73 -2.73 -26.30
CA LEU C 684 -55.86 -2.09 -25.65
C LEU C 684 -55.84 -0.57 -25.88
N ASN C 685 -54.68 0.05 -25.71
CA ASN C 685 -54.57 1.48 -25.94
C ASN C 685 -54.85 1.84 -27.39
N PHE C 686 -54.35 1.03 -28.33
CA PHE C 686 -54.60 1.29 -29.74
C PHE C 686 -56.09 1.23 -30.05
N ASN C 687 -56.77 0.20 -29.56
CA ASN C 687 -58.21 0.07 -29.79
C ASN C 687 -58.98 1.23 -29.17
N GLU C 688 -58.64 1.59 -27.93
CA GLU C 688 -59.34 2.68 -27.26
C GLU C 688 -59.09 4.01 -27.95
N PHE C 689 -57.88 4.23 -28.46
CA PHE C 689 -57.58 5.47 -29.17
C PHE C 689 -58.31 5.53 -30.50
N ILE C 690 -58.34 4.41 -31.24
CA ILE C 690 -58.99 4.43 -32.55
C ILE C 690 -60.51 4.45 -32.42
N ASP C 691 -61.06 4.04 -31.28
CA ASP C 691 -62.51 4.12 -31.09
C ASP C 691 -62.96 5.41 -30.42
N ARG C 692 -62.10 6.02 -29.60
CA ARG C 692 -62.47 7.25 -28.91
C ARG C 692 -62.59 8.42 -29.88
N LYS C 693 -61.50 8.75 -30.56
CA LYS C 693 -61.50 9.79 -31.59
C LYS C 693 -61.66 9.15 -32.97
N THR C 694 -62.15 9.95 -33.90
CA THR C 694 -62.36 9.47 -35.26
C THR C 694 -61.01 9.18 -35.93
N PRO C 695 -60.99 8.29 -36.93
CA PRO C 695 -59.74 7.99 -37.63
C PRO C 695 -59.34 9.09 -38.61
N ASN C 696 -59.97 10.27 -38.50
CA ASN C 696 -59.59 11.41 -39.32
C ASN C 696 -58.14 11.80 -39.10
N ASN C 697 -57.58 11.52 -37.93
CA ASN C 697 -56.17 11.70 -37.62
C ASN C 697 -55.69 13.12 -37.89
N PRO C 698 -56.07 14.09 -37.06
CA PRO C 698 -55.51 15.45 -37.23
C PRO C 698 -54.01 15.49 -37.09
N SER C 699 -53.44 14.67 -36.20
CA SER C 699 -51.98 14.61 -36.01
C SER C 699 -51.50 13.16 -35.86
N CYS C 700 -52.15 12.23 -36.55
CA CYS C 700 -51.74 10.84 -36.57
C CYS C 700 -51.40 10.41 -37.99
N ASN C 701 -50.50 9.42 -38.10
CA ASN C 701 -50.09 8.90 -39.40
C ASN C 701 -51.23 8.06 -39.98
N THR C 702 -51.86 8.58 -41.04
CA THR C 702 -53.01 7.91 -41.63
C THR C 702 -52.61 6.62 -42.34
N ASP C 703 -51.45 6.61 -43.01
CA ASP C 703 -51.09 5.46 -43.83
C ASP C 703 -50.85 4.22 -42.98
N LEU C 704 -50.15 4.35 -41.86
CA LEU C 704 -49.87 3.19 -41.02
C LEU C 704 -51.15 2.60 -40.46
N ILE C 705 -52.05 3.46 -39.95
CA ILE C 705 -53.31 2.98 -39.39
C ILE C 705 -54.16 2.33 -40.47
N ASN C 706 -54.23 2.94 -41.66
CA ASN C 706 -55.02 2.37 -42.74
C ASN C 706 -54.48 1.02 -43.16
N ARG C 707 -53.15 0.89 -43.28
CA ARG C 707 -52.55 -0.39 -43.63
C ARG C 707 -52.83 -1.43 -42.56
N VAL C 708 -52.73 -1.05 -41.29
CA VAL C 708 -52.99 -1.98 -40.20
C VAL C 708 -54.43 -2.48 -40.26
N LEU C 709 -55.37 -1.56 -40.47
CA LEU C 709 -56.78 -1.95 -40.53
C LEU C 709 -57.05 -2.87 -41.73
N LEU C 710 -56.49 -2.54 -42.89
CA LEU C 710 -56.70 -3.36 -44.08
C LEU C 710 -56.15 -4.76 -43.89
N ASP C 711 -54.93 -4.86 -43.36
CA ASP C 711 -54.35 -6.19 -43.18
C ASP C 711 -55.04 -6.97 -42.07
N ALA C 712 -55.50 -6.29 -41.02
CA ALA C 712 -56.28 -6.96 -39.99
C ALA C 712 -57.57 -7.52 -40.56
N GLY C 713 -58.25 -6.74 -41.40
CA GLY C 713 -59.45 -7.26 -42.04
C GLY C 713 -59.17 -8.44 -42.95
N PHE C 714 -58.08 -8.37 -43.71
CA PHE C 714 -57.72 -9.49 -44.59
C PHE C 714 -57.44 -10.75 -43.79
N THR C 715 -56.67 -10.61 -42.70
CA THR C 715 -56.35 -11.77 -41.87
C THR C 715 -57.59 -12.33 -41.18
N ASN C 716 -58.50 -11.45 -40.74
CA ASN C 716 -59.73 -11.93 -40.12
C ASN C 716 -60.57 -12.69 -41.14
N GLU C 717 -60.65 -12.19 -42.37
CA GLU C 717 -61.38 -12.92 -43.41
C GLU C 717 -60.75 -14.28 -43.67
N LEU C 718 -59.41 -14.34 -43.72
CA LEU C 718 -58.74 -15.61 -43.91
C LEU C 718 -59.04 -16.59 -42.76
N VAL C 719 -59.02 -16.08 -41.53
CA VAL C 719 -59.25 -16.95 -40.37
C VAL C 719 -60.68 -17.47 -40.37
N GLN C 720 -61.66 -16.57 -40.58
CA GLN C 720 -63.06 -16.98 -40.50
C GLN C 720 -63.46 -17.88 -41.65
N ASN C 721 -63.09 -17.51 -42.88
CA ASN C 721 -63.61 -18.21 -44.05
C ASN C 721 -62.94 -19.56 -44.26
N TYR C 722 -61.67 -19.71 -43.89
CA TYR C 722 -60.92 -20.93 -44.18
C TYR C 722 -60.46 -21.65 -42.93
N TRP C 723 -59.78 -20.96 -42.01
CA TRP C 723 -59.20 -21.65 -40.85
C TRP C 723 -60.28 -22.21 -39.93
N SER C 724 -61.35 -21.45 -39.71
CA SER C 724 -62.39 -21.88 -38.76
C SER C 724 -63.17 -23.08 -39.27
N LYS C 725 -63.08 -23.41 -40.56
CA LYS C 725 -63.80 -24.56 -41.09
C LYS C 725 -63.29 -25.86 -40.49
N GLN C 726 -61.97 -25.97 -40.31
CA GLN C 726 -61.34 -27.13 -39.70
C GLN C 726 -60.77 -26.69 -38.35
N LYS C 727 -61.58 -26.84 -37.29
CA LYS C 727 -61.17 -26.38 -35.98
C LYS C 727 -59.93 -27.13 -35.49
N ASN C 728 -59.90 -28.44 -35.66
CA ASN C 728 -58.79 -29.27 -35.19
C ASN C 728 -58.24 -30.08 -36.34
N ILE C 729 -56.93 -30.05 -36.51
CA ILE C 729 -56.22 -30.83 -37.51
C ILE C 729 -55.18 -31.68 -36.81
N LYS C 730 -55.03 -32.93 -37.27
CA LYS C 730 -54.18 -33.89 -36.58
C LYS C 730 -52.74 -33.40 -36.48
N GLY C 731 -52.09 -33.19 -37.62
CA GLY C 731 -50.68 -32.86 -37.63
C GLY C 731 -50.32 -31.42 -37.34
N VAL C 732 -51.31 -30.54 -37.14
CA VAL C 732 -51.07 -29.12 -36.96
C VAL C 732 -51.35 -28.75 -35.51
N LYS C 733 -50.37 -28.10 -34.87
CA LYS C 733 -50.53 -27.62 -33.51
C LYS C 733 -50.94 -26.16 -33.45
N ALA C 734 -50.43 -25.32 -34.35
CA ALA C 734 -50.80 -23.92 -34.41
C ALA C 734 -50.77 -23.44 -35.85
N ARG C 735 -51.55 -22.41 -36.14
CA ARG C 735 -51.56 -21.76 -37.44
C ARG C 735 -51.44 -20.26 -37.23
N PHE C 736 -50.53 -19.63 -37.97
CA PHE C 736 -50.28 -18.21 -37.81
C PHE C 736 -50.21 -17.52 -39.17
N VAL C 737 -50.53 -16.24 -39.18
CA VAL C 737 -50.39 -15.38 -40.34
C VAL C 737 -49.72 -14.09 -39.90
N VAL C 738 -48.65 -13.71 -40.60
CA VAL C 738 -47.91 -12.48 -40.32
C VAL C 738 -47.88 -11.64 -41.59
N THR C 739 -48.32 -10.40 -41.49
CA THR C 739 -48.39 -9.51 -42.64
C THR C 739 -47.62 -8.24 -42.35
N ASP C 740 -47.55 -7.38 -43.38
CA ASP C 740 -47.03 -6.04 -43.19
C ASP C 740 -48.01 -5.22 -42.36
N GLY C 741 -47.59 -4.02 -41.98
CA GLY C 741 -48.40 -3.17 -41.13
C GLY C 741 -48.28 -3.51 -39.66
N GLY C 742 -48.18 -4.80 -39.35
CA GLY C 742 -47.97 -5.22 -37.98
C GLY C 742 -49.08 -6.05 -37.39
N ILE C 743 -49.75 -6.85 -38.22
CA ILE C 743 -50.86 -7.70 -37.77
C ILE C 743 -50.36 -9.14 -37.75
N THR C 744 -50.45 -9.77 -36.58
CA THR C 744 -50.10 -11.17 -36.41
C THR C 744 -51.27 -11.88 -35.73
N ARG C 745 -51.71 -13.00 -36.30
CA ARG C 745 -52.80 -13.78 -35.74
C ARG C 745 -52.37 -15.23 -35.57
N VAL C 746 -52.61 -15.79 -34.39
CA VAL C 746 -52.45 -17.21 -34.13
C VAL C 746 -53.83 -17.76 -33.79
N TYR C 747 -54.31 -18.71 -34.61
CA TYR C 747 -55.72 -19.08 -34.54
C TYR C 747 -56.12 -19.70 -33.20
N PRO C 748 -55.44 -20.70 -32.66
CA PRO C 748 -55.83 -21.21 -31.33
C PRO C 748 -55.31 -20.29 -30.23
N LYS C 749 -56.22 -19.82 -29.37
CA LYS C 749 -55.81 -18.97 -28.26
C LYS C 749 -54.84 -19.69 -27.34
N GLU C 750 -54.98 -21.01 -27.18
CA GLU C 750 -54.05 -21.76 -26.36
C GLU C 750 -52.65 -21.76 -26.97
N ALA C 751 -52.56 -21.63 -28.28
CA ALA C 751 -51.28 -21.49 -28.94
C ALA C 751 -50.75 -20.06 -28.95
N GLY C 752 -51.58 -19.09 -28.57
CA GLY C 752 -51.12 -17.71 -28.51
C GLY C 752 -50.08 -17.50 -27.44
N GLU C 753 -50.21 -18.19 -26.30
CA GLU C 753 -49.22 -18.09 -25.23
C GLU C 753 -47.93 -18.82 -25.55
N ASN C 754 -47.92 -19.66 -26.59
CA ASN C 754 -46.70 -20.31 -27.05
C ASN C 754 -45.96 -19.49 -28.10
N TRP C 755 -46.50 -18.35 -28.50
CA TRP C 755 -45.86 -17.50 -29.50
C TRP C 755 -44.81 -16.65 -28.82
N GLN C 756 -43.54 -16.82 -29.22
CA GLN C 756 -42.42 -16.12 -28.61
C GLN C 756 -41.74 -15.18 -29.59
N GLU C 757 -42.42 -14.76 -30.64
CA GLU C 757 -41.82 -13.90 -31.66
C GLU C 757 -42.08 -12.43 -31.35
N ASN C 758 -41.30 -11.58 -31.98
CA ASN C 758 -41.46 -10.14 -31.82
C ASN C 758 -42.78 -9.70 -32.45
N PRO C 759 -43.60 -8.93 -31.74
CA PRO C 759 -44.83 -8.41 -32.37
C PRO C 759 -44.55 -7.52 -33.57
N GLU C 760 -43.37 -6.89 -33.64
CA GLU C 760 -42.99 -6.11 -34.80
C GLU C 760 -42.56 -7.06 -35.92
N THR C 761 -43.34 -7.09 -37.00
CA THR C 761 -43.12 -8.06 -38.06
C THR C 761 -41.80 -7.84 -38.79
N TYR C 762 -41.26 -6.63 -38.76
CA TYR C 762 -39.98 -6.36 -39.40
C TYR C 762 -38.80 -6.97 -38.65
N GLU C 763 -39.00 -7.37 -37.40
CA GLU C 763 -37.96 -8.01 -36.60
C GLU C 763 -38.18 -9.51 -36.46
N ASP C 764 -39.03 -10.11 -37.28
CA ASP C 764 -39.23 -11.55 -37.26
C ASP C 764 -38.26 -12.21 -38.24
N SER C 765 -37.33 -13.01 -37.70
CA SER C 765 -36.32 -13.63 -38.54
C SER C 765 -36.94 -14.60 -39.55
N PHE C 766 -37.90 -15.40 -39.12
CA PHE C 766 -38.55 -16.33 -40.04
C PHE C 766 -39.29 -15.60 -41.15
N TYR C 767 -39.82 -14.41 -40.87
CA TYR C 767 -40.50 -13.63 -41.89
C TYR C 767 -39.54 -13.26 -43.02
N LYS C 768 -38.37 -12.72 -42.66
CA LYS C 768 -37.39 -12.34 -43.67
C LYS C 768 -36.83 -13.56 -44.39
N ARG C 769 -36.61 -14.65 -43.66
CA ARG C 769 -36.11 -15.86 -44.30
C ARG C 769 -37.11 -16.40 -45.31
N SER C 770 -38.40 -16.38 -44.98
CA SER C 770 -39.42 -16.83 -45.91
C SER C 770 -39.55 -15.88 -47.09
N LEU C 771 -39.35 -14.57 -46.86
CA LEU C 771 -39.36 -13.63 -47.97
C LEU C 771 -38.24 -13.91 -48.95
N ASP C 772 -37.04 -14.21 -48.44
CA ASP C 772 -35.90 -14.47 -49.32
C ASP C 772 -36.08 -15.77 -50.09
N ASN C 773 -36.44 -16.85 -49.40
CA ASN C 773 -36.57 -18.14 -50.04
C ASN C 773 -37.84 -18.21 -50.88
N ASP C 774 -37.81 -19.08 -51.89
CA ASP C 774 -38.94 -19.29 -52.79
C ASP C 774 -39.62 -20.63 -52.54
N ASN C 775 -39.56 -21.12 -51.30
CA ASN C 775 -40.13 -22.40 -50.95
C ASN C 775 -40.52 -22.37 -49.47
N TYR C 776 -40.82 -23.54 -48.91
CA TYR C 776 -41.16 -23.64 -47.50
C TYR C 776 -39.91 -23.64 -46.65
N VAL C 777 -39.94 -22.87 -45.57
CA VAL C 777 -38.78 -22.69 -44.69
C VAL C 777 -39.11 -23.29 -43.33
N PHE C 778 -38.29 -24.23 -42.88
CA PHE C 778 -38.44 -24.85 -41.58
C PHE C 778 -37.49 -24.18 -40.59
N THR C 779 -38.04 -23.66 -39.50
CA THR C 779 -37.26 -22.96 -38.49
C THR C 779 -36.99 -23.92 -37.34
N ALA C 780 -35.72 -24.20 -37.11
CA ALA C 780 -35.34 -25.12 -36.05
C ALA C 780 -35.58 -24.49 -34.69
N PRO C 781 -36.18 -25.22 -33.75
CA PRO C 781 -36.38 -24.67 -32.40
C PRO C 781 -35.06 -24.52 -31.66
N TYR C 782 -35.08 -23.64 -30.66
CA TYR C 782 -33.88 -23.39 -29.87
C TYR C 782 -33.62 -24.56 -28.92
N PHE C 783 -32.39 -24.59 -28.38
CA PHE C 783 -31.97 -25.64 -27.47
C PHE C 783 -31.42 -25.03 -26.20
N ASN C 784 -31.56 -25.77 -25.09
CA ASN C 784 -31.13 -25.32 -23.77
C ASN C 784 -31.78 -23.98 -23.40
N LYS C 785 -33.03 -23.82 -23.79
CA LYS C 785 -33.78 -22.59 -23.54
C LYS C 785 -34.99 -22.90 -22.66
N SER C 786 -35.16 -22.10 -21.61
CA SER C 786 -36.30 -22.27 -20.73
C SER C 786 -37.60 -21.93 -21.44
N GLY C 787 -38.66 -22.65 -21.07
CA GLY C 787 -39.94 -22.47 -21.68
C GLY C 787 -40.21 -23.54 -22.73
N PRO C 788 -41.49 -23.81 -23.00
CA PRO C 788 -41.82 -24.86 -23.97
C PRO C 788 -41.48 -24.45 -25.39
N GLY C 789 -40.42 -25.05 -25.94
CA GLY C 789 -39.98 -24.70 -27.28
C GLY C 789 -39.65 -25.89 -28.15
N ALA C 790 -39.71 -27.10 -27.58
CA ALA C 790 -39.41 -28.32 -28.31
C ALA C 790 -40.65 -29.10 -28.67
N TYR C 791 -41.43 -29.50 -27.67
CA TYR C 791 -42.56 -30.41 -27.83
C TYR C 791 -43.91 -29.70 -27.77
N GLU C 792 -44.12 -28.84 -26.78
CA GLU C 792 -45.43 -28.19 -26.63
C GLU C 792 -45.72 -27.17 -27.71
N SER C 793 -44.71 -26.73 -28.47
CA SER C 793 -44.91 -25.79 -29.57
C SER C 793 -44.86 -26.48 -30.93
N GLY C 794 -43.78 -27.20 -31.20
CA GLY C 794 -43.62 -27.89 -32.46
C GLY C 794 -42.71 -27.15 -33.42
N ILE C 795 -42.36 -27.84 -34.50
CA ILE C 795 -41.51 -27.26 -35.55
C ILE C 795 -42.34 -26.29 -36.38
N MET C 796 -41.74 -25.16 -36.74
CA MET C 796 -42.41 -24.11 -37.46
C MET C 796 -42.00 -24.13 -38.93
N VAL C 797 -42.98 -24.18 -39.82
CA VAL C 797 -42.76 -24.07 -41.26
C VAL C 797 -43.63 -22.95 -41.79
N SER C 798 -43.04 -22.07 -42.59
CA SER C 798 -43.73 -20.90 -43.10
C SER C 798 -43.44 -20.73 -44.59
N LYS C 799 -44.37 -20.07 -45.28
CA LYS C 799 -44.21 -19.75 -46.69
C LYS C 799 -44.68 -18.32 -46.92
N ALA C 800 -44.04 -17.64 -47.86
CA ALA C 800 -44.36 -16.26 -48.18
C ALA C 800 -45.51 -16.20 -49.18
N VAL C 801 -46.45 -15.30 -48.93
CA VAL C 801 -47.59 -15.10 -49.82
C VAL C 801 -47.17 -14.17 -50.95
N GLU C 802 -47.35 -14.63 -52.18
CA GLU C 802 -46.99 -13.87 -53.38
C GLU C 802 -48.23 -13.61 -54.20
N ILE C 803 -48.44 -12.35 -54.58
CA ILE C 803 -49.61 -11.95 -55.35
C ILE C 803 -49.15 -11.18 -56.58
N TYR C 804 -50.01 -11.16 -57.60
CA TYR C 804 -49.77 -10.45 -58.85
C TYR C 804 -50.97 -9.55 -59.11
N ILE C 805 -50.77 -8.24 -58.99
CA ILE C 805 -51.86 -7.29 -59.16
C ILE C 805 -51.98 -6.92 -60.63
N GLN C 806 -50.94 -6.32 -61.18
CA GLN C 806 -50.88 -5.92 -62.59
C GLN C 806 -49.56 -6.34 -63.20
N GLY C 807 -49.17 -7.58 -62.95
CA GLY C 807 -47.86 -8.04 -63.35
C GLY C 807 -46.73 -7.60 -62.44
N LYS C 808 -47.06 -7.14 -61.23
CA LYS C 808 -46.07 -6.68 -60.26
C LYS C 808 -45.99 -7.70 -59.12
N LEU C 809 -44.78 -8.12 -58.80
CA LEU C 809 -44.58 -9.08 -57.72
C LEU C 809 -44.68 -8.38 -56.37
N LEU C 810 -45.49 -8.94 -55.47
CA LEU C 810 -45.65 -8.42 -54.13
C LEU C 810 -45.66 -9.59 -53.15
N LYS C 811 -45.06 -9.37 -51.98
CA LYS C 811 -45.01 -10.37 -50.91
C LYS C 811 -45.49 -9.69 -49.63
N PRO C 812 -46.80 -9.53 -49.47
CA PRO C 812 -47.32 -8.74 -48.34
C PRO C 812 -47.31 -9.50 -47.02
N ALA C 813 -47.52 -10.81 -47.06
CA ALA C 813 -47.73 -11.58 -45.84
C ALA C 813 -46.96 -12.88 -45.91
N VAL C 814 -46.73 -13.47 -44.73
CA VAL C 814 -46.12 -14.78 -44.59
C VAL C 814 -46.99 -15.60 -43.66
N VAL C 815 -47.40 -16.79 -44.11
CA VAL C 815 -48.21 -17.69 -43.30
C VAL C 815 -47.45 -18.97 -43.05
N GLY C 816 -47.89 -19.71 -42.04
CA GLY C 816 -47.24 -20.97 -41.71
C GLY C 816 -47.98 -21.66 -40.60
N ILE C 817 -47.49 -22.87 -40.26
CA ILE C 817 -48.09 -23.70 -39.23
C ILE C 817 -46.99 -24.25 -38.34
N LYS C 818 -47.40 -24.69 -37.15
CA LYS C 818 -46.52 -25.41 -36.23
C LYS C 818 -47.01 -26.86 -36.18
N ILE C 819 -46.18 -27.77 -36.67
CA ILE C 819 -46.56 -29.17 -36.76
C ILE C 819 -46.16 -29.89 -35.48
N ASP C 820 -46.96 -30.88 -35.10
CA ASP C 820 -46.68 -31.66 -33.89
C ASP C 820 -45.46 -32.55 -34.12
N VAL C 821 -44.61 -32.64 -33.09
CA VAL C 821 -43.42 -33.47 -33.19
C VAL C 821 -43.79 -34.95 -33.20
N ASN C 822 -44.77 -35.34 -32.37
CA ASN C 822 -45.17 -36.74 -32.31
C ASN C 822 -45.82 -37.19 -33.60
N SER C 823 -46.67 -36.34 -34.19
CA SER C 823 -47.29 -36.70 -35.46
C SER C 823 -46.22 -36.90 -36.53
N TRP C 824 -45.20 -36.05 -36.54
CA TRP C 824 -44.10 -36.23 -37.46
C TRP C 824 -43.31 -37.51 -37.16
N ILE C 825 -43.22 -37.90 -35.89
CA ILE C 825 -42.51 -39.14 -35.55
C ILE C 825 -43.25 -40.34 -36.11
N GLU C 826 -44.57 -40.40 -35.91
CA GLU C 826 -45.36 -41.47 -36.53
C GLU C 826 -45.30 -41.43 -38.05
N ASN C 827 -45.29 -40.24 -38.64
CA ASN C 827 -45.09 -40.14 -40.09
C ASN C 827 -43.75 -40.75 -40.50
N PHE C 828 -42.70 -40.42 -39.76
CA PHE C 828 -41.34 -40.78 -40.17
C PHE C 828 -41.09 -42.27 -40.01
N THR C 829 -41.47 -42.84 -38.87
CA THR C 829 -41.17 -44.25 -38.61
C THR C 829 -42.06 -45.17 -39.43
N LYS C 830 -43.32 -44.81 -39.61
CA LYS C 830 -44.25 -45.64 -40.37
C LYS C 830 -43.96 -45.54 -41.86
N ASP C 843 -34.94 -51.17 -41.68
CA ASP C 843 -34.17 -49.98 -42.03
C ASP C 843 -34.40 -48.85 -41.02
N CYS C 844 -35.08 -47.80 -41.48
CA CYS C 844 -35.38 -46.64 -40.63
C CYS C 844 -36.52 -47.02 -39.70
N LYS C 845 -36.16 -47.57 -38.54
CA LYS C 845 -37.13 -47.99 -37.54
C LYS C 845 -36.76 -47.39 -36.20
N ARG C 846 -37.75 -47.31 -35.32
CA ARG C 846 -37.58 -46.67 -34.02
C ARG C 846 -36.47 -47.34 -33.21
N ASN C 847 -35.55 -46.53 -32.72
CA ASN C 847 -34.44 -47.00 -31.88
C ASN C 847 -33.65 -48.12 -32.56
N SER C 848 -33.47 -47.98 -33.87
CA SER C 848 -32.72 -48.97 -34.63
C SER C 848 -31.24 -48.94 -34.26
N ASP C 849 -30.66 -50.12 -34.11
CA ASP C 849 -29.23 -50.23 -33.81
C ASP C 849 -28.39 -50.42 -35.07
N VAL C 850 -29.01 -50.46 -36.25
CA VAL C 850 -28.29 -50.71 -37.50
C VAL C 850 -28.21 -49.43 -38.32
N MET C 851 -29.33 -48.74 -38.46
CA MET C 851 -29.44 -47.60 -39.36
C MET C 851 -29.82 -46.34 -38.61
N ASP C 852 -29.21 -45.22 -38.99
CA ASP C 852 -29.54 -43.91 -38.46
C ASP C 852 -30.16 -43.06 -39.56
N CYS C 853 -31.34 -42.51 -39.29
CA CYS C 853 -32.07 -41.69 -40.26
C CYS C 853 -32.50 -40.41 -39.59
N VAL C 854 -32.01 -39.27 -40.10
CA VAL C 854 -32.30 -37.97 -39.53
C VAL C 854 -32.68 -37.01 -40.65
N ILE C 855 -33.35 -35.92 -40.26
CA ILE C 855 -33.74 -34.85 -41.17
C ILE C 855 -33.16 -33.54 -40.66
N LEU C 856 -32.47 -32.82 -41.54
CA LEU C 856 -31.87 -31.54 -41.20
C LEU C 856 -32.33 -30.47 -42.18
N ASP C 857 -32.38 -29.24 -41.69
CA ASP C 857 -32.54 -28.07 -42.54
C ASP C 857 -31.17 -27.50 -42.88
N ASP C 858 -31.15 -26.54 -43.80
CA ASP C 858 -29.90 -25.85 -44.11
C ASP C 858 -29.43 -25.07 -42.89
N GLY C 859 -28.17 -25.29 -42.50
CA GLY C 859 -27.69 -24.74 -41.26
C GLY C 859 -27.21 -25.83 -40.32
N GLY C 860 -27.58 -27.08 -40.63
CA GLY C 860 -27.11 -28.22 -39.86
C GLY C 860 -27.85 -28.47 -38.57
N PHE C 861 -29.10 -28.04 -38.45
CA PHE C 861 -29.87 -28.25 -37.24
C PHE C 861 -30.78 -29.46 -37.39
N LEU C 862 -31.03 -30.13 -36.26
CA LEU C 862 -31.77 -31.39 -36.24
C LEU C 862 -33.26 -31.11 -36.07
N LEU C 863 -34.08 -31.74 -36.93
CA LEU C 863 -35.52 -31.60 -36.90
C LEU C 863 -36.24 -32.92 -36.74
N MET C 864 -35.63 -34.03 -37.14
CA MET C 864 -36.19 -35.35 -36.98
C MET C 864 -35.08 -36.36 -36.74
N ALA C 865 -35.36 -37.36 -35.90
CA ALA C 865 -34.41 -38.39 -35.56
C ALA C 865 -35.04 -39.77 -35.73
N ASN C 866 -34.33 -40.80 -35.27
CA ASN C 866 -34.78 -42.18 -35.42
C ASN C 866 -34.64 -43.03 -34.16
N HIS C 867 -33.92 -42.56 -33.15
CA HIS C 867 -33.58 -43.39 -32.01
C HIS C 867 -34.20 -42.91 -30.70
N ASP C 868 -35.01 -41.86 -30.72
CA ASP C 868 -35.60 -41.25 -29.53
C ASP C 868 -34.55 -40.80 -28.53
N ASP C 869 -33.30 -40.69 -28.94
CA ASP C 869 -32.23 -40.08 -28.15
C ASP C 869 -31.87 -38.71 -28.71
N TYR C 870 -31.64 -38.64 -30.03
CA TYR C 870 -31.46 -37.35 -30.68
C TYR C 870 -32.76 -36.54 -30.69
N THR C 871 -33.91 -37.19 -30.60
CA THR C 871 -35.18 -36.48 -30.64
C THR C 871 -35.34 -35.56 -29.44
N ASN C 872 -34.91 -36.02 -28.26
CA ASN C 872 -34.98 -35.16 -27.09
C ASN C 872 -34.10 -33.93 -27.25
N GLN C 873 -32.91 -34.09 -27.81
CA GLN C 873 -32.03 -32.96 -28.10
C GLN C 873 -32.29 -32.44 -29.51
N ILE C 874 -33.50 -31.93 -29.69
CA ILE C 874 -33.94 -31.42 -30.98
C ILE C 874 -33.47 -29.99 -31.15
N GLY C 875 -33.27 -29.57 -32.40
CA GLY C 875 -32.82 -28.22 -32.67
C GLY C 875 -31.34 -28.00 -32.45
N ARG C 876 -30.57 -29.04 -32.19
CA ARG C 876 -29.13 -28.91 -32.02
C ARG C 876 -28.42 -28.94 -33.36
N PHE C 877 -27.27 -28.28 -33.43
CA PHE C 877 -26.40 -28.41 -34.59
C PHE C 877 -25.94 -29.85 -34.71
N PHE C 878 -25.99 -30.39 -35.94
CA PHE C 878 -25.66 -31.78 -36.15
C PHE C 878 -24.20 -32.09 -35.83
N GLY C 879 -23.33 -31.07 -35.85
CA GLY C 879 -21.93 -31.30 -35.50
C GLY C 879 -21.71 -31.52 -34.02
N GLU C 880 -22.70 -31.18 -33.19
CA GLU C 880 -22.60 -31.39 -31.75
C GLU C 880 -23.13 -32.74 -31.30
N ILE C 881 -23.75 -33.51 -32.20
CA ILE C 881 -24.24 -34.84 -31.89
C ILE C 881 -23.65 -35.92 -32.80
N ASP C 882 -22.99 -35.54 -33.89
CA ASP C 882 -22.33 -36.48 -34.79
C ASP C 882 -21.24 -35.74 -35.54
N PRO C 883 -20.14 -35.38 -34.88
CA PRO C 883 -19.13 -34.51 -35.52
C PRO C 883 -18.50 -35.10 -36.77
N SER C 884 -18.29 -36.41 -36.82
CA SER C 884 -17.61 -37.00 -37.97
C SER C 884 -18.45 -36.86 -39.25
N LEU C 885 -19.74 -37.21 -39.16
CA LEU C 885 -20.61 -37.11 -40.33
C LEU C 885 -20.76 -35.66 -40.78
N MET C 886 -20.90 -34.74 -39.82
CA MET C 886 -21.05 -33.33 -40.17
C MET C 886 -19.79 -32.79 -40.84
N ARG C 887 -18.62 -33.14 -40.31
CA ARG C 887 -17.37 -32.70 -40.92
C ARG C 887 -17.21 -33.26 -42.33
N HIS C 888 -17.56 -34.54 -42.51
CA HIS C 888 -17.49 -35.11 -43.86
C HIS C 888 -18.48 -34.43 -44.79
N LEU C 889 -19.69 -34.13 -44.30
CA LEU C 889 -20.66 -33.43 -45.13
C LEU C 889 -20.15 -32.07 -45.56
N VAL C 890 -19.49 -31.35 -44.64
CA VAL C 890 -18.84 -30.10 -45.02
C VAL C 890 -17.76 -30.35 -46.07
N ASN C 891 -17.04 -31.48 -45.95
CA ASN C 891 -15.94 -31.74 -46.86
C ASN C 891 -16.43 -32.07 -48.27
N ILE C 892 -17.49 -32.89 -48.39
CA ILE C 892 -18.00 -33.24 -49.72
C ILE C 892 -18.76 -32.10 -50.37
N SER C 893 -18.88 -30.95 -49.71
CA SER C 893 -19.53 -29.76 -50.26
C SER C 893 -21.02 -30.00 -50.50
N VAL C 894 -21.71 -30.49 -49.47
CA VAL C 894 -23.16 -30.47 -49.44
C VAL C 894 -23.56 -29.34 -48.51
N TYR C 895 -22.71 -29.06 -47.52
CA TYR C 895 -22.87 -27.95 -46.60
C TYR C 895 -21.73 -26.97 -46.80
N ALA C 896 -22.06 -25.70 -46.99
CA ALA C 896 -21.08 -24.64 -47.04
C ALA C 896 -21.15 -23.83 -45.75
N PHE C 897 -20.07 -23.11 -45.46
CA PHE C 897 -20.03 -22.27 -44.27
C PHE C 897 -19.02 -21.15 -44.49
N ASN C 898 -19.18 -20.09 -43.71
CA ASN C 898 -18.14 -19.06 -43.62
C ASN C 898 -18.35 -18.29 -42.33
N LYS C 899 -17.27 -17.67 -41.87
CA LYS C 899 -17.22 -17.07 -40.55
C LYS C 899 -17.25 -15.55 -40.63
N SER C 900 -17.61 -14.93 -39.51
CA SER C 900 -17.64 -13.48 -39.39
C SER C 900 -17.45 -13.11 -37.93
N TYR C 901 -17.11 -11.84 -37.69
CA TYR C 901 -16.85 -11.35 -36.35
C TYR C 901 -17.97 -10.43 -35.89
N ASP C 902 -18.39 -10.59 -34.65
CA ASP C 902 -19.35 -9.71 -33.99
C ASP C 902 -18.58 -8.86 -32.98
N TYR C 903 -18.49 -7.56 -33.23
CA TYR C 903 -17.67 -6.67 -32.42
C TYR C 903 -18.43 -6.05 -31.26
N GLN C 904 -19.72 -6.35 -31.10
CA GLN C 904 -20.54 -5.85 -30.00
C GLN C 904 -21.24 -7.06 -29.37
N SER C 905 -20.55 -7.72 -28.44
CA SER C 905 -21.08 -8.92 -27.81
C SER C 905 -20.79 -8.87 -26.32
N VAL C 906 -21.60 -9.59 -25.55
CA VAL C 906 -21.41 -9.72 -24.11
C VAL C 906 -20.56 -10.95 -23.84
N CYS C 907 -19.52 -10.79 -23.03
CA CYS C 907 -18.54 -11.85 -22.82
C CYS C 907 -18.26 -11.99 -21.33
N GLU C 908 -17.97 -13.23 -20.92
CA GLU C 908 -17.57 -13.51 -19.55
C GLU C 908 -16.07 -13.33 -19.42
N PRO C 909 -15.58 -12.49 -18.49
CA PRO C 909 -14.14 -12.25 -18.41
C PRO C 909 -13.41 -13.44 -17.79
N GLY C 910 -12.38 -13.91 -18.47
CA GLY C 910 -11.59 -15.03 -18.01
C GLY C 910 -10.53 -14.61 -17.01
N ALA C 911 -9.70 -15.59 -16.66
CA ALA C 911 -8.62 -15.40 -15.70
C ALA C 911 -7.28 -15.41 -16.43
N ALA C 912 -6.44 -14.43 -16.14
CA ALA C 912 -5.12 -14.34 -16.74
C ALA C 912 -4.05 -14.14 -15.67
N SER C 973 -19.10 -8.72 -13.97
CA SER C 973 -20.22 -9.53 -14.43
C SER C 973 -20.06 -9.92 -15.89
N LYS C 974 -20.27 -8.94 -16.78
CA LYS C 974 -20.15 -9.15 -18.21
C LYS C 974 -19.38 -8.00 -18.84
N GLN C 975 -18.53 -8.33 -19.81
CA GLN C 975 -17.73 -7.34 -20.53
C GLN C 975 -17.95 -7.53 -22.03
N SER C 976 -17.46 -6.57 -22.80
CA SER C 976 -17.64 -6.54 -24.24
C SER C 976 -16.38 -7.05 -24.93
N CYS C 977 -16.56 -7.94 -25.90
CA CYS C 977 -15.43 -8.47 -26.64
C CYS C 977 -15.90 -8.83 -28.05
N ILE C 978 -15.08 -9.58 -28.76
CA ILE C 978 -15.39 -10.02 -30.13
C ILE C 978 -15.72 -11.50 -30.09
N THR C 979 -16.84 -11.87 -30.69
CA THR C 979 -17.26 -13.25 -30.82
C THR C 979 -17.28 -13.63 -32.30
N GLU C 980 -16.75 -14.81 -32.60
CA GLU C 980 -16.71 -15.31 -33.97
C GLU C 980 -17.95 -16.17 -34.23
N GLN C 981 -18.67 -15.86 -35.30
CA GLN C 981 -19.92 -16.52 -35.63
C GLN C 981 -19.75 -17.37 -36.88
N THR C 982 -20.41 -18.53 -36.89
CA THR C 982 -20.39 -19.44 -38.02
C THR C 982 -21.82 -19.76 -38.41
N GLN C 983 -22.09 -19.76 -39.71
CA GLN C 983 -23.40 -20.11 -40.24
C GLN C 983 -23.22 -21.03 -41.44
N TYR C 984 -23.98 -22.11 -41.47
CA TYR C 984 -23.90 -23.11 -42.53
C TYR C 984 -25.07 -22.97 -43.48
N PHE C 985 -24.86 -23.35 -44.74
CA PHE C 985 -25.89 -23.23 -45.76
C PHE C 985 -25.57 -24.19 -46.90
N PHE C 986 -26.57 -24.43 -47.74
CA PHE C 986 -26.39 -25.26 -48.93
C PHE C 986 -25.72 -24.45 -50.04
N ASP C 987 -24.81 -25.09 -50.75
CA ASP C 987 -24.10 -24.46 -51.85
C ASP C 987 -24.36 -25.11 -53.20
N ASN C 988 -24.40 -26.44 -53.26
CA ASN C 988 -24.51 -27.18 -54.50
C ASN C 988 -25.97 -27.42 -54.85
N ASP C 989 -26.28 -27.35 -56.14
CA ASP C 989 -27.63 -27.55 -56.63
C ASP C 989 -28.02 -29.03 -56.74
N SER C 990 -27.07 -29.95 -56.67
CA SER C 990 -27.37 -31.36 -56.78
C SER C 990 -28.17 -31.84 -55.57
N LYS C 991 -29.06 -32.80 -55.82
CA LYS C 991 -30.04 -33.22 -54.82
C LYS C 991 -29.59 -34.41 -53.98
N SER C 992 -28.75 -35.29 -54.52
CA SER C 992 -28.38 -36.52 -53.84
C SER C 992 -26.87 -36.67 -53.78
N PHE C 993 -26.39 -37.17 -52.64
CA PHE C 993 -24.98 -37.48 -52.45
C PHE C 993 -24.85 -38.87 -51.83
N SER C 994 -23.80 -39.58 -52.22
CA SER C 994 -23.52 -40.90 -51.68
C SER C 994 -22.02 -41.03 -51.46
N GLY C 995 -21.65 -41.88 -50.51
CA GLY C 995 -20.25 -42.10 -50.23
C GLY C 995 -20.08 -42.88 -48.94
N VAL C 996 -18.80 -43.10 -48.61
CA VAL C 996 -18.41 -43.81 -47.39
C VAL C 996 -17.36 -42.98 -46.68
N LEU C 997 -17.53 -42.81 -45.37
CA LEU C 997 -16.55 -42.11 -44.54
C LEU C 997 -15.84 -43.11 -43.64
N ASP C 998 -14.54 -42.93 -43.47
CA ASP C 998 -13.71 -43.84 -42.70
C ASP C 998 -13.02 -43.11 -41.56
N CYS C 999 -12.97 -43.76 -40.40
CA CYS C 999 -12.33 -43.18 -39.22
C CYS C 999 -11.78 -44.33 -38.39
N GLY C 1000 -10.47 -44.59 -38.53
CA GLY C 1000 -9.86 -45.68 -37.80
C GLY C 1000 -10.32 -47.05 -38.29
N ASN C 1001 -9.88 -47.42 -39.50
CA ASN C 1001 -10.24 -48.67 -40.18
C ASN C 1001 -11.73 -49.01 -40.00
N CYS C 1002 -12.57 -48.04 -40.33
CA CYS C 1002 -14.01 -48.22 -40.37
C CYS C 1002 -14.54 -47.86 -41.76
N SER C 1003 -15.82 -48.13 -41.98
CA SER C 1003 -16.47 -47.79 -43.24
C SER C 1003 -17.96 -47.67 -42.98
N ARG C 1004 -18.47 -46.44 -42.99
CA ARG C 1004 -19.88 -46.17 -42.81
C ARG C 1004 -20.47 -45.64 -44.11
N ILE C 1005 -21.48 -46.32 -44.62
CA ILE C 1005 -22.13 -45.94 -45.87
C ILE C 1005 -23.26 -44.97 -45.56
N PHE C 1006 -23.29 -43.85 -46.27
CA PHE C 1006 -24.32 -42.83 -46.09
C PHE C 1006 -24.89 -42.44 -47.44
N HIS C 1007 -26.11 -41.91 -47.41
CA HIS C 1007 -26.75 -41.38 -48.60
C HIS C 1007 -27.67 -40.24 -48.17
N VAL C 1008 -27.24 -39.01 -48.38
CA VAL C 1008 -28.03 -37.84 -48.03
C VAL C 1008 -28.86 -37.44 -49.23
N GLU C 1009 -30.07 -36.96 -48.97
CA GLU C 1009 -30.99 -36.57 -50.04
C GLU C 1009 -31.69 -35.28 -49.64
N LYS C 1010 -31.81 -34.36 -50.60
CA LYS C 1010 -32.43 -33.07 -50.37
C LYS C 1010 -33.90 -33.11 -50.79
N LEU C 1011 -34.78 -32.68 -49.90
CA LEU C 1011 -36.21 -32.66 -50.18
C LEU C 1011 -36.54 -31.48 -51.09
N MET C 1012 -37.26 -31.78 -52.18
CA MET C 1012 -37.60 -30.75 -53.15
C MET C 1012 -38.62 -29.78 -52.57
N ASN C 1013 -38.54 -28.52 -53.02
CA ASN C 1013 -39.48 -27.48 -52.63
C ASN C 1013 -39.45 -27.23 -51.11
N THR C 1014 -38.31 -27.51 -50.50
CA THR C 1014 -38.14 -27.37 -49.06
C THR C 1014 -36.66 -27.21 -48.77
N ASN C 1015 -36.35 -26.49 -47.69
CA ASN C 1015 -34.97 -26.31 -47.25
C ASN C 1015 -34.48 -27.46 -46.37
N LEU C 1016 -35.12 -28.62 -46.45
CA LEU C 1016 -34.78 -29.76 -45.62
C LEU C 1016 -33.85 -30.72 -46.37
N ILE C 1017 -33.20 -31.60 -45.60
CA ILE C 1017 -32.34 -32.65 -46.14
C ILE C 1017 -32.56 -33.91 -45.33
N PHE C 1018 -32.47 -35.05 -46.00
CA PHE C 1018 -32.62 -36.36 -45.38
C PHE C 1018 -31.29 -37.08 -45.40
N ILE C 1019 -30.86 -37.56 -44.23
CA ILE C 1019 -29.57 -38.23 -44.08
C ILE C 1019 -29.82 -39.63 -43.55
N MET C 1020 -29.25 -40.64 -44.21
CA MET C 1020 -29.38 -42.03 -43.80
C MET C 1020 -27.99 -42.63 -43.74
N VAL C 1021 -27.51 -42.91 -42.52
CA VAL C 1021 -26.12 -43.27 -42.28
C VAL C 1021 -26.06 -44.48 -41.36
N GLU C 1022 -24.91 -45.14 -41.36
CA GLU C 1022 -24.66 -46.24 -40.44
C GLU C 1022 -24.70 -45.74 -38.99
N SER C 1023 -25.05 -46.64 -38.08
CA SER C 1023 -25.10 -46.27 -36.67
C SER C 1023 -23.71 -45.91 -36.16
N LYS C 1024 -23.65 -44.90 -35.29
CA LYS C 1024 -22.39 -44.47 -34.72
C LYS C 1024 -21.77 -45.56 -33.84
N GLY C 1025 -22.60 -46.42 -33.26
CA GLY C 1025 -22.08 -47.49 -32.43
C GLY C 1025 -21.30 -48.53 -33.17
N THR C 1026 -21.49 -48.64 -34.49
CA THR C 1026 -20.71 -49.60 -35.29
C THR C 1026 -19.23 -49.27 -35.23
N CYS C 1027 -18.89 -47.99 -35.39
CA CYS C 1027 -17.50 -47.53 -35.28
C CYS C 1027 -17.43 -46.44 -34.23
N PRO C 1028 -16.99 -46.75 -33.02
CA PRO C 1028 -16.88 -45.71 -31.98
C PRO C 1028 -15.71 -44.77 -32.22
N CYS C 1029 -15.82 -43.92 -33.25
CA CYS C 1029 -14.80 -42.95 -33.59
C CYS C 1029 -15.33 -41.54 -33.32
N ASP C 1030 -14.46 -40.68 -32.79
CA ASP C 1030 -14.83 -39.30 -32.47
C ASP C 1030 -13.56 -38.49 -32.33
N THR C 1031 -13.43 -37.43 -33.13
CA THR C 1031 -12.26 -36.57 -33.05
C THR C 1031 -12.51 -35.38 -32.13
N ARG C 1032 -13.49 -34.54 -32.47
CA ARG C 1032 -13.83 -33.35 -31.69
C ARG C 1032 -15.12 -32.77 -32.25
N LEU C 1033 -15.88 -32.12 -31.36
CA LEU C 1033 -17.16 -31.57 -31.74
C LEU C 1033 -16.99 -30.40 -32.72
N LEU C 1034 -17.98 -30.24 -33.60
CA LEU C 1034 -18.04 -29.12 -34.53
C LEU C 1034 -19.06 -28.13 -33.99
N ILE C 1035 -18.57 -27.11 -33.28
CA ILE C 1035 -19.44 -26.19 -32.57
C ILE C 1035 -19.86 -25.06 -33.50
N GLN C 1036 -21.17 -24.82 -33.57
CA GLN C 1036 -21.74 -23.68 -34.28
C GLN C 1036 -22.39 -22.79 -33.23
N ALA C 1037 -21.59 -21.91 -32.64
CA ALA C 1037 -22.08 -20.99 -31.62
C ALA C 1037 -21.10 -19.85 -31.48
N GLU C 1038 -21.56 -18.77 -30.85
CA GLU C 1038 -20.71 -17.62 -30.62
C GLU C 1038 -19.55 -18.00 -29.71
N GLN C 1039 -18.34 -18.04 -30.27
CA GLN C 1039 -17.13 -18.35 -29.51
C GLN C 1039 -16.33 -17.08 -29.30
N THR C 1040 -15.92 -16.85 -28.05
CA THR C 1040 -15.10 -15.68 -27.75
C THR C 1040 -13.80 -15.74 -28.53
N SER C 1041 -13.47 -14.64 -29.20
CA SER C 1041 -12.32 -14.58 -30.08
C SER C 1041 -11.57 -13.28 -29.87
N ASP C 1042 -10.29 -13.29 -30.26
CA ASP C 1042 -9.45 -12.11 -30.19
C ASP C 1042 -9.08 -11.56 -31.56
N GLY C 1043 -9.30 -12.32 -32.63
CA GLY C 1043 -8.93 -11.89 -33.95
C GLY C 1043 -9.85 -10.82 -34.50
N PRO C 1044 -9.52 -10.31 -35.69
CA PRO C 1044 -8.37 -10.66 -36.53
C PRO C 1044 -7.05 -10.08 -36.04
N ASP C 1045 -5.93 -10.55 -36.58
CA ASP C 1045 -4.62 -10.08 -36.15
C ASP C 1045 -4.43 -8.63 -36.59
N PRO C 1046 -4.19 -7.71 -35.67
CA PRO C 1046 -4.24 -6.28 -36.03
C PRO C 1046 -3.03 -5.77 -36.79
N CYS C 1047 -1.81 -6.21 -36.44
CA CYS C 1047 -0.63 -5.74 -37.14
C CYS C 1047 -0.34 -6.54 -38.41
N ASP C 1048 -1.33 -7.30 -38.89
CA ASP C 1048 -1.31 -7.81 -40.26
C ASP C 1048 -2.25 -7.04 -41.18
N MET C 1049 -3.30 -6.41 -40.63
CA MET C 1049 -4.17 -5.55 -41.43
C MET C 1049 -3.57 -4.18 -41.69
N VAL C 1050 -2.58 -3.77 -40.89
CA VAL C 1050 -1.99 -2.45 -41.10
C VAL C 1050 -1.16 -2.43 -42.38
N LYS C 1051 -0.63 -3.58 -42.78
CA LYS C 1051 0.15 -3.64 -44.02
C LYS C 1051 -0.72 -3.37 -45.24
N GLN C 1052 -1.96 -3.87 -45.23
CA GLN C 1052 -2.92 -3.64 -46.31
C GLN C 1052 -4.23 -3.17 -45.70
N PRO C 1053 -4.30 -1.90 -45.29
CA PRO C 1053 -5.51 -1.39 -44.64
C PRO C 1053 -6.61 -1.10 -45.64
N ARG C 1054 -7.81 -0.87 -45.09
CA ARG C 1054 -8.96 -0.51 -45.92
C ARG C 1054 -8.80 0.90 -46.47
N TYR C 1055 -9.53 1.18 -47.55
CA TYR C 1055 -9.47 2.50 -48.17
C TYR C 1055 -10.01 3.55 -47.21
N ARG C 1056 -9.36 4.71 -47.22
CA ARG C 1056 -9.68 5.78 -46.29
C ARG C 1056 -9.50 7.12 -46.99
N LYS C 1057 -10.21 8.14 -46.49
CA LYS C 1057 -10.16 9.48 -47.06
C LYS C 1057 -10.25 10.47 -45.91
N GLY C 1058 -9.10 10.94 -45.43
CA GLY C 1058 -9.05 11.85 -44.32
C GLY C 1058 -9.42 13.26 -44.72
N PRO C 1059 -9.53 14.12 -43.71
CA PRO C 1059 -9.84 15.54 -43.99
C PRO C 1059 -8.75 16.19 -44.83
N ASP C 1060 -9.18 17.13 -45.68
CA ASP C 1060 -8.27 17.78 -46.61
C ASP C 1060 -7.75 19.12 -46.10
N VAL C 1061 -8.50 19.83 -45.25
CA VAL C 1061 -8.13 21.15 -44.77
C VAL C 1061 -7.75 21.06 -43.30
N CYS C 1062 -6.58 21.58 -42.97
CA CYS C 1062 -6.14 21.64 -41.58
C CYS C 1062 -5.07 22.72 -41.45
N PHE C 1063 -4.88 23.19 -40.23
CA PHE C 1063 -4.06 24.37 -39.96
C PHE C 1063 -2.87 23.99 -39.09
N ASP C 1064 -1.67 24.29 -39.56
CA ASP C 1064 -0.46 24.14 -38.78
C ASP C 1064 0.63 25.01 -39.40
N ASN C 1065 1.64 25.32 -38.59
CA ASN C 1065 2.82 26.06 -39.03
C ASN C 1065 2.44 27.42 -39.61
N ASN C 1066 1.93 28.27 -38.71
CA ASN C 1066 1.67 29.67 -39.04
C ASN C 1066 2.89 30.51 -38.72
N VAL C 1067 3.17 31.50 -39.58
CA VAL C 1067 4.36 32.33 -39.38
C VAL C 1067 4.21 33.24 -38.17
N LEU C 1068 2.98 33.66 -37.85
CA LEU C 1068 2.74 34.60 -36.78
C LEU C 1068 2.80 33.95 -35.39
N GLU C 1069 2.95 32.64 -35.31
CA GLU C 1069 3.02 31.97 -34.02
C GLU C 1069 4.27 32.41 -33.27
N ASP C 1070 4.09 32.67 -31.97
CA ASP C 1070 5.19 33.16 -31.14
C ASP C 1070 6.09 32.03 -30.63
N TYR C 1071 5.48 30.96 -30.13
CA TYR C 1071 6.18 29.72 -29.71
C TYR C 1071 7.30 30.00 -28.71
N THR C 1072 7.17 31.07 -27.93
CA THR C 1072 8.17 31.43 -26.92
C THR C 1072 7.81 30.88 -25.56
N ASP C 1073 7.15 29.72 -25.51
CA ASP C 1073 6.76 29.09 -24.26
C ASP C 1073 7.21 27.64 -24.23
N CYS C 1074 7.55 27.15 -23.04
CA CYS C 1074 7.78 25.73 -22.84
C CYS C 1074 7.42 25.32 -21.42
C1 NAG D . 9.06 2.97 -49.46
C2 NAG D . 8.96 3.13 -50.97
C3 NAG D . 10.14 2.42 -51.65
C4 NAG D . 11.47 2.86 -51.03
C5 NAG D . 11.42 2.82 -49.50
C6 NAG D . 12.63 3.45 -48.85
C7 NAG D . 7.27 1.38 -51.38
C8 NAG D . 5.92 1.10 -51.99
N2 NAG D . 7.69 2.64 -51.50
O3 NAG D . 10.13 2.72 -53.03
O4 NAG D . 12.49 1.98 -51.46
O5 NAG D . 10.27 3.53 -49.00
O6 NAG D . 13.76 2.58 -48.89
O7 NAG D . 7.91 0.51 -50.82
C1 NAG D . 13.50 2.66 -52.22
C2 NAG D . 14.52 1.61 -52.66
C3 NAG D . 15.62 2.25 -53.51
C4 NAG D . 15.00 3.03 -54.67
C5 NAG D . 13.95 4.02 -54.15
C6 NAG D . 13.20 4.72 -55.26
C7 NAG D . 14.74 -0.30 -51.14
C8 NAG D . 15.44 -0.86 -49.94
N2 NAG D . 15.10 0.92 -51.52
O3 NAG D . 16.49 1.25 -54.01
O4 NAG D . 16.01 3.75 -55.37
O5 NAG D . 12.97 3.31 -53.37
O6 NAG D . 13.30 4.00 -56.49
O7 NAG D . 13.88 -0.94 -51.74
C1 NAG E . -26.63 18.11 -53.99
C2 NAG E . -25.91 18.82 -55.13
C3 NAG E . -26.67 18.63 -56.42
C4 NAG E . -26.95 17.15 -56.69
C5 NAG E . -27.55 16.48 -55.44
C6 NAG E . -27.67 14.98 -55.58
C7 NAG E . -24.60 20.89 -55.14
C8 NAG E . -24.58 22.34 -54.77
N2 NAG E . -25.71 20.23 -54.84
O3 NAG E . -25.90 19.17 -57.50
O4 NAG E . -27.91 17.03 -57.73
O5 NAG E . -26.74 16.73 -54.28
O6 NAG E . -28.76 14.61 -56.40
O7 NAG E . -23.65 20.34 -55.68
C1 NAG E . -27.30 16.76 -59.01
C2 NAG E . -27.97 17.70 -60.03
C3 NAG E . -27.37 17.49 -61.41
C4 NAG E . -25.86 17.64 -61.36
C5 NAG E . -25.27 16.72 -60.30
C6 NAG E . -23.78 16.91 -60.11
C7 NAG E . -30.29 18.52 -60.09
C8 NAG E . -31.74 18.12 -60.12
N2 NAG E . -29.41 17.50 -60.05
O3 NAG E . -27.93 18.44 -62.32
O4 NAG E . -25.30 17.31 -62.63
O5 NAG E . -25.88 16.98 -59.03
O6 NAG E . -23.32 18.06 -60.79
O7 NAG E . -29.93 19.68 -60.09
C1 NAG F . -18.80 -16.84 -47.47
C2 NAG F . -17.30 -16.56 -47.61
C3 NAG F . -16.88 -16.65 -49.08
C4 NAG F . -17.33 -17.98 -49.69
C5 NAG F . -18.82 -18.22 -49.42
C6 NAG F . -19.30 -19.57 -49.87
C7 NAG F . -16.16 -15.10 -46.00
C8 NAG F . -15.92 -13.68 -45.56
N2 NAG F . -16.96 -15.26 -47.07
O3 NAG F . -15.47 -16.54 -49.18
O4 NAG F . -17.13 -17.93 -51.10
O5 NAG F . -19.09 -18.14 -48.01
O6 NAG F . -20.30 -19.47 -50.86
O7 NAG F . -15.66 -16.06 -45.42
C1 NAG F . -16.26 -18.99 -51.52
C2 NAG F . -16.37 -19.12 -53.04
C3 NAG F . -15.43 -20.21 -53.55
C4 NAG F . -14.01 -19.94 -53.08
C5 NAG F . -13.98 -19.76 -51.56
C6 NAG F . -12.62 -19.36 -51.05
C7 NAG F . -18.45 -18.58 -54.24
C8 NAG F . -19.84 -19.02 -54.56
N2 NAG F . -17.74 -19.40 -53.45
O3 NAG F . -15.48 -20.25 -54.97
O4 NAG F . -13.17 -21.04 -53.44
O5 NAG F . -14.89 -18.73 -51.17
O6 NAG F . -12.17 -18.16 -51.66
O7 NAG F . -17.98 -17.53 -54.68
C1 NAG G . -50.10 -6.32 -19.17
C2 NAG G . -50.17 -7.39 -18.09
C3 NAG G . -51.52 -8.11 -18.16
C4 NAG G . -52.66 -7.11 -18.12
C5 NAG G . -52.48 -6.04 -19.18
C6 NAG G . -53.51 -4.94 -19.11
C7 NAG G . -47.85 -8.08 -17.77
C8 NAG G . -46.84 -9.17 -17.98
N2 NAG G . -49.08 -8.34 -18.21
O3 NAG G . -51.62 -9.02 -17.07
O4 NAG G . -53.90 -7.78 -18.34
O5 NAG G . -51.19 -5.42 -19.03
O6 NAG G . -52.94 -3.72 -18.67
O7 NAG G . -47.54 -7.03 -17.24
C1 NAG G . -54.63 -7.87 -17.10
C2 NAG G . -56.08 -8.25 -17.43
C3 NAG G . -56.88 -8.45 -16.15
C4 NAG G . -56.18 -9.43 -15.22
C5 NAG G . -54.74 -8.98 -14.98
C6 NAG G . -53.96 -9.97 -14.15
C7 NAG G . -56.89 -5.97 -17.96
C8 NAG G . -57.56 -5.11 -18.98
N2 NAG G . -56.71 -7.25 -18.29
O3 NAG G . -58.19 -8.94 -16.48
O4 NAG G . -56.86 -9.50 -13.98
O5 NAG G . -54.06 -8.85 -16.23
O6 NAG G . -54.67 -11.18 -13.95
O7 NAG G . -56.52 -5.52 -16.87
C1 NAG H . -48.39 -38.16 -42.48
C2 NAG H . -49.24 -39.26 -43.09
C3 NAG H . -50.37 -38.64 -43.89
C4 NAG H . -51.14 -37.59 -43.07
C5 NAG H . -50.19 -36.65 -42.33
C6 NAG H . -50.89 -35.78 -41.31
C7 NAG H . -48.74 -41.43 -44.12
C8 NAG H . -47.80 -42.19 -45.01
N2 NAG H . -48.44 -40.14 -43.92
O3 NAG H . -51.27 -39.66 -44.32
O4 NAG H . -51.88 -36.76 -43.98
O5 NAG H . -49.18 -37.38 -41.61
O6 NAG H . -50.03 -35.46 -40.23
O7 NAG H . -49.71 -41.95 -43.59
C1 NAG H . -53.22 -37.18 -44.20
C2 NAG H . -54.01 -35.93 -44.59
C3 NAG H . -55.44 -36.28 -44.98
C4 NAG H . -55.43 -37.31 -46.09
C5 NAG H . -54.65 -38.54 -45.62
C6 NAG H . -54.53 -39.60 -46.68
C7 NAG H . -53.92 -33.63 -43.74
C8 NAG H . -53.92 -32.76 -42.52
N2 NAG H . -53.99 -34.94 -43.52
O3 NAG H . -56.12 -35.10 -45.40
O4 NAG H . -56.75 -37.67 -46.48
O5 NAG H . -53.33 -38.16 -45.26
O6 NAG H . -53.52 -39.27 -47.63
O7 NAG H . -53.86 -33.16 -44.88
C1 NAG H . -57.00 -37.01 -47.75
C2 NAG H . -58.22 -37.62 -48.42
C3 NAG H . -58.53 -36.90 -49.73
C4 NAG H . -58.64 -35.41 -49.50
C5 NAG H . -57.40 -34.88 -48.78
C6 NAG H . -57.50 -33.41 -48.41
C7 NAG H . -59.03 -39.93 -48.65
C8 NAG H . -58.66 -41.36 -48.90
N2 NAG H . -58.03 -39.05 -48.65
O3 NAG H . -59.74 -37.40 -50.27
O4 NAG H . -58.78 -34.74 -50.74
O5 NAG H . -57.21 -35.60 -47.56
O6 NAG H . -57.05 -33.19 -47.09
O7 NAG H . -60.21 -39.59 -48.45
C1 NAG I . -20.27 39.37 -14.23
C2 NAG I . -21.48 39.63 -15.13
C3 NAG I . -21.74 41.13 -15.23
C4 NAG I . -21.81 41.77 -13.86
C5 NAG I . -20.62 41.36 -13.00
C6 NAG I . -20.75 41.83 -11.56
C7 NAG I . -22.28 38.59 -17.21
C8 NAG I . -21.90 38.04 -18.55
N2 NAG I . -21.28 39.06 -16.45
O3 NAG I . -22.94 41.35 -15.95
O4 NAG I . -21.79 43.19 -14.00
O5 NAG I . -20.50 39.94 -12.95
O6 NAG I . -21.83 41.18 -10.91
O7 NAG I . -23.45 38.61 -16.82
C1 NAG I . -23.04 43.78 -13.61
C2 NAG I . -22.75 45.11 -12.91
C3 NAG I . -24.05 45.80 -12.54
C4 NAG I . -24.94 45.97 -13.76
C5 NAG I . -25.15 44.61 -14.44
C6 NAG I . -25.91 44.72 -15.75
C7 NAG I . -20.73 45.50 -11.58
C8 NAG I . -20.01 45.19 -10.31
N2 NAG I . -21.92 44.91 -11.74
O3 NAG I . -23.77 47.07 -11.96
O4 NAG I . -26.20 46.51 -13.39
O5 NAG I . -23.89 44.02 -14.75
O6 NAG I . -25.48 45.85 -16.50
O7 NAG I . -20.26 46.26 -12.42
C1 BMA I . -26.26 47.88 -13.87
C2 BMA I . -27.75 48.29 -13.92
C3 BMA I . -27.87 49.78 -14.27
C4 BMA I . -26.96 50.64 -13.38
C5 BMA I . -25.51 50.12 -13.45
C6 BMA I . -24.55 50.88 -12.57
O2 BMA I . -28.36 48.12 -12.65
O3 BMA I . -29.21 50.24 -14.17
O4 BMA I . -26.98 51.99 -13.82
O5 BMA I . -25.52 48.75 -13.02
O6 BMA I . -23.27 50.30 -12.68
C1 NAG J . -8.29 36.17 -23.17
C2 NAG J . -8.19 35.58 -21.78
C3 NAG J . -8.08 36.69 -20.74
C4 NAG J . -6.94 37.65 -21.10
C5 NAG J . -7.05 38.11 -22.55
C6 NAG J . -5.85 38.91 -23.00
C7 NAG J . -9.26 33.62 -20.74
C8 NAG J . -10.55 32.88 -20.54
N2 NAG J . -9.33 34.74 -21.49
O3 NAG J . -7.85 36.14 -19.46
O4 NAG J . -7.00 38.79 -20.26
O5 NAG J . -7.15 36.98 -23.43
O6 NAG J . -5.38 38.46 -24.27
O7 NAG J . -8.20 33.24 -20.27
C1 NAG J . -5.95 38.80 -19.29
C2 NAG J . -5.85 40.20 -18.70
C3 NAG J . -4.79 40.24 -17.60
C4 NAG J . -5.02 39.14 -16.57
C5 NAG J . -5.16 37.79 -17.27
C6 NAG J . -5.52 36.67 -16.31
C7 NAG J . -6.50 41.93 -20.32
C8 NAG J . -6.01 42.88 -21.36
N2 NAG J . -5.56 41.17 -19.74
O3 NAG J . -4.80 41.52 -16.97
O4 NAG J . -3.92 39.09 -15.68
O5 NAG J . -6.21 37.85 -18.25
O6 NAG J . -5.48 35.41 -16.96
O7 NAG J . -7.68 41.84 -20.01
C1 BMA J . -4.33 39.46 -14.34
C2 BMA J . -3.27 38.86 -13.37
C3 BMA J . -3.49 39.38 -11.95
C4 BMA J . -3.66 40.91 -11.94
C5 BMA J . -4.81 41.29 -12.88
C6 BMA J . -5.07 42.79 -12.91
O2 BMA J . -1.96 39.23 -13.76
O3 BMA J . -2.41 39.02 -11.09
O4 BMA J . -3.97 41.35 -10.62
O5 BMA J . -4.44 40.86 -14.20
O6 BMA J . -6.42 42.99 -13.30
CA CA K . 13.93 5.96 18.16
CAA BBI L . 15.99 17.20 37.80
CAB BBI L . 16.58 16.35 36.65
CAC BBI L . 16.98 17.20 35.40
CAD BBI L . 17.79 16.48 34.27
CAE BBI L . 18.35 17.19 33.02
OAF BBI L . 18.22 18.56 32.90
CAG BBI L . 18.79 18.97 31.70
CAH BBI L . 18.88 20.28 31.18
CAI BBI L . 19.51 20.46 29.95
CAJ BBI L . 20.03 19.37 29.26
CAK BBI L . 19.94 18.08 29.79
CAL BBI L . 19.31 17.85 31.03
CAM BBI L . 19.02 16.70 31.90
CAN BBI L . 19.41 15.27 31.54
OAO BBI L . 19.66 14.60 32.51
CAP BBI L . 19.54 14.57 30.18
CBE BBI L . 18.79 14.95 29.06
CBC BBI L . 18.91 14.32 27.83
IBD BBI L . 17.74 15.03 26.38
CAQ BBI L . 20.43 13.51 29.92
CAR BBI L . 20.51 12.92 28.66
IAS BBI L . 21.81 11.42 28.46
CAT BBI L . 19.77 13.27 27.52
OAU BBI L . 19.90 12.63 26.29
CAV BBI L . 18.89 11.64 25.91
CAW BBI L . 18.87 11.15 24.38
NAX BBI L . 20.22 10.65 23.89
CBA BBI L . 20.08 9.66 22.75
CBB BBI L . 19.10 8.53 23.08
CAY BBI L . 21.10 11.76 23.37
CAZ BBI L . 22.54 11.67 23.92
C02 WFR M . 23.29 6.76 24.28
C03 WFR M . 23.14 6.56 22.61
C04 WFR M . 24.50 6.98 22.11
C05 WFR M . 25.42 6.35 23.36
C07 WFR M . 22.22 5.90 25.06
C09 WFR M . 24.56 8.56 22.02
C10 WFR M . 24.73 6.21 20.76
C11 WFR M . 27.28 4.74 22.40
C13 WFR M . 26.93 2.16 22.51
C14 WFR M . 25.58 2.47 23.18
C15 WFR M . 25.13 3.78 23.43
C23 WFR M . 19.86 8.04 29.10
C24 WFR M . 19.18 6.57 29.09
C25 WFR M . 18.92 8.99 28.28
C28 WFR M . 18.76 4.81 27.44
C29 WFR M . 17.89 5.84 26.61
C30 WFR M . 19.53 3.85 26.46
C31 WFR M . 24.64 8.43 27.04
C32 WFR M . 24.82 7.14 27.82
C33 WFR M . 26.18 6.64 28.19
C34 WFR M . 27.39 7.40 27.80
C35 WFR M . 27.26 8.66 27.04
C36 WFR M . 25.90 9.18 26.65
C37 WFR M . 24.61 9.77 21.95
N06 WFR M . 25.92 4.94 23.07
N12 WFR M . 27.74 3.37 22.14
N22 WFR M . 21.32 8.09 28.58
O01 WFR M . 24.61 6.35 24.60
O08 WFR M . 22.21 7.45 22.02
O16 WFR M . 27.34 1.02 22.27
O17 WFR M . 27.98 5.72 22.08
O18 WFR M . 22.10 6.27 26.45
O20 WFR M . 23.33 8.92 26.66
O21 WFR M . 20.84 8.56 25.99
O26 WFR M . 18.21 6.38 29.79
O27 WFR M . 19.69 5.52 28.31
P19 WFR M . 21.84 7.99 26.92
CA CA N . 19.42 7.70 -18.52
C1 NAG O . 4.62 -10.44 -23.72
C2 NAG O . 5.31 -9.76 -24.90
C3 NAG O . 4.59 -8.48 -25.29
C4 NAG O . 3.11 -8.77 -25.53
C5 NAG O . 2.51 -9.49 -24.32
C6 NAG O . 1.08 -9.91 -24.55
C7 NAG O . 7.68 -10.41 -24.68
C8 NAG O . 9.06 -9.94 -24.33
N2 NAG O . 6.71 -9.49 -24.59
O3 NAG O . 5.18 -7.93 -26.46
O4 NAG O . 2.41 -7.54 -25.74
O5 NAG O . 3.25 -10.67 -24.04
O6 NAG O . 0.16 -8.99 -23.97
O7 NAG O . 7.44 -11.56 -25.03
C1 NAG P . -11.32 -33.50 -46.60
C2 NAG P . -11.12 -34.35 -47.86
C3 NAG P . -9.66 -34.33 -48.28
C4 NAG P . -9.17 -32.90 -48.45
C5 NAG P . -9.44 -32.10 -47.18
C6 NAG P . -9.09 -30.64 -47.32
C7 NAG P . -12.64 -36.24 -48.25
C8 NAG P . -12.96 -37.67 -47.91
N2 NAG P . -11.57 -35.72 -47.65
O3 NAG P . -9.50 -35.04 -49.51
O4 NAG P . -7.78 -32.87 -48.74
O5 NAG P . -10.83 -32.17 -46.84
O6 NAG P . -9.75 -30.05 -48.44
O7 NAG P . -13.34 -35.58 -49.02
C1 NAG Q . -34.83 23.11 -40.24
C2 NAG Q . -35.97 22.09 -40.11
C3 NAG Q . -37.19 22.58 -40.88
C4 NAG Q . -37.58 23.99 -40.44
C5 NAG Q . -36.39 24.92 -40.57
C6 NAG Q . -36.66 26.31 -40.05
C7 NAG Q . -35.25 19.78 -39.77
C8 NAG Q . -34.85 18.49 -40.41
N2 NAG Q . -35.56 20.79 -40.58
O3 NAG Q . -38.28 21.69 -40.66
O4 NAG Q . -38.65 24.48 -41.25
O5 NAG Q . -35.29 24.41 -39.81
O6 NAG Q . -36.02 26.54 -38.80
O7 NAG Q . -35.29 19.90 -38.54
C1 NAG R . -31.97 -13.12 -58.64
C2 NAG R . -33.11 -14.14 -58.68
C3 NAG R . -32.87 -15.15 -59.78
C4 NAG R . -32.65 -14.45 -61.11
C5 NAG R . -31.53 -13.43 -60.99
C6 NAG R . -31.34 -12.60 -62.24
C7 NAG R . -34.33 -14.68 -56.62
C8 NAG R . -34.30 -15.44 -55.32
N2 NAG R . -33.24 -14.80 -57.39
O3 NAG R . -34.00 -16.03 -59.87
O4 NAG R . -32.31 -15.41 -62.12
O5 NAG R . -31.84 -12.50 -59.93
O6 NAG R . -32.53 -11.92 -62.60
O7 NAG R . -35.30 -14.00 -56.95
C1 NAG S . -28.63 -28.19 -21.57
C2 NAG S . -28.79 -28.33 -20.06
C3 NAG S . -28.17 -29.65 -19.59
C4 NAG S . -28.75 -30.82 -20.37
C5 NAG S . -28.60 -30.56 -21.87
C6 NAG S . -29.26 -31.64 -22.72
C7 NAG S . -28.86 -26.13 -18.98
C8 NAG S . -28.08 -25.06 -18.28
N2 NAG S . -28.18 -27.21 -19.37
O3 NAG S . -28.43 -29.82 -18.20
O4 NAG S . -28.07 -32.02 -20.03
O5 NAG S . -29.22 -29.32 -22.23
O6 NAG S . -28.31 -32.32 -23.52
O7 NAG S . -30.07 -26.01 -19.19
C1 NAG T . -7.59 -49.97 -36.33
C2 NAG T . -8.24 -51.07 -35.47
C3 NAG T . -7.59 -51.10 -34.08
C4 NAG T . -6.08 -51.25 -34.19
C5 NAG T . -5.52 -50.15 -35.08
C6 NAG T . -4.03 -50.28 -35.33
C7 NAG T . -10.54 -51.80 -35.00
C8 NAG T . -11.98 -51.39 -34.93
N2 NAG T . -9.68 -50.85 -35.35
O3 NAG T . -8.13 -52.19 -33.33
O4 NAG T . -5.49 -51.19 -32.90
O5 NAG T . -6.16 -50.18 -36.36
O6 NAG T . -3.73 -51.52 -35.97
O7 NAG T . -10.19 -52.95 -34.77
C1 NAG U . -22.05 -30.71 -56.97
C2 NAG U . -21.24 -29.82 -57.91
C3 NAG U . -20.75 -30.63 -59.11
C4 NAG U . -19.98 -31.86 -58.63
C5 NAG U . -20.85 -32.67 -57.67
C6 NAG U . -20.11 -33.85 -57.07
C7 NAG U . -21.61 -27.42 -58.34
C8 NAG U . -20.23 -27.21 -57.80
N2 NAG U . -22.04 -28.70 -58.36
O3 NAG U . -19.91 -29.81 -59.91
O4 NAG U . -19.63 -32.67 -59.75
O5 NAG U . -21.25 -31.84 -56.58
O6 NAG U . -20.02 -33.74 -55.66
O7 NAG U . -22.31 -26.49 -58.72
#